data_2KLY
#
_entry.id   2KLY
#
_cell.length_a   1.000
_cell.length_b   1.000
_cell.length_c   1.000
_cell.angle_alpha   90.00
_cell.angle_beta   90.00
_cell.angle_gamma   90.00
#
_symmetry.space_group_name_H-M   'P 1'
#
_entity_poly.entity_id   1
_entity_poly.type   'polypeptide(L)'
_entity_poly.pdbx_seq_one_letter_code
;GHMAGTALKRLMAEYKQLTLNPPEGIVAGPMNEENFFEWEALIMGPEDTCFEFGVFPAILSFPLDYPLSPPKMRFTCEMF
HPNIYPDGRVCISILHAPGDDPMGYESSAERWSPVQSVEKILLSVVSMLAEPNDESGANVDASKMWRDDREQFYKIAKQI
VQKSLGL
;
_entity_poly.pdbx_strand_id   A
#
# COMPACT_ATOMS: atom_id res chain seq x y z
N MET A 3 -14.46 16.93 9.79
CA MET A 3 -14.62 16.39 8.41
C MET A 3 -13.44 16.77 7.53
N ALA A 4 -13.24 18.06 7.34
CA ALA A 4 -12.19 18.55 6.47
C ALA A 4 -11.25 19.48 7.22
N GLY A 5 -10.38 20.17 6.49
CA GLY A 5 -9.50 21.14 7.09
C GLY A 5 -8.27 20.51 7.72
N THR A 6 -8.47 19.86 8.87
CA THR A 6 -7.35 19.22 9.56
C THR A 6 -6.84 18.02 8.75
N ALA A 7 -7.72 17.47 7.91
CA ALA A 7 -7.33 16.42 6.98
C ALA A 7 -6.48 17.02 5.87
N LEU A 8 -6.99 18.07 5.26
CA LEU A 8 -6.30 18.77 4.19
C LEU A 8 -4.92 19.24 4.64
N LYS A 9 -4.87 19.91 5.79
CA LYS A 9 -3.61 20.40 6.34
C LYS A 9 -2.64 19.25 6.61
N ARG A 10 -3.17 18.12 7.06
CA ARG A 10 -2.34 16.93 7.30
C ARG A 10 -1.71 16.48 5.99
N LEU A 11 -2.51 16.46 4.94
CA LEU A 11 -2.03 16.04 3.62
C LEU A 11 -1.14 17.09 2.99
N MET A 12 -1.25 18.34 3.43
CA MET A 12 -0.35 19.39 2.98
C MET A 12 1.01 19.20 3.61
N ALA A 13 1.00 18.80 4.88
CA ALA A 13 2.23 18.45 5.58
C ALA A 13 2.87 17.25 4.92
N GLU A 14 2.07 16.24 4.60
CA GLU A 14 2.54 15.07 3.88
C GLU A 14 3.15 15.51 2.55
N TYR A 15 2.42 16.39 1.86
CA TYR A 15 2.86 16.94 0.58
C TYR A 15 4.25 17.53 0.68
N LYS A 16 4.34 18.59 1.46
CA LYS A 16 5.60 19.34 1.65
C LYS A 16 6.80 18.44 1.93
N GLN A 17 6.69 17.54 2.91
CA GLN A 17 7.85 16.72 3.29
C GLN A 17 8.17 15.70 2.20
N LEU A 18 7.15 15.21 1.52
CA LEU A 18 7.34 14.33 0.38
C LEU A 18 8.05 15.06 -0.75
N THR A 19 7.74 16.35 -0.90
CA THR A 19 8.38 17.18 -1.91
C THR A 19 9.82 17.49 -1.51
N LEU A 20 10.01 17.90 -0.26
CA LEU A 20 11.31 18.29 0.24
C LEU A 20 12.23 17.08 0.40
N ASN A 21 11.71 16.03 1.01
CA ASN A 21 12.50 14.85 1.35
C ASN A 21 11.84 13.63 0.73
N PRO A 22 12.05 13.40 -0.58
CA PRO A 22 11.41 12.30 -1.30
C PRO A 22 11.98 10.94 -0.92
N PRO A 23 11.17 10.08 -0.31
CA PRO A 23 11.58 8.72 0.03
C PRO A 23 11.83 7.89 -1.23
N GLU A 24 12.72 6.94 -1.10
CA GLU A 24 13.08 6.06 -2.21
C GLU A 24 11.95 5.07 -2.46
N GLY A 25 11.75 4.71 -3.72
CA GLY A 25 10.72 3.74 -4.05
C GLY A 25 9.31 4.31 -4.10
N ILE A 26 9.08 5.52 -3.59
CA ILE A 26 7.72 6.05 -3.52
C ILE A 26 7.62 7.35 -4.28
N VAL A 27 6.68 7.39 -5.20
CA VAL A 27 6.38 8.58 -5.96
C VAL A 27 4.88 8.87 -5.85
N ALA A 28 4.48 9.96 -5.23
CA ALA A 28 3.05 10.19 -5.02
C ALA A 28 2.71 11.67 -5.04
N GLY A 29 1.55 12.00 -5.60
CA GLY A 29 1.06 13.36 -5.55
C GLY A 29 -0.46 13.38 -5.67
N PRO A 30 -1.12 14.47 -5.22
CA PRO A 30 -2.59 14.55 -5.23
C PRO A 30 -3.16 14.70 -6.63
N MET A 31 -4.36 14.18 -6.83
CA MET A 31 -5.07 14.31 -8.10
C MET A 31 -5.81 15.65 -8.13
N ASN A 32 -5.13 16.65 -8.67
CA ASN A 32 -5.61 18.04 -8.70
C ASN A 32 -5.50 18.66 -7.31
N GLU A 33 -4.72 19.73 -7.22
CA GLU A 33 -4.36 20.36 -5.95
C GLU A 33 -5.57 20.96 -5.24
N GLU A 34 -6.72 20.89 -5.88
CA GLU A 34 -7.94 21.36 -5.27
C GLU A 34 -8.51 20.28 -4.36
N ASN A 35 -8.59 19.07 -4.90
CA ASN A 35 -9.10 17.94 -4.15
C ASN A 35 -7.94 17.08 -3.66
N PHE A 36 -7.44 17.40 -2.48
CA PHE A 36 -6.30 16.69 -1.90
C PHE A 36 -6.73 15.37 -1.28
N PHE A 37 -7.99 15.00 -1.44
CA PHE A 37 -8.53 13.82 -0.79
C PHE A 37 -8.35 12.57 -1.67
N GLU A 38 -7.51 12.69 -2.68
CA GLU A 38 -7.09 11.53 -3.46
C GLU A 38 -5.73 11.79 -4.07
N TRP A 39 -4.83 10.83 -3.94
CA TRP A 39 -3.47 10.95 -4.42
C TRP A 39 -3.19 9.77 -5.33
N GLU A 40 -2.21 9.90 -6.21
CA GLU A 40 -1.79 8.80 -7.03
C GLU A 40 -0.35 8.48 -6.70
N ALA A 41 0.02 7.22 -6.69
CA ALA A 41 1.34 6.83 -6.28
C ALA A 41 1.92 5.77 -7.19
N LEU A 42 3.23 5.79 -7.31
CA LEU A 42 3.98 4.82 -8.05
C LEU A 42 4.81 4.03 -7.07
N ILE A 43 4.57 2.74 -6.96
CA ILE A 43 5.30 1.93 -6.01
C ILE A 43 6.43 1.25 -6.73
N MET A 44 7.62 1.82 -6.58
CA MET A 44 8.80 1.26 -7.19
C MET A 44 9.23 0.05 -6.40
N GLY A 45 9.15 -1.09 -7.06
CA GLY A 45 9.41 -2.36 -6.40
C GLY A 45 10.77 -2.43 -5.74
N PRO A 46 10.82 -2.96 -4.51
CA PRO A 46 12.08 -3.14 -3.78
C PRO A 46 13.12 -3.86 -4.61
N GLU A 47 14.33 -3.33 -4.64
CA GLU A 47 15.41 -4.01 -5.32
C GLU A 47 15.75 -5.29 -4.57
N ASP A 48 16.26 -6.26 -5.30
CA ASP A 48 16.69 -7.55 -4.76
C ASP A 48 15.49 -8.40 -4.36
N THR A 49 14.34 -8.07 -4.93
CA THR A 49 13.11 -8.79 -4.64
C THR A 49 12.40 -9.16 -5.93
N CYS A 50 11.32 -9.90 -5.81
CA CYS A 50 10.57 -10.34 -6.97
C CYS A 50 9.64 -9.24 -7.49
N PHE A 51 9.74 -8.05 -6.91
CA PHE A 51 8.92 -6.92 -7.33
C PHE A 51 9.78 -5.76 -7.85
N GLU A 52 11.11 -5.92 -7.80
CA GLU A 52 12.08 -4.86 -8.15
C GLU A 52 11.65 -3.96 -9.31
N PHE A 53 12.09 -4.30 -10.50
CA PHE A 53 11.68 -3.63 -11.75
C PHE A 53 10.22 -3.18 -11.83
N GLY A 54 9.34 -3.71 -11.00
CA GLY A 54 7.93 -3.35 -11.10
C GLY A 54 7.68 -1.91 -10.69
N VAL A 55 6.80 -1.26 -11.41
CA VAL A 55 6.35 0.08 -11.08
C VAL A 55 4.84 0.05 -10.92
N PHE A 56 4.38 -0.09 -9.69
CA PHE A 56 2.98 -0.37 -9.44
C PHE A 56 2.22 0.90 -9.08
N PRO A 57 1.39 1.40 -10.00
CA PRO A 57 0.59 2.59 -9.76
C PRO A 57 -0.62 2.31 -8.89
N ALA A 58 -0.91 3.23 -7.99
CA ALA A 58 -2.03 3.09 -7.09
C ALA A 58 -2.67 4.43 -6.78
N ILE A 59 -3.87 4.37 -6.24
CA ILE A 59 -4.59 5.58 -5.87
C ILE A 59 -4.99 5.51 -4.40
N LEU A 60 -4.74 6.60 -3.69
CA LEU A 60 -5.06 6.68 -2.28
C LEU A 60 -6.24 7.63 -2.07
N SER A 61 -7.30 7.11 -1.49
CA SER A 61 -8.49 7.88 -1.26
C SER A 61 -8.58 8.27 0.21
N PHE A 62 -8.58 9.56 0.49
CA PHE A 62 -8.57 10.05 1.85
C PHE A 62 -9.97 10.43 2.29
N PRO A 63 -10.38 9.96 3.48
CA PRO A 63 -11.72 10.19 4.00
C PRO A 63 -11.86 11.54 4.69
N LEU A 64 -13.10 11.99 4.86
CA LEU A 64 -13.38 13.19 5.64
C LEU A 64 -13.27 12.88 7.14
N ASP A 65 -12.39 11.95 7.47
CA ASP A 65 -12.16 11.57 8.85
C ASP A 65 -10.66 11.56 9.14
N TYR A 66 -9.86 11.85 8.12
CA TYR A 66 -8.41 11.96 8.29
C TYR A 66 -8.10 13.14 9.22
N PRO A 67 -7.05 13.04 10.05
CA PRO A 67 -6.14 11.89 10.13
C PRO A 67 -6.54 10.91 11.25
N LEU A 68 -7.78 11.03 11.68
CA LEU A 68 -8.34 10.18 12.73
C LEU A 68 -8.50 8.74 12.24
N SER A 69 -8.95 8.63 11.02
CA SER A 69 -9.31 7.36 10.44
C SER A 69 -8.38 6.99 9.28
N PRO A 70 -8.14 5.68 9.07
CA PRO A 70 -7.27 5.18 8.00
C PRO A 70 -7.82 5.45 6.62
N PRO A 71 -6.94 5.85 5.68
CA PRO A 71 -7.31 6.12 4.30
C PRO A 71 -7.55 4.85 3.50
N LYS A 72 -8.03 5.01 2.29
CA LYS A 72 -8.29 3.91 1.40
C LYS A 72 -7.19 3.88 0.34
N MET A 73 -6.88 2.69 -0.16
CA MET A 73 -5.79 2.55 -1.13
C MET A 73 -6.03 1.36 -2.04
N ARG A 74 -5.82 1.56 -3.33
CA ARG A 74 -5.97 0.49 -4.31
C ARG A 74 -4.92 0.63 -5.41
N PHE A 75 -4.45 -0.50 -5.91
CA PHE A 75 -3.52 -0.53 -7.02
C PHE A 75 -4.32 -0.60 -8.30
N THR A 76 -3.96 0.23 -9.28
CA THR A 76 -4.79 0.40 -10.45
C THR A 76 -4.51 -0.64 -11.52
N CYS A 77 -3.25 -1.00 -11.72
CA CYS A 77 -2.92 -2.11 -12.59
C CYS A 77 -2.84 -3.41 -11.79
N GLU A 78 -3.85 -3.62 -10.94
CA GLU A 78 -3.95 -4.76 -10.01
C GLU A 78 -2.61 -5.18 -9.38
N MET A 79 -2.59 -6.38 -8.81
CA MET A 79 -1.41 -6.95 -8.17
C MET A 79 -1.74 -8.35 -7.65
N PHE A 80 -0.77 -9.02 -7.07
CA PHE A 80 -0.97 -10.35 -6.53
C PHE A 80 -0.09 -10.55 -5.29
N HIS A 81 -0.71 -10.39 -4.14
CA HIS A 81 -0.03 -10.52 -2.86
C HIS A 81 -1.06 -10.79 -1.76
N PRO A 82 -0.75 -11.74 -0.86
CA PRO A 82 -1.68 -12.23 0.18
C PRO A 82 -2.21 -11.13 1.09
N ASN A 83 -1.39 -10.12 1.39
CA ASN A 83 -1.84 -9.02 2.25
C ASN A 83 -2.53 -7.94 1.42
N ILE A 84 -3.06 -8.34 0.28
CA ILE A 84 -3.81 -7.46 -0.60
C ILE A 84 -5.02 -8.21 -1.16
N TYR A 85 -6.14 -7.52 -1.27
CA TYR A 85 -7.35 -8.12 -1.82
C TYR A 85 -7.14 -8.49 -3.29
N PRO A 86 -7.83 -9.54 -3.75
CA PRO A 86 -7.73 -10.01 -5.14
C PRO A 86 -8.35 -9.01 -6.07
N ASP A 87 -9.21 -8.18 -5.50
CA ASP A 87 -9.84 -7.08 -6.22
C ASP A 87 -8.89 -5.90 -6.39
N GLY A 88 -7.63 -6.07 -5.96
CA GLY A 88 -6.65 -5.01 -6.11
C GLY A 88 -6.53 -4.11 -4.89
N ARG A 89 -7.63 -3.91 -4.17
CA ARG A 89 -7.64 -3.07 -2.98
C ARG A 89 -6.59 -3.51 -1.97
N VAL A 90 -5.96 -2.53 -1.33
CA VAL A 90 -4.87 -2.78 -0.40
C VAL A 90 -5.40 -3.09 1.00
N CYS A 91 -5.13 -4.31 1.45
CA CYS A 91 -5.59 -4.77 2.76
C CYS A 91 -4.39 -5.04 3.66
N ILE A 92 -3.70 -3.97 4.08
CA ILE A 92 -2.47 -4.16 4.84
C ILE A 92 -2.71 -3.89 6.31
N SER A 93 -1.87 -4.50 7.11
CA SER A 93 -2.03 -4.56 8.55
C SER A 93 -1.94 -3.18 9.20
N ILE A 94 -1.15 -2.30 8.62
CA ILE A 94 -0.91 -0.99 9.22
C ILE A 94 -1.95 0.04 8.76
N LEU A 95 -2.56 -0.20 7.58
CA LEU A 95 -3.66 0.63 7.11
C LEU A 95 -4.99 0.10 7.64
N HIS A 96 -4.91 -0.80 8.60
CA HIS A 96 -6.11 -1.35 9.19
C HIS A 96 -6.37 -0.75 10.56
N ALA A 97 -7.63 -0.74 10.93
CA ALA A 97 -8.08 -0.12 12.17
C ALA A 97 -7.98 -1.11 13.32
N PRO A 98 -7.61 -0.63 14.53
CA PRO A 98 -7.57 -1.46 15.73
C PRO A 98 -8.97 -1.98 16.07
N GLY A 99 -9.18 -3.26 15.80
CA GLY A 99 -10.50 -3.83 15.95
C GLY A 99 -10.99 -4.40 14.65
N ASP A 100 -10.49 -3.85 13.54
CA ASP A 100 -10.79 -4.36 12.22
C ASP A 100 -9.77 -5.44 11.86
N ASP A 101 -9.81 -6.51 12.65
CA ASP A 101 -8.90 -7.64 12.48
C ASP A 101 -9.68 -8.93 12.57
N PRO A 102 -10.14 -9.44 11.42
CA PRO A 102 -11.04 -10.59 11.35
C PRO A 102 -10.31 -11.92 11.27
N MET A 103 -11.06 -12.94 10.85
CA MET A 103 -10.56 -14.30 10.63
C MET A 103 -10.15 -15.00 11.92
N GLY A 104 -9.06 -14.54 12.55
CA GLY A 104 -8.60 -15.24 13.74
C GLY A 104 -7.58 -14.46 14.55
N TYR A 105 -6.71 -13.70 13.89
CA TYR A 105 -5.58 -13.07 14.58
C TYR A 105 -6.04 -11.96 15.52
N GLU A 106 -5.11 -11.51 16.34
CA GLU A 106 -5.40 -10.61 17.45
C GLU A 106 -4.92 -9.19 17.16
N SER A 107 -5.49 -8.23 17.89
CA SER A 107 -5.16 -6.82 17.71
C SER A 107 -3.84 -6.47 18.42
N SER A 108 -3.08 -7.50 18.78
CA SER A 108 -1.78 -7.30 19.41
C SER A 108 -0.74 -6.90 18.35
N ALA A 109 -1.10 -7.14 17.09
CA ALA A 109 -0.25 -6.75 15.98
C ALA A 109 -0.33 -5.24 15.74
N GLU A 110 0.52 -4.74 14.87
CA GLU A 110 0.57 -3.32 14.57
C GLU A 110 -0.65 -2.91 13.75
N ARG A 111 -1.24 -1.78 14.11
CA ARG A 111 -2.46 -1.31 13.48
C ARG A 111 -2.43 0.20 13.35
N TRP A 112 -3.52 0.79 12.83
CA TRP A 112 -3.66 2.23 12.69
C TRP A 112 -3.16 2.98 13.93
N SER A 113 -2.14 3.79 13.73
CA SER A 113 -1.56 4.63 14.76
C SER A 113 -2.24 6.00 14.75
N PRO A 114 -1.68 7.03 15.44
CA PRO A 114 -2.05 8.43 15.19
C PRO A 114 -1.72 8.85 13.76
N VAL A 115 -2.40 8.17 12.82
CA VAL A 115 -2.36 8.39 11.37
C VAL A 115 -1.04 7.97 10.72
N GLN A 116 0.01 7.81 11.53
CA GLN A 116 1.34 7.53 10.98
C GLN A 116 1.72 8.69 10.06
N SER A 117 2.37 8.40 8.96
CA SER A 117 2.52 9.36 7.88
C SER A 117 2.50 8.62 6.55
N VAL A 118 2.04 9.26 5.47
CA VAL A 118 1.99 8.60 4.16
C VAL A 118 3.34 7.98 3.80
N GLU A 119 4.42 8.62 4.24
CA GLU A 119 5.76 8.12 4.02
C GLU A 119 6.00 6.84 4.81
N LYS A 120 5.49 6.79 6.03
CA LYS A 120 5.57 5.58 6.85
C LYS A 120 4.72 4.47 6.22
N ILE A 121 3.51 4.85 5.82
CA ILE A 121 2.55 3.91 5.26
C ILE A 121 3.09 3.21 4.01
N LEU A 122 3.58 3.99 3.06
CA LEU A 122 4.06 3.43 1.80
C LEU A 122 5.39 2.69 1.98
N LEU A 123 6.16 3.07 2.98
CA LEU A 123 7.37 2.32 3.32
C LEU A 123 7.01 0.96 3.90
N SER A 124 5.88 0.92 4.59
CA SER A 124 5.33 -0.34 5.08
C SER A 124 4.90 -1.19 3.89
N VAL A 125 4.37 -0.54 2.86
CA VAL A 125 4.04 -1.21 1.60
C VAL A 125 5.31 -1.80 0.97
N VAL A 126 6.40 -1.03 0.98
CA VAL A 126 7.67 -1.50 0.45
C VAL A 126 8.19 -2.70 1.25
N SER A 127 8.09 -2.61 2.57
CA SER A 127 8.49 -3.69 3.46
C SER A 127 7.69 -4.94 3.12
N MET A 128 6.42 -4.74 2.82
CA MET A 128 5.52 -5.82 2.44
C MET A 128 5.94 -6.49 1.14
N LEU A 129 6.52 -5.72 0.23
CA LEU A 129 6.84 -6.20 -1.10
C LEU A 129 8.20 -6.89 -1.15
N ALA A 130 9.13 -6.49 -0.28
CA ALA A 130 10.43 -7.16 -0.24
C ALA A 130 10.38 -8.30 0.77
N GLU A 131 9.53 -8.14 1.77
CA GLU A 131 9.29 -9.19 2.75
C GLU A 131 7.80 -9.55 2.76
N PRO A 132 7.39 -10.52 1.90
CA PRO A 132 6.00 -10.96 1.80
C PRO A 132 5.41 -11.35 3.15
N ASN A 133 4.45 -10.57 3.61
CA ASN A 133 3.74 -10.87 4.85
C ASN A 133 2.32 -11.30 4.53
N ASP A 134 1.94 -12.49 4.99
CA ASP A 134 0.62 -13.01 4.74
C ASP A 134 -0.31 -12.69 5.91
N GLU A 135 -0.38 -11.41 6.26
CA GLU A 135 -1.21 -10.95 7.36
C GLU A 135 -2.68 -11.10 6.97
N SER A 136 -3.42 -11.90 7.74
CA SER A 136 -4.82 -12.20 7.48
C SER A 136 -4.96 -13.14 6.29
N GLY A 137 -4.39 -12.72 5.17
CA GLY A 137 -4.58 -13.43 3.93
C GLY A 137 -5.81 -12.95 3.21
N ALA A 138 -5.80 -11.68 2.84
CA ALA A 138 -6.88 -11.08 2.07
C ALA A 138 -7.07 -11.83 0.76
N ASN A 139 -5.96 -12.12 0.12
CA ASN A 139 -5.95 -12.96 -1.06
C ASN A 139 -5.51 -14.36 -0.67
N VAL A 140 -6.48 -15.23 -0.41
CA VAL A 140 -6.20 -16.57 0.08
C VAL A 140 -5.44 -17.37 -0.97
N ASP A 141 -5.73 -17.11 -2.24
CA ASP A 141 -5.06 -17.79 -3.34
C ASP A 141 -3.58 -17.39 -3.38
N ALA A 142 -3.34 -16.12 -3.09
CA ALA A 142 -1.98 -15.58 -3.08
C ALA A 142 -1.20 -16.07 -1.88
N SER A 143 -1.86 -16.20 -0.73
CA SER A 143 -1.20 -16.68 0.47
C SER A 143 -0.96 -18.18 0.36
N LYS A 144 -1.90 -18.86 -0.27
CA LYS A 144 -1.79 -20.30 -0.49
C LYS A 144 -0.52 -20.58 -1.30
N MET A 145 -0.43 -19.99 -2.48
CA MET A 145 0.71 -20.21 -3.36
C MET A 145 2.00 -19.57 -2.82
N TRP A 146 1.90 -18.69 -1.84
CA TRP A 146 3.10 -18.14 -1.21
C TRP A 146 3.64 -19.14 -0.18
N ARG A 147 2.72 -19.77 0.55
CA ARG A 147 3.08 -20.72 1.58
C ARG A 147 3.45 -22.07 0.96
N ASP A 148 2.73 -22.45 -0.10
CA ASP A 148 2.90 -23.76 -0.71
C ASP A 148 4.14 -23.80 -1.61
N ASP A 149 4.12 -23.07 -2.70
CA ASP A 149 5.24 -23.08 -3.63
C ASP A 149 5.73 -21.66 -3.91
N ARG A 150 6.74 -21.26 -3.16
CA ARG A 150 7.34 -19.93 -3.30
C ARG A 150 7.74 -19.65 -4.75
N GLU A 151 8.19 -20.68 -5.46
CA GLU A 151 8.60 -20.54 -6.86
C GLU A 151 7.45 -19.99 -7.70
N GLN A 152 6.26 -20.50 -7.42
CA GLN A 152 5.06 -20.08 -8.14
C GLN A 152 4.74 -18.61 -7.83
N PHE A 153 4.84 -18.25 -6.56
CA PHE A 153 4.59 -16.87 -6.17
C PHE A 153 5.60 -15.94 -6.83
N TYR A 154 6.87 -16.33 -6.76
CA TYR A 154 7.96 -15.56 -7.34
C TYR A 154 7.70 -15.23 -8.82
N LYS A 155 7.30 -16.22 -9.59
CA LYS A 155 7.10 -16.01 -11.03
C LYS A 155 5.87 -15.15 -11.29
N ILE A 156 4.84 -15.33 -10.50
CA ILE A 156 3.65 -14.50 -10.58
C ILE A 156 4.02 -13.04 -10.27
N ALA A 157 4.89 -12.87 -9.29
CA ALA A 157 5.36 -11.55 -8.91
C ALA A 157 6.08 -10.88 -10.07
N LYS A 158 6.95 -11.64 -10.75
CA LYS A 158 7.70 -11.10 -11.88
C LYS A 158 6.76 -10.76 -13.04
N GLN A 159 5.70 -11.55 -13.18
CA GLN A 159 4.76 -11.35 -14.27
C GLN A 159 3.93 -10.10 -14.03
N ILE A 160 3.57 -9.85 -12.78
CA ILE A 160 2.91 -8.61 -12.41
C ILE A 160 3.85 -7.44 -12.66
N VAL A 161 5.14 -7.66 -12.41
CA VAL A 161 6.17 -6.67 -12.65
C VAL A 161 6.18 -6.22 -14.11
N GLN A 162 6.24 -7.17 -15.02
CA GLN A 162 6.30 -6.86 -16.45
C GLN A 162 4.97 -6.29 -16.94
N LYS A 163 3.87 -6.76 -16.39
CA LYS A 163 2.56 -6.24 -16.75
C LYS A 163 2.38 -4.81 -16.28
N SER A 164 2.97 -4.50 -15.13
CA SER A 164 2.99 -3.13 -14.63
C SER A 164 3.79 -2.22 -15.56
N LEU A 165 4.79 -2.80 -16.24
CA LEU A 165 5.52 -2.09 -17.28
C LEU A 165 4.70 -2.03 -18.56
N GLY A 166 3.90 -3.08 -18.76
CA GLY A 166 3.00 -3.13 -19.89
C GLY A 166 3.25 -4.35 -20.78
N LEU A 167 3.45 -5.50 -20.18
CA LEU A 167 3.64 -6.73 -20.94
C LEU A 167 2.68 -7.82 -20.47
N MET A 3 -15.42 17.84 9.32
CA MET A 3 -14.06 18.37 9.54
C MET A 3 -13.14 17.95 8.40
N ALA A 4 -12.95 18.86 7.45
CA ALA A 4 -12.13 18.57 6.29
C ALA A 4 -10.91 19.48 6.25
N GLY A 5 -10.99 20.62 6.92
CA GLY A 5 -9.87 21.55 6.94
C GLY A 5 -8.67 21.02 7.68
N THR A 6 -8.88 20.41 8.83
CA THR A 6 -7.78 19.79 9.58
C THR A 6 -7.27 18.57 8.83
N ALA A 7 -8.15 17.95 8.05
CA ALA A 7 -7.75 16.88 7.16
C ALA A 7 -6.81 17.41 6.10
N LEU A 8 -7.22 18.50 5.47
CA LEU A 8 -6.39 19.21 4.52
C LEU A 8 -5.05 19.58 5.16
N LYS A 9 -5.10 20.16 6.35
CA LYS A 9 -3.91 20.53 7.10
C LYS A 9 -2.99 19.35 7.36
N ARG A 10 -3.54 18.24 7.83
CA ARG A 10 -2.74 17.06 8.16
C ARG A 10 -2.12 16.48 6.89
N LEU A 11 -2.90 16.43 5.81
CA LEU A 11 -2.42 15.94 4.52
C LEU A 11 -1.41 16.90 3.90
N MET A 12 -1.51 18.18 4.22
CA MET A 12 -0.52 19.16 3.76
C MET A 12 0.82 18.88 4.41
N ALA A 13 0.79 18.54 5.69
CA ALA A 13 2.00 18.20 6.41
C ALA A 13 2.60 16.91 5.85
N GLU A 14 1.75 15.93 5.60
CA GLU A 14 2.16 14.69 4.95
C GLU A 14 2.77 14.96 3.57
N TYR A 15 2.04 15.71 2.77
CA TYR A 15 2.46 16.07 1.42
C TYR A 15 3.84 16.67 1.43
N LYS A 16 3.94 17.80 2.11
CA LYS A 16 5.18 18.53 2.19
C LYS A 16 6.33 17.67 2.74
N GLN A 17 6.05 16.78 3.68
CA GLN A 17 7.10 15.87 4.15
C GLN A 17 7.52 14.89 3.06
N LEU A 18 6.60 14.54 2.17
CA LEU A 18 6.95 13.74 1.00
C LEU A 18 7.69 14.61 -0.02
N THR A 19 7.87 15.87 0.31
CA THR A 19 8.63 16.78 -0.51
C THR A 19 10.04 16.87 0.07
N LEU A 20 10.11 17.04 1.39
CA LEU A 20 11.39 17.08 2.11
C LEU A 20 12.04 15.70 2.17
N ASN A 21 11.25 14.68 2.48
CA ASN A 21 11.79 13.36 2.77
C ASN A 21 11.56 12.42 1.60
N PRO A 22 12.64 11.91 0.99
CA PRO A 22 12.56 10.90 -0.03
C PRO A 22 12.86 9.50 0.53
N PRO A 23 11.79 8.71 0.82
CA PRO A 23 11.91 7.31 1.21
C PRO A 23 12.80 6.51 0.27
N GLU A 24 12.19 5.81 -0.66
CA GLU A 24 12.89 5.10 -1.72
C GLU A 24 11.90 4.52 -2.70
N GLY A 25 11.97 4.94 -3.96
CA GLY A 25 11.13 4.34 -4.98
C GLY A 25 9.67 4.73 -4.85
N ILE A 26 9.41 5.93 -4.33
CA ILE A 26 8.05 6.38 -4.10
C ILE A 26 7.79 7.64 -4.90
N VAL A 27 6.82 7.61 -5.80
CA VAL A 27 6.44 8.77 -6.56
C VAL A 27 4.94 8.99 -6.39
N ALA A 28 4.53 10.07 -5.75
CA ALA A 28 3.11 10.23 -5.42
C ALA A 28 2.71 11.69 -5.41
N GLY A 29 1.52 11.98 -5.91
CA GLY A 29 0.99 13.32 -5.85
C GLY A 29 -0.52 13.33 -5.91
N PRO A 30 -1.16 14.34 -5.31
CA PRO A 30 -2.63 14.47 -5.36
C PRO A 30 -3.11 14.72 -6.78
N MET A 31 -4.30 14.23 -7.08
CA MET A 31 -4.88 14.45 -8.40
C MET A 31 -5.52 15.82 -8.43
N ASN A 32 -4.73 16.81 -8.85
CA ASN A 32 -5.10 18.23 -8.83
C ASN A 32 -5.02 18.75 -7.39
N GLU A 33 -4.19 19.79 -7.20
CA GLU A 33 -3.91 20.34 -5.87
C GLU A 33 -5.14 20.99 -5.25
N GLU A 34 -6.24 20.97 -5.97
CA GLU A 34 -7.51 21.49 -5.47
C GLU A 34 -8.24 20.46 -4.64
N ASN A 35 -7.90 19.20 -4.88
CA ASN A 35 -8.54 18.09 -4.19
C ASN A 35 -7.48 17.19 -3.59
N PHE A 36 -7.10 17.49 -2.36
CA PHE A 36 -6.03 16.78 -1.69
C PHE A 36 -6.52 15.49 -1.02
N PHE A 37 -7.77 15.12 -1.25
CA PHE A 37 -8.35 13.94 -0.61
C PHE A 37 -8.20 12.70 -1.47
N GLU A 38 -7.46 12.81 -2.56
CA GLU A 38 -7.12 11.63 -3.34
C GLU A 38 -5.79 11.85 -4.06
N TRP A 39 -4.91 10.87 -3.94
CA TRP A 39 -3.57 10.98 -4.51
C TRP A 39 -3.34 9.77 -5.40
N GLU A 40 -2.45 9.90 -6.36
CA GLU A 40 -2.05 8.77 -7.18
C GLU A 40 -0.61 8.45 -6.83
N ALA A 41 -0.26 7.18 -6.71
CA ALA A 41 1.06 6.83 -6.26
C ALA A 41 1.65 5.75 -7.15
N LEU A 42 2.94 5.86 -7.39
CA LEU A 42 3.69 4.95 -8.21
C LEU A 42 4.58 4.13 -7.28
N ILE A 43 4.42 2.83 -7.27
CA ILE A 43 5.21 2.00 -6.39
C ILE A 43 6.28 1.29 -7.20
N MET A 44 7.49 1.84 -7.15
CA MET A 44 8.61 1.27 -7.86
C MET A 44 9.12 0.06 -7.10
N GLY A 45 9.11 -1.09 -7.76
CA GLY A 45 9.47 -2.35 -7.13
C GLY A 45 10.77 -2.30 -6.34
N PRO A 46 10.72 -2.71 -5.07
CA PRO A 46 11.91 -2.83 -4.20
C PRO A 46 13.04 -3.59 -4.86
N GLU A 47 14.25 -3.07 -4.78
CA GLU A 47 15.40 -3.76 -5.33
C GLU A 47 15.67 -5.06 -4.59
N ASP A 48 16.13 -6.06 -5.34
CA ASP A 48 16.55 -7.36 -4.85
C ASP A 48 15.34 -8.20 -4.47
N THR A 49 14.22 -7.91 -5.11
CA THR A 49 12.98 -8.61 -4.82
C THR A 49 12.39 -9.17 -6.11
N CYS A 50 11.35 -9.98 -5.95
CA CYS A 50 10.63 -10.54 -7.08
C CYS A 50 9.57 -9.57 -7.59
N PHE A 51 9.69 -8.30 -7.19
CA PHE A 51 8.78 -7.27 -7.65
C PHE A 51 9.55 -6.05 -8.17
N GLU A 52 10.87 -6.15 -8.23
CA GLU A 52 11.69 -5.02 -8.67
C GLU A 52 11.50 -4.75 -10.16
N PHE A 53 11.86 -3.53 -10.56
CA PHE A 53 11.77 -3.09 -11.96
C PHE A 53 10.34 -2.78 -12.37
N GLY A 54 9.39 -3.21 -11.57
CA GLY A 54 7.99 -2.91 -11.83
C GLY A 54 7.62 -1.53 -11.36
N VAL A 55 6.61 -0.95 -11.99
CA VAL A 55 6.04 0.32 -11.57
C VAL A 55 4.55 0.13 -11.34
N PHE A 56 4.17 -0.06 -10.10
CA PHE A 56 2.81 -0.44 -9.78
C PHE A 56 2.00 0.77 -9.32
N PRO A 57 1.07 1.22 -10.16
CA PRO A 57 0.26 2.40 -9.87
C PRO A 57 -0.88 2.10 -8.91
N ALA A 58 -1.12 3.02 -8.00
CA ALA A 58 -2.16 2.85 -7.00
C ALA A 58 -2.82 4.17 -6.66
N ILE A 59 -4.01 4.09 -6.09
CA ILE A 59 -4.79 5.27 -5.75
C ILE A 59 -5.06 5.28 -4.25
N LEU A 60 -4.88 6.43 -3.62
CA LEU A 60 -5.12 6.58 -2.20
C LEU A 60 -6.25 7.57 -1.97
N SER A 61 -7.31 7.12 -1.32
CA SER A 61 -8.46 7.97 -1.04
C SER A 61 -8.48 8.35 0.43
N PHE A 62 -8.56 9.64 0.70
CA PHE A 62 -8.55 10.14 2.06
C PHE A 62 -9.95 10.56 2.47
N PRO A 63 -10.34 10.25 3.71
CA PRO A 63 -11.68 10.55 4.23
C PRO A 63 -11.79 11.98 4.75
N LEU A 64 -13.01 12.49 4.83
CA LEU A 64 -13.28 13.78 5.45
C LEU A 64 -13.25 13.65 6.97
N ASP A 65 -12.34 12.82 7.45
CA ASP A 65 -12.16 12.57 8.89
C ASP A 65 -10.69 12.61 9.25
N TYR A 66 -9.83 12.67 8.24
CA TYR A 66 -8.38 12.66 8.44
C TYR A 66 -7.99 13.81 9.38
N PRO A 67 -7.12 13.58 10.39
CA PRO A 67 -6.52 12.29 10.70
C PRO A 67 -7.30 11.51 11.78
N LEU A 68 -8.21 10.67 11.29
CA LEU A 68 -9.05 9.85 12.14
C LEU A 68 -9.32 8.50 11.53
N SER A 69 -9.54 8.47 10.23
CA SER A 69 -9.84 7.22 9.56
C SER A 69 -8.74 6.92 8.55
N PRO A 70 -8.29 5.66 8.50
CA PRO A 70 -7.23 5.21 7.59
C PRO A 70 -7.66 5.35 6.13
N PRO A 71 -6.78 5.97 5.30
CA PRO A 71 -7.03 6.13 3.88
C PRO A 71 -7.11 4.80 3.15
N LYS A 72 -7.84 4.79 2.04
CA LYS A 72 -8.02 3.59 1.26
C LYS A 72 -6.99 3.56 0.15
N MET A 73 -6.61 2.37 -0.29
CA MET A 73 -5.56 2.23 -1.29
C MET A 73 -5.79 0.99 -2.13
N ARG A 74 -5.70 1.17 -3.44
CA ARG A 74 -5.84 0.05 -4.37
C ARG A 74 -4.93 0.23 -5.58
N PHE A 75 -4.48 -0.89 -6.12
CA PHE A 75 -3.68 -0.89 -7.33
C PHE A 75 -4.61 -1.00 -8.53
N THR A 76 -4.33 -0.24 -9.58
CA THR A 76 -5.23 -0.12 -10.70
C THR A 76 -5.02 -1.21 -11.74
N CYS A 77 -3.78 -1.56 -12.03
CA CYS A 77 -3.51 -2.69 -12.90
C CYS A 77 -3.53 -3.98 -12.09
N GLU A 78 -3.48 -5.11 -12.78
CA GLU A 78 -3.56 -6.40 -12.12
C GLU A 78 -2.28 -6.72 -11.37
N MET A 79 -2.39 -7.56 -10.36
CA MET A 79 -1.26 -7.91 -9.52
C MET A 79 -1.60 -9.17 -8.74
N PHE A 80 -0.62 -9.66 -7.99
CA PHE A 80 -0.83 -10.87 -7.20
C PHE A 80 0.07 -10.84 -5.98
N HIS A 81 -0.52 -10.48 -4.84
CA HIS A 81 0.21 -10.37 -3.59
C HIS A 81 -0.74 -10.65 -2.43
N PRO A 82 -0.29 -11.46 -1.45
CA PRO A 82 -1.12 -11.92 -0.33
C PRO A 82 -1.67 -10.77 0.51
N ASN A 83 -0.93 -9.68 0.61
CA ASN A 83 -1.36 -8.51 1.38
C ASN A 83 -2.34 -7.64 0.57
N ILE A 84 -2.91 -8.21 -0.48
CA ILE A 84 -3.86 -7.49 -1.32
C ILE A 84 -5.12 -8.32 -1.50
N TYR A 85 -6.28 -7.69 -1.33
CA TYR A 85 -7.56 -8.36 -1.53
C TYR A 85 -7.82 -8.60 -3.01
N PRO A 86 -8.76 -9.48 -3.36
CA PRO A 86 -9.05 -9.82 -4.76
C PRO A 86 -9.54 -8.62 -5.53
N ASP A 87 -10.13 -7.68 -4.80
CA ASP A 87 -10.65 -6.45 -5.38
C ASP A 87 -9.52 -5.48 -5.75
N GLY A 88 -8.28 -5.84 -5.44
CA GLY A 88 -7.17 -4.96 -5.72
C GLY A 88 -6.87 -4.04 -4.55
N ARG A 89 -7.84 -3.87 -3.66
CA ARG A 89 -7.66 -3.09 -2.45
C ARG A 89 -6.52 -3.66 -1.59
N VAL A 90 -5.68 -2.77 -1.09
CA VAL A 90 -4.54 -3.18 -0.29
C VAL A 90 -4.97 -3.39 1.16
N CYS A 91 -4.60 -4.52 1.71
CA CYS A 91 -4.98 -4.85 3.08
C CYS A 91 -3.76 -4.87 3.98
N ILE A 92 -3.68 -3.90 4.87
CA ILE A 92 -2.66 -3.86 5.89
C ILE A 92 -3.31 -3.30 7.14
N SER A 93 -3.02 -3.94 8.28
CA SER A 93 -3.70 -3.67 9.54
C SER A 93 -3.74 -2.18 9.90
N ILE A 94 -2.73 -1.46 9.44
CA ILE A 94 -2.65 -0.01 9.66
C ILE A 94 -3.78 0.72 8.93
N LEU A 95 -4.00 0.39 7.67
CA LEU A 95 -5.01 1.05 6.84
C LEU A 95 -6.37 0.36 6.95
N HIS A 96 -6.41 -0.75 7.68
CA HIS A 96 -7.63 -1.54 7.75
C HIS A 96 -8.56 -1.00 8.83
N ALA A 97 -8.11 -1.06 10.06
CA ALA A 97 -8.86 -0.56 11.19
C ALA A 97 -7.91 -0.19 12.31
N PRO A 98 -8.16 0.95 12.98
CA PRO A 98 -7.23 1.49 13.98
C PRO A 98 -7.28 0.81 15.33
N GLY A 99 -8.10 -0.23 15.45
CA GLY A 99 -8.17 -0.98 16.67
C GLY A 99 -9.11 -2.14 16.54
N ASP A 100 -9.02 -2.82 15.41
CA ASP A 100 -9.95 -3.92 15.10
C ASP A 100 -9.20 -5.12 14.55
N ASP A 101 -9.94 -5.99 13.87
CA ASP A 101 -9.38 -7.13 13.15
C ASP A 101 -8.71 -8.13 14.08
N PRO A 102 -9.48 -9.07 14.65
CA PRO A 102 -8.93 -10.20 15.38
C PRO A 102 -8.30 -11.21 14.41
N MET A 103 -7.18 -10.82 13.83
CA MET A 103 -6.51 -11.61 12.80
C MET A 103 -5.61 -12.66 13.42
N GLY A 104 -5.18 -12.40 14.64
CA GLY A 104 -4.29 -13.33 15.33
C GLY A 104 -2.87 -13.27 14.81
N TYR A 105 -2.63 -12.34 13.91
CA TYR A 105 -1.32 -12.19 13.28
C TYR A 105 -0.29 -11.66 14.28
N GLU A 106 0.95 -12.04 14.04
CA GLU A 106 2.06 -11.62 14.86
C GLU A 106 3.11 -10.94 13.98
N SER A 107 4.31 -10.74 14.53
CA SER A 107 5.43 -10.14 13.80
C SER A 107 5.21 -8.63 13.62
N SER A 108 4.22 -8.25 12.83
CA SER A 108 3.94 -6.85 12.58
C SER A 108 2.45 -6.66 12.29
N ALA A 109 1.80 -5.81 13.08
CA ALA A 109 0.36 -5.57 12.93
C ALA A 109 -0.07 -4.30 13.67
N GLU A 110 0.69 -3.23 13.49
CA GLU A 110 0.35 -1.96 14.11
C GLU A 110 -0.85 -1.33 13.41
N ARG A 111 -1.41 -0.29 14.02
CA ARG A 111 -2.72 0.19 13.64
C ARG A 111 -2.73 1.69 13.38
N TRP A 112 -3.76 2.16 12.68
CA TRP A 112 -3.90 3.57 12.35
C TRP A 112 -3.95 4.44 13.59
N SER A 113 -2.87 5.15 13.82
CA SER A 113 -2.82 6.23 14.79
C SER A 113 -2.76 7.55 14.01
N PRO A 114 -3.09 8.69 14.65
CA PRO A 114 -3.18 10.01 13.99
C PRO A 114 -1.87 10.45 13.30
N VAL A 115 -0.82 9.67 13.48
CA VAL A 115 0.44 9.94 12.80
C VAL A 115 1.10 8.65 12.29
N GLN A 116 0.44 8.01 11.34
CA GLN A 116 1.00 6.85 10.68
C GLN A 116 1.84 7.27 9.48
N SER A 117 1.63 8.50 9.03
CA SER A 117 2.30 9.10 7.87
C SER A 117 2.26 8.24 6.60
N VAL A 118 1.83 8.86 5.52
CA VAL A 118 1.76 8.18 4.22
C VAL A 118 3.14 7.69 3.77
N GLU A 119 4.19 8.34 4.21
CA GLU A 119 5.55 7.86 3.94
C GLU A 119 5.79 6.57 4.68
N LYS A 120 5.39 6.53 5.94
CA LYS A 120 5.52 5.33 6.76
C LYS A 120 4.62 4.22 6.20
N ILE A 121 3.48 4.61 5.68
CA ILE A 121 2.55 3.67 5.05
C ILE A 121 3.14 3.08 3.78
N LEU A 122 3.58 3.94 2.87
CA LEU A 122 4.12 3.49 1.59
C LEU A 122 5.45 2.78 1.78
N LEU A 123 6.16 3.09 2.86
CA LEU A 123 7.38 2.36 3.20
C LEU A 123 7.01 0.93 3.58
N SER A 124 5.87 0.79 4.24
CA SER A 124 5.35 -0.52 4.59
C SER A 124 4.87 -1.26 3.35
N VAL A 125 4.50 -0.50 2.32
CA VAL A 125 4.17 -1.08 1.03
C VAL A 125 5.44 -1.64 0.38
N VAL A 126 6.53 -0.89 0.47
CA VAL A 126 7.81 -1.30 -0.06
C VAL A 126 8.32 -2.54 0.68
N SER A 127 8.20 -2.53 2.01
CA SER A 127 8.69 -3.64 2.81
C SER A 127 7.87 -4.91 2.57
N MET A 128 6.55 -4.75 2.38
CA MET A 128 5.69 -5.90 2.14
C MET A 128 6.00 -6.56 0.80
N LEU A 129 6.46 -5.77 -0.16
CA LEU A 129 6.80 -6.29 -1.48
C LEU A 129 8.10 -7.09 -1.45
N ALA A 130 8.99 -6.75 -0.53
CA ALA A 130 10.26 -7.47 -0.42
C ALA A 130 10.16 -8.57 0.63
N GLU A 131 9.35 -8.33 1.65
CA GLU A 131 9.10 -9.31 2.68
C GLU A 131 7.60 -9.47 2.89
N PRO A 132 6.97 -10.44 2.19
CA PRO A 132 5.52 -10.69 2.26
C PRO A 132 5.06 -11.20 3.62
N ASN A 133 6.00 -11.38 4.56
CA ASN A 133 5.68 -11.72 5.95
C ASN A 133 4.35 -11.15 6.41
N ASP A 134 4.31 -9.85 6.44
CA ASP A 134 3.07 -9.09 6.62
C ASP A 134 2.02 -9.46 5.58
N GLU A 135 1.41 -10.63 5.76
CA GLU A 135 0.38 -11.12 4.84
C GLU A 135 -0.97 -10.46 5.13
N SER A 136 -1.21 -10.21 6.42
CA SER A 136 -2.44 -9.56 6.91
C SER A 136 -3.64 -10.50 6.86
N GLY A 137 -3.63 -11.44 5.92
CA GLY A 137 -4.74 -12.35 5.77
C GLY A 137 -5.75 -11.85 4.75
N ALA A 138 -5.25 -11.34 3.64
CA ALA A 138 -6.10 -10.71 2.64
C ALA A 138 -6.46 -11.70 1.53
N ASN A 139 -5.48 -12.03 0.69
CA ASN A 139 -5.71 -12.96 -0.40
C ASN A 139 -5.26 -14.37 0.01
N VAL A 140 -6.23 -15.26 0.19
CA VAL A 140 -5.93 -16.63 0.62
C VAL A 140 -5.14 -17.39 -0.43
N ASP A 141 -5.48 -17.20 -1.70
CA ASP A 141 -4.82 -17.94 -2.77
C ASP A 141 -3.35 -17.54 -2.84
N ALA A 142 -3.10 -16.25 -2.69
CA ALA A 142 -1.76 -15.71 -2.76
C ALA A 142 -0.93 -16.07 -1.54
N SER A 143 -1.54 -16.05 -0.36
CA SER A 143 -0.81 -16.32 0.87
C SER A 143 -0.60 -17.82 1.06
N LYS A 144 -1.66 -18.59 0.88
CA LYS A 144 -1.61 -20.03 1.05
C LYS A 144 -0.58 -20.65 0.11
N MET A 145 -0.65 -20.28 -1.16
CA MET A 145 0.35 -20.72 -2.13
C MET A 145 1.74 -20.23 -1.74
N TRP A 146 1.84 -18.98 -1.31
CA TRP A 146 3.11 -18.43 -0.82
C TRP A 146 3.74 -19.33 0.24
N ARG A 147 2.90 -19.90 1.10
CA ARG A 147 3.37 -20.76 2.16
C ARG A 147 3.91 -22.08 1.60
N ASP A 148 3.26 -22.55 0.54
CA ASP A 148 3.60 -23.84 -0.05
C ASP A 148 4.56 -23.70 -1.22
N ASP A 149 4.05 -23.31 -2.39
CA ASP A 149 4.85 -23.28 -3.60
C ASP A 149 5.29 -21.85 -3.93
N ARG A 150 6.43 -21.48 -3.34
CA ARG A 150 7.06 -20.20 -3.63
C ARG A 150 7.29 -20.00 -5.13
N GLU A 151 7.60 -21.08 -5.81
CA GLU A 151 8.02 -21.04 -7.22
C GLU A 151 6.96 -20.41 -8.13
N GLN A 152 5.68 -20.72 -7.90
CA GLN A 152 4.64 -20.19 -8.76
C GLN A 152 4.39 -18.74 -8.41
N PHE A 153 4.57 -18.41 -7.14
CA PHE A 153 4.43 -17.03 -6.69
C PHE A 153 5.44 -16.15 -7.39
N TYR A 154 6.70 -16.56 -7.31
CA TYR A 154 7.79 -15.82 -7.93
C TYR A 154 7.58 -15.58 -9.41
N LYS A 155 7.14 -16.60 -10.14
CA LYS A 155 6.97 -16.47 -11.59
C LYS A 155 5.85 -15.50 -11.91
N ILE A 156 4.76 -15.62 -11.18
CA ILE A 156 3.61 -14.74 -11.35
C ILE A 156 4.00 -13.30 -11.01
N ALA A 157 4.82 -13.16 -9.97
CA ALA A 157 5.26 -11.86 -9.51
C ALA A 157 6.10 -11.15 -10.58
N LYS A 158 7.06 -11.86 -11.14
CA LYS A 158 7.94 -11.31 -12.17
C LYS A 158 7.14 -11.05 -13.45
N GLN A 159 6.10 -11.85 -13.65
CA GLN A 159 5.18 -11.64 -14.75
C GLN A 159 4.45 -10.32 -14.57
N ILE A 160 3.98 -10.07 -13.35
CA ILE A 160 3.31 -8.82 -13.04
C ILE A 160 4.25 -7.64 -13.27
N VAL A 161 5.54 -7.85 -12.99
CA VAL A 161 6.56 -6.84 -13.23
C VAL A 161 6.56 -6.41 -14.69
N GLN A 162 6.64 -7.38 -15.59
CA GLN A 162 6.72 -7.05 -17.01
C GLN A 162 5.35 -6.61 -17.53
N LYS A 163 4.27 -7.09 -16.91
CA LYS A 163 2.92 -6.60 -17.20
C LYS A 163 2.79 -5.13 -16.85
N SER A 164 3.47 -4.76 -15.77
CA SER A 164 3.55 -3.38 -15.32
C SER A 164 4.21 -2.52 -16.41
N LEU A 165 5.22 -3.09 -17.05
CA LEU A 165 5.91 -2.41 -18.15
C LEU A 165 5.05 -2.46 -19.43
N GLY A 166 4.31 -3.55 -19.59
CA GLY A 166 3.42 -3.71 -20.71
C GLY A 166 3.79 -4.89 -21.60
N LEU A 167 4.27 -5.97 -20.99
CA LEU A 167 4.70 -7.13 -21.75
C LEU A 167 3.79 -8.32 -21.48
N MET A 3 -15.79 15.80 8.05
CA MET A 3 -15.10 17.06 8.37
C MET A 3 -14.03 17.34 7.32
N ALA A 4 -13.55 18.57 7.29
CA ALA A 4 -12.47 18.97 6.40
C ALA A 4 -11.57 19.97 7.11
N GLY A 5 -10.71 20.65 6.37
CA GLY A 5 -9.85 21.65 6.99
C GLY A 5 -8.65 21.04 7.69
N THR A 6 -8.89 20.40 8.83
CA THR A 6 -7.83 19.74 9.57
C THR A 6 -7.33 18.52 8.82
N ALA A 7 -8.21 17.91 8.04
CA ALA A 7 -7.82 16.81 7.17
C ALA A 7 -6.86 17.33 6.11
N LEU A 8 -7.25 18.45 5.49
CA LEU A 8 -6.41 19.12 4.52
C LEU A 8 -5.07 19.53 5.13
N LYS A 9 -5.13 20.12 6.32
CA LYS A 9 -3.93 20.50 7.06
C LYS A 9 -3.00 19.30 7.25
N ARG A 10 -3.57 18.15 7.56
CA ARG A 10 -2.79 16.93 7.72
C ARG A 10 -2.14 16.56 6.39
N LEU A 11 -2.93 16.53 5.33
CA LEU A 11 -2.45 16.13 4.01
C LEU A 11 -1.47 17.14 3.43
N MET A 12 -1.58 18.40 3.84
CA MET A 12 -0.62 19.41 3.42
C MET A 12 0.73 19.12 4.06
N ALA A 13 0.68 18.72 5.33
CA ALA A 13 1.88 18.33 6.05
C ALA A 13 2.48 17.07 5.42
N GLU A 14 1.62 16.10 5.10
CA GLU A 14 2.04 14.87 4.44
C GLU A 14 2.71 15.20 3.10
N TYR A 15 2.04 16.05 2.35
CA TYR A 15 2.54 16.55 1.07
C TYR A 15 3.95 17.05 1.22
N LYS A 16 4.09 18.04 2.07
CA LYS A 16 5.36 18.69 2.33
C LYS A 16 6.48 17.70 2.71
N GLN A 17 6.21 16.72 3.58
CA GLN A 17 7.27 15.80 3.98
C GLN A 17 7.76 15.00 2.78
N LEU A 18 6.83 14.68 1.90
CA LEU A 18 7.18 13.98 0.65
C LEU A 18 7.99 14.90 -0.26
N THR A 19 7.86 16.21 -0.06
CA THR A 19 8.65 17.17 -0.81
C THR A 19 10.06 17.27 -0.21
N LEU A 20 10.13 17.38 1.11
CA LEU A 20 11.40 17.42 1.82
C LEU A 20 12.19 16.12 1.67
N ASN A 21 11.53 14.99 1.89
CA ASN A 21 12.20 13.70 1.85
C ASN A 21 11.31 12.65 1.21
N PRO A 22 11.39 12.49 -0.12
CA PRO A 22 10.61 11.49 -0.85
C PRO A 22 11.19 10.09 -0.64
N PRO A 23 10.43 9.19 0.03
CA PRO A 23 10.78 7.79 0.20
C PRO A 23 11.32 7.16 -1.07
N GLU A 24 12.36 6.35 -0.92
CA GLU A 24 13.01 5.73 -2.06
C GLU A 24 12.09 4.76 -2.79
N GLY A 25 12.05 4.94 -4.11
CA GLY A 25 11.20 4.13 -4.95
C GLY A 25 9.73 4.46 -4.79
N ILE A 26 9.45 5.62 -4.22
CA ILE A 26 8.08 6.05 -4.01
C ILE A 26 7.84 7.37 -4.71
N VAL A 27 6.88 7.37 -5.60
CA VAL A 27 6.52 8.55 -6.34
C VAL A 27 5.04 8.81 -6.11
N ALA A 28 4.70 9.82 -5.33
CA ALA A 28 3.31 9.98 -4.91
C ALA A 28 2.91 11.44 -4.80
N GLY A 29 1.69 11.76 -5.22
CA GLY A 29 1.16 13.09 -5.06
C GLY A 29 -0.32 13.13 -5.30
N PRO A 30 -0.99 14.26 -5.02
CA PRO A 30 -2.43 14.41 -5.22
C PRO A 30 -2.83 14.19 -6.67
N MET A 31 -3.86 13.38 -6.87
CA MET A 31 -4.35 13.03 -8.22
C MET A 31 -4.63 14.26 -9.06
N ASN A 32 -4.84 15.41 -8.42
CA ASN A 32 -4.96 16.69 -9.09
C ASN A 32 -4.76 17.76 -8.02
N GLU A 33 -3.98 18.79 -8.33
CA GLU A 33 -3.57 19.80 -7.33
C GLU A 33 -4.71 20.71 -6.89
N GLU A 34 -5.78 20.08 -6.47
CA GLU A 34 -6.93 20.75 -5.89
C GLU A 34 -7.66 19.76 -4.99
N ASN A 35 -7.77 18.54 -5.48
CA ASN A 35 -8.36 17.44 -4.73
C ASN A 35 -7.29 16.69 -3.97
N PHE A 36 -7.21 16.96 -2.68
CA PHE A 36 -6.20 16.35 -1.83
C PHE A 36 -6.72 15.10 -1.14
N PHE A 37 -7.98 14.74 -1.38
CA PHE A 37 -8.54 13.56 -0.74
C PHE A 37 -8.38 12.35 -1.64
N GLU A 38 -7.68 12.55 -2.74
CA GLU A 38 -7.36 11.49 -3.66
C GLU A 38 -5.96 11.71 -4.21
N TRP A 39 -5.09 10.74 -4.01
CA TRP A 39 -3.70 10.84 -4.44
C TRP A 39 -3.39 9.65 -5.32
N GLU A 40 -2.37 9.76 -6.15
CA GLU A 40 -1.89 8.62 -6.92
C GLU A 40 -0.44 8.39 -6.60
N ALA A 41 -0.02 7.13 -6.67
CA ALA A 41 1.34 6.79 -6.32
C ALA A 41 1.87 5.71 -7.24
N LEU A 42 3.17 5.76 -7.47
CA LEU A 42 3.88 4.77 -8.24
C LEU A 42 4.74 3.97 -7.28
N ILE A 43 4.55 2.68 -7.20
CA ILE A 43 5.34 1.87 -6.30
C ILE A 43 6.43 1.17 -7.10
N MET A 44 7.63 1.71 -7.02
CA MET A 44 8.75 1.14 -7.72
C MET A 44 9.21 -0.10 -6.98
N GLY A 45 9.06 -1.23 -7.65
CA GLY A 45 9.21 -2.53 -7.03
C GLY A 45 10.51 -2.70 -6.26
N PRO A 46 10.39 -3.10 -4.98
CA PRO A 46 11.54 -3.38 -4.12
C PRO A 46 12.60 -4.22 -4.81
N GLU A 47 13.81 -3.70 -4.85
CA GLU A 47 14.91 -4.42 -5.43
C GLU A 47 15.30 -5.63 -4.60
N ASP A 48 15.82 -6.63 -5.29
CA ASP A 48 16.25 -7.90 -4.70
C ASP A 48 15.04 -8.74 -4.29
N THR A 49 13.89 -8.43 -4.88
CA THR A 49 12.67 -9.17 -4.56
C THR A 49 11.99 -9.69 -5.82
N CYS A 50 10.90 -10.42 -5.64
CA CYS A 50 10.10 -10.90 -6.77
C CYS A 50 9.36 -9.76 -7.46
N PHE A 51 9.15 -8.65 -6.75
CA PHE A 51 8.44 -7.51 -7.32
C PHE A 51 9.43 -6.50 -7.89
N GLU A 52 10.70 -6.87 -7.89
CA GLU A 52 11.76 -6.01 -8.42
C GLU A 52 11.49 -5.64 -9.88
N PHE A 53 11.82 -4.39 -10.21
CA PHE A 53 11.71 -3.85 -11.58
C PHE A 53 10.31 -3.36 -11.88
N GLY A 54 9.33 -3.83 -11.12
CA GLY A 54 7.96 -3.47 -11.38
C GLY A 54 7.66 -2.02 -11.06
N VAL A 55 6.65 -1.46 -11.70
CA VAL A 55 6.17 -0.13 -11.39
C VAL A 55 4.66 -0.18 -11.23
N PHE A 56 4.19 -0.27 -10.00
CA PHE A 56 2.79 -0.50 -9.74
C PHE A 56 2.10 0.79 -9.28
N PRO A 57 1.23 1.35 -10.13
CA PRO A 57 0.49 2.56 -9.78
C PRO A 57 -0.72 2.25 -8.90
N ALA A 58 -1.03 3.18 -8.02
CA ALA A 58 -2.13 3.03 -7.09
C ALA A 58 -2.76 4.37 -6.75
N ILE A 59 -3.97 4.31 -6.19
CA ILE A 59 -4.70 5.50 -5.79
C ILE A 59 -5.01 5.44 -4.31
N LEU A 60 -4.74 6.53 -3.61
CA LEU A 60 -5.00 6.63 -2.19
C LEU A 60 -6.21 7.52 -1.96
N SER A 61 -7.26 6.96 -1.41
CA SER A 61 -8.48 7.68 -1.16
C SER A 61 -8.58 8.04 0.32
N PHE A 62 -8.65 9.32 0.60
CA PHE A 62 -8.71 9.80 1.96
C PHE A 62 -10.14 10.16 2.34
N PRO A 63 -10.55 9.80 3.57
CA PRO A 63 -11.90 10.08 4.06
C PRO A 63 -12.02 11.50 4.59
N LEU A 64 -13.25 11.99 4.70
CA LEU A 64 -13.51 13.28 5.35
C LEU A 64 -13.39 13.14 6.87
N ASP A 65 -12.45 12.29 7.30
CA ASP A 65 -12.21 12.04 8.71
C ASP A 65 -10.72 11.85 8.96
N TYR A 66 -9.91 12.04 7.92
CA TYR A 66 -8.46 11.98 8.06
C TYR A 66 -7.97 13.08 9.01
N PRO A 67 -6.95 12.82 9.85
CA PRO A 67 -6.25 11.54 9.92
C PRO A 67 -6.76 10.66 11.05
N LEU A 68 -8.03 10.80 11.39
CA LEU A 68 -8.68 9.99 12.41
C LEU A 68 -9.05 8.61 11.86
N SER A 69 -9.56 8.60 10.64
CA SER A 69 -10.00 7.38 10.00
C SER A 69 -8.94 6.89 9.01
N PRO A 70 -8.75 5.56 8.90
CA PRO A 70 -7.74 4.96 8.02
C PRO A 70 -7.98 5.29 6.55
N PRO A 71 -6.92 5.71 5.84
CA PRO A 71 -6.97 6.00 4.42
C PRO A 71 -7.15 4.74 3.59
N LYS A 72 -7.64 4.91 2.38
CA LYS A 72 -7.85 3.79 1.48
C LYS A 72 -6.75 3.79 0.44
N MET A 73 -6.38 2.61 -0.02
CA MET A 73 -5.30 2.47 -0.98
C MET A 73 -5.46 1.21 -1.80
N ARG A 74 -5.45 1.37 -3.11
CA ARG A 74 -5.53 0.22 -4.01
C ARG A 74 -4.73 0.47 -5.28
N PHE A 75 -4.21 -0.62 -5.84
CA PHE A 75 -3.42 -0.57 -7.06
C PHE A 75 -4.33 -0.60 -8.27
N THR A 76 -4.00 0.21 -9.27
CA THR A 76 -4.86 0.39 -10.43
C THR A 76 -4.58 -0.67 -11.48
N CYS A 77 -3.31 -1.01 -11.68
CA CYS A 77 -2.96 -2.12 -12.56
C CYS A 77 -3.07 -3.44 -11.80
N GLU A 78 -2.91 -4.55 -12.52
CA GLU A 78 -3.02 -5.85 -11.91
C GLU A 78 -1.94 -6.06 -10.86
N MET A 79 -2.30 -6.78 -9.80
CA MET A 79 -1.39 -7.07 -8.70
C MET A 79 -1.68 -8.44 -8.15
N PHE A 80 -0.68 -9.04 -7.51
CA PHE A 80 -0.85 -10.36 -6.94
C PHE A 80 0.06 -10.51 -5.72
N HIS A 81 -0.55 -10.36 -4.56
CA HIS A 81 0.18 -10.44 -3.30
C HIS A 81 -0.75 -10.92 -2.19
N PRO A 82 -0.23 -11.78 -1.26
CA PRO A 82 -1.00 -12.32 -0.12
C PRO A 82 -1.35 -11.28 0.93
N ASN A 83 -1.71 -10.09 0.49
CA ASN A 83 -2.17 -9.03 1.37
C ASN A 83 -2.97 -8.02 0.55
N ILE A 84 -3.43 -8.45 -0.61
CA ILE A 84 -4.13 -7.57 -1.54
C ILE A 84 -5.48 -8.18 -1.94
N TYR A 85 -6.53 -7.40 -1.76
CA TYR A 85 -7.88 -7.82 -2.13
C TYR A 85 -8.01 -7.91 -3.66
N PRO A 86 -9.11 -8.50 -4.19
CA PRO A 86 -9.25 -8.72 -5.63
C PRO A 86 -9.37 -7.41 -6.38
N ASP A 87 -9.90 -6.42 -5.67
CA ASP A 87 -10.08 -5.07 -6.24
C ASP A 87 -8.77 -4.27 -6.17
N GLY A 88 -7.68 -4.95 -5.81
CA GLY A 88 -6.38 -4.31 -5.79
C GLY A 88 -6.12 -3.60 -4.48
N ARG A 89 -7.12 -3.59 -3.61
CA ARG A 89 -7.03 -2.98 -2.30
C ARG A 89 -5.85 -3.49 -1.48
N VAL A 90 -5.12 -2.55 -0.92
CA VAL A 90 -3.96 -2.85 -0.10
C VAL A 90 -4.38 -2.98 1.36
N CYS A 91 -3.88 -4.01 2.01
CA CYS A 91 -4.13 -4.21 3.43
C CYS A 91 -2.80 -4.33 4.17
N ILE A 92 -2.78 -3.86 5.41
CA ILE A 92 -1.63 -4.03 6.30
C ILE A 92 -2.07 -3.85 7.74
N SER A 93 -1.30 -4.39 8.68
CA SER A 93 -1.61 -4.28 10.10
C SER A 93 -1.97 -2.84 10.47
N ILE A 94 -1.10 -1.91 10.12
CA ILE A 94 -1.28 -0.50 10.46
C ILE A 94 -2.56 0.08 9.86
N LEU A 95 -3.01 -0.45 8.72
CA LEU A 95 -4.25 0.03 8.11
C LEU A 95 -5.47 -0.71 8.68
N HIS A 96 -5.25 -1.39 9.81
CA HIS A 96 -6.29 -2.06 10.61
C HIS A 96 -6.32 -3.55 10.32
N ALA A 97 -5.28 -4.24 10.77
CA ALA A 97 -5.14 -5.67 10.56
C ALA A 97 -4.07 -6.30 11.45
N PRO A 98 -4.16 -6.16 12.77
CA PRO A 98 -3.23 -6.79 13.69
C PRO A 98 -3.74 -8.13 14.17
N GLY A 99 -3.32 -8.56 15.35
CA GLY A 99 -3.92 -9.72 15.98
C GLY A 99 -5.31 -9.43 16.51
N ASP A 100 -6.11 -8.78 15.67
CA ASP A 100 -7.45 -8.33 16.05
C ASP A 100 -8.49 -9.32 15.54
N ASP A 101 -8.11 -10.60 15.54
CA ASP A 101 -8.94 -11.69 15.03
C ASP A 101 -9.17 -11.54 13.53
N PRO A 102 -8.39 -12.27 12.72
CA PRO A 102 -8.45 -12.20 11.26
C PRO A 102 -9.88 -12.19 10.71
N MET A 103 -10.08 -11.39 9.65
CA MET A 103 -11.40 -11.20 9.02
C MET A 103 -12.32 -10.36 9.88
N GLY A 104 -12.38 -10.67 11.15
CA GLY A 104 -13.07 -9.82 12.10
C GLY A 104 -12.23 -8.62 12.42
N TYR A 105 -11.04 -8.59 11.82
CA TYR A 105 -10.10 -7.48 11.99
C TYR A 105 -10.62 -6.23 11.28
N GLU A 106 -9.77 -5.21 11.19
CA GLU A 106 -10.09 -3.96 10.51
C GLU A 106 -11.18 -3.22 11.29
N SER A 107 -11.59 -2.06 10.80
CA SER A 107 -12.68 -1.29 11.38
C SER A 107 -12.31 -0.75 12.77
N SER A 108 -12.34 -1.60 13.78
CA SER A 108 -12.10 -1.17 15.14
C SER A 108 -10.73 -1.62 15.66
N ALA A 109 -9.88 -2.06 14.74
CA ALA A 109 -8.53 -2.46 15.09
C ALA A 109 -7.63 -1.26 15.31
N GLU A 110 -7.10 -1.10 16.52
CA GLU A 110 -6.22 0.01 16.83
C GLU A 110 -4.85 -0.17 16.17
N ARG A 111 -4.55 0.66 15.20
CA ARG A 111 -3.37 0.51 14.34
C ARG A 111 -3.06 1.84 13.70
N TRP A 112 -3.97 2.29 12.85
CA TRP A 112 -3.90 3.63 12.31
C TRP A 112 -4.17 4.67 13.39
N SER A 113 -3.42 5.75 13.33
CA SER A 113 -3.59 6.88 14.22
C SER A 113 -3.08 8.15 13.52
N PRO A 114 -3.10 9.33 14.16
CA PRO A 114 -2.58 10.55 13.53
C PRO A 114 -1.08 10.50 13.20
N VAL A 115 -0.33 9.58 13.80
CA VAL A 115 1.13 9.60 13.69
C VAL A 115 1.63 8.56 12.68
N GLN A 116 0.74 8.08 11.84
CA GLN A 116 1.04 6.96 10.96
C GLN A 116 1.64 7.43 9.63
N SER A 117 1.32 8.66 9.23
CA SER A 117 1.84 9.32 8.00
C SER A 117 1.87 8.46 6.72
N VAL A 118 1.41 9.07 5.64
CA VAL A 118 1.42 8.43 4.31
C VAL A 118 2.80 7.90 3.95
N GLU A 119 3.85 8.56 4.44
CA GLU A 119 5.21 8.09 4.20
C GLU A 119 5.49 6.81 4.98
N LYS A 120 5.21 6.83 6.29
CA LYS A 120 5.39 5.64 7.12
C LYS A 120 4.56 4.47 6.59
N ILE A 121 3.36 4.77 6.11
CA ILE A 121 2.50 3.76 5.49
C ILE A 121 3.19 3.13 4.28
N LEU A 122 3.63 3.97 3.36
CA LEU A 122 4.22 3.50 2.11
C LEU A 122 5.54 2.76 2.35
N LEU A 123 6.29 3.16 3.38
CA LEU A 123 7.50 2.43 3.76
C LEU A 123 7.14 1.02 4.23
N SER A 124 6.02 0.91 4.94
CA SER A 124 5.51 -0.37 5.37
C SER A 124 5.07 -1.19 4.15
N VAL A 125 4.50 -0.50 3.16
CA VAL A 125 4.09 -1.13 1.91
C VAL A 125 5.30 -1.72 1.18
N VAL A 126 6.34 -0.91 1.01
CA VAL A 126 7.57 -1.35 0.35
C VAL A 126 8.15 -2.58 1.05
N SER A 127 8.21 -2.53 2.37
CA SER A 127 8.76 -3.61 3.16
C SER A 127 7.90 -4.87 3.04
N MET A 128 6.59 -4.66 2.93
CA MET A 128 5.65 -5.75 2.75
C MET A 128 5.81 -6.40 1.38
N LEU A 129 6.15 -5.59 0.39
CA LEU A 129 6.34 -6.05 -0.97
C LEU A 129 7.69 -6.76 -1.15
N ALA A 130 8.71 -6.27 -0.44
CA ALA A 130 10.04 -6.86 -0.56
C ALA A 130 10.15 -8.15 0.24
N GLU A 131 9.37 -8.24 1.29
CA GLU A 131 9.30 -9.46 2.09
C GLU A 131 7.85 -9.78 2.40
N PRO A 132 7.22 -10.64 1.58
CA PRO A 132 5.81 -10.98 1.72
C PRO A 132 5.47 -11.46 3.13
N ASN A 133 4.76 -10.62 3.85
CA ASN A 133 4.39 -10.89 5.23
C ASN A 133 3.39 -9.85 5.72
N ASP A 134 3.22 -9.75 7.05
CA ASP A 134 2.16 -8.96 7.70
C ASP A 134 0.90 -9.82 7.72
N GLU A 135 0.94 -10.85 6.89
CA GLU A 135 -0.16 -11.71 6.63
C GLU A 135 -1.34 -10.90 6.10
N SER A 136 -2.29 -10.60 6.99
CA SER A 136 -3.54 -9.98 6.58
C SER A 136 -4.13 -10.75 5.40
N GLY A 137 -4.89 -11.79 5.73
CA GLY A 137 -5.26 -12.80 4.76
C GLY A 137 -6.33 -12.37 3.78
N ALA A 138 -6.14 -11.22 3.15
CA ALA A 138 -7.06 -10.71 2.16
C ALA A 138 -6.92 -11.44 0.82
N ASN A 139 -5.95 -12.33 0.74
CA ASN A 139 -5.70 -13.07 -0.49
C ASN A 139 -5.17 -14.46 -0.18
N VAL A 140 -6.06 -15.44 -0.12
CA VAL A 140 -5.68 -16.82 0.15
C VAL A 140 -4.89 -17.40 -1.02
N ASP A 141 -5.33 -17.11 -2.24
CA ASP A 141 -4.71 -17.68 -3.43
C ASP A 141 -3.22 -17.32 -3.49
N ALA A 142 -2.93 -16.07 -3.19
CA ALA A 142 -1.55 -15.59 -3.21
C ALA A 142 -0.78 -16.07 -2.01
N SER A 143 -1.44 -16.11 -0.85
CA SER A 143 -0.78 -16.52 0.39
C SER A 143 -0.44 -18.01 0.35
N LYS A 144 -1.43 -18.79 -0.01
CA LYS A 144 -1.29 -20.24 -0.11
C LYS A 144 -0.18 -20.60 -1.09
N MET A 145 -0.25 -20.08 -2.30
CA MET A 145 0.78 -20.35 -3.31
C MET A 145 2.15 -19.85 -2.84
N TRP A 146 2.21 -18.61 -2.33
CA TRP A 146 3.46 -18.06 -1.80
C TRP A 146 4.11 -18.99 -0.78
N ARG A 147 3.31 -19.52 0.13
CA ARG A 147 3.82 -20.32 1.23
C ARG A 147 4.05 -21.76 0.80
N ASP A 148 3.27 -22.23 -0.16
CA ASP A 148 3.39 -23.59 -0.66
C ASP A 148 4.51 -23.70 -1.69
N ASP A 149 4.40 -22.94 -2.78
CA ASP A 149 5.42 -22.94 -3.81
C ASP A 149 5.84 -21.52 -4.15
N ARG A 150 6.88 -21.08 -3.47
CA ARG A 150 7.40 -19.73 -3.63
C ARG A 150 7.81 -19.44 -5.07
N GLU A 151 8.23 -20.48 -5.80
CA GLU A 151 8.62 -20.32 -7.20
C GLU A 151 7.43 -19.93 -8.06
N GLN A 152 6.28 -20.54 -7.79
CA GLN A 152 5.04 -20.19 -8.47
C GLN A 152 4.69 -18.73 -8.23
N PHE A 153 4.94 -18.27 -7.01
CA PHE A 153 4.71 -16.88 -6.66
C PHE A 153 5.67 -15.99 -7.40
N TYR A 154 6.94 -16.35 -7.38
CA TYR A 154 7.99 -15.59 -8.03
C TYR A 154 7.67 -15.29 -9.50
N LYS A 155 7.31 -16.33 -10.24
CA LYS A 155 7.06 -16.19 -11.67
C LYS A 155 5.86 -15.31 -11.94
N ILE A 156 4.79 -15.52 -11.19
CA ILE A 156 3.58 -14.72 -11.34
C ILE A 156 3.82 -13.28 -10.87
N ALA A 157 4.69 -13.10 -9.91
CA ALA A 157 5.07 -11.78 -9.44
C ALA A 157 5.79 -11.01 -10.53
N LYS A 158 6.72 -11.69 -11.21
CA LYS A 158 7.44 -11.10 -12.33
C LYS A 158 6.48 -10.84 -13.48
N GLN A 159 5.48 -11.72 -13.60
CA GLN A 159 4.43 -11.59 -14.57
C GLN A 159 3.67 -10.29 -14.35
N ILE A 160 3.33 -10.03 -13.10
CA ILE A 160 2.66 -8.79 -12.72
C ILE A 160 3.57 -7.59 -13.00
N VAL A 161 4.86 -7.80 -12.81
CA VAL A 161 5.87 -6.78 -13.09
C VAL A 161 5.79 -6.35 -14.56
N GLN A 162 5.79 -7.32 -15.47
CA GLN A 162 5.70 -7.03 -16.90
C GLN A 162 4.41 -6.30 -17.23
N LYS A 163 3.30 -6.76 -16.64
CA LYS A 163 1.99 -6.18 -16.86
C LYS A 163 2.00 -4.69 -16.53
N SER A 164 2.55 -4.40 -15.37
CA SER A 164 2.61 -3.04 -14.86
C SER A 164 3.68 -2.20 -15.56
N LEU A 165 4.71 -2.86 -16.08
CA LEU A 165 5.82 -2.17 -16.73
C LEU A 165 5.51 -1.75 -18.15
N GLY A 166 4.68 -2.51 -18.83
CA GLY A 166 4.54 -2.33 -20.26
C GLY A 166 5.22 -3.45 -21.00
N LEU A 167 4.51 -4.56 -21.14
CA LEU A 167 5.04 -5.71 -21.85
C LEU A 167 4.47 -5.77 -23.26
N MET A 3 -13.05 17.28 11.27
CA MET A 3 -12.68 18.54 10.57
C MET A 3 -11.86 18.24 9.31
N ALA A 4 -12.37 18.67 8.17
CA ALA A 4 -11.67 18.51 6.91
C ALA A 4 -10.45 19.42 6.83
N GLY A 5 -10.47 20.50 7.60
CA GLY A 5 -9.31 21.37 7.67
C GLY A 5 -8.13 20.72 8.36
N THR A 6 -8.40 19.90 9.35
CA THR A 6 -7.36 19.10 9.99
C THR A 6 -6.82 18.07 9.00
N ALA A 7 -7.69 17.58 8.13
CA ALA A 7 -7.28 16.66 7.08
C ALA A 7 -6.41 17.38 6.06
N LEU A 8 -6.90 18.53 5.61
CA LEU A 8 -6.20 19.36 4.66
C LEU A 8 -4.81 19.70 5.20
N LYS A 9 -4.75 20.22 6.42
CA LYS A 9 -3.48 20.59 7.04
C LYS A 9 -2.56 19.38 7.20
N ARG A 10 -3.11 18.21 7.50
CA ARG A 10 -2.30 17.01 7.65
C ARG A 10 -1.75 16.59 6.29
N LEU A 11 -2.59 16.60 5.28
CA LEU A 11 -2.19 16.26 3.92
C LEU A 11 -1.20 17.28 3.37
N MET A 12 -1.27 18.51 3.86
CA MET A 12 -0.29 19.52 3.46
C MET A 12 1.05 19.22 4.09
N ALA A 13 1.04 18.76 5.34
CA ALA A 13 2.26 18.32 6.00
C ALA A 13 2.82 17.09 5.29
N GLU A 14 1.96 16.11 5.01
CA GLU A 14 2.35 14.94 4.22
C GLU A 14 3.01 15.40 2.92
N TYR A 15 2.36 16.36 2.27
CA TYR A 15 2.87 16.97 1.05
C TYR A 15 4.28 17.47 1.24
N LYS A 16 4.39 18.46 2.12
CA LYS A 16 5.67 19.10 2.43
C LYS A 16 6.81 18.11 2.68
N GLN A 17 6.65 17.16 3.62
CA GLN A 17 7.74 16.24 3.92
C GLN A 17 8.01 15.29 2.76
N LEU A 18 6.97 14.89 2.06
CA LEU A 18 7.16 14.08 0.86
C LEU A 18 8.00 14.84 -0.18
N THR A 19 7.77 16.15 -0.23
CA THR A 19 8.50 17.00 -1.14
C THR A 19 9.96 17.17 -0.71
N LEU A 20 10.15 17.57 0.55
CA LEU A 20 11.47 17.86 1.08
C LEU A 20 12.28 16.59 1.36
N ASN A 21 11.62 15.58 1.90
CA ASN A 21 12.30 14.38 2.38
C ASN A 21 11.72 13.15 1.70
N PRO A 22 12.32 12.71 0.59
CA PRO A 22 11.83 11.56 -0.16
C PRO A 22 12.27 10.22 0.45
N PRO A 23 11.30 9.31 0.67
CA PRO A 23 11.58 7.91 1.05
C PRO A 23 12.53 7.20 0.08
N GLU A 24 11.99 6.23 -0.63
CA GLU A 24 12.76 5.45 -1.60
C GLU A 24 11.83 4.63 -2.48
N GLY A 25 11.86 4.91 -3.78
CA GLY A 25 11.06 4.15 -4.71
C GLY A 25 9.60 4.51 -4.60
N ILE A 26 9.33 5.71 -4.08
CA ILE A 26 7.98 6.15 -3.80
C ILE A 26 7.69 7.42 -4.59
N VAL A 27 6.65 7.36 -5.40
CA VAL A 27 6.20 8.49 -6.15
C VAL A 27 4.73 8.72 -5.81
N ALA A 28 4.34 9.90 -5.36
CA ALA A 28 2.93 10.16 -5.07
C ALA A 28 2.61 11.63 -5.21
N GLY A 29 1.48 11.94 -5.83
CA GLY A 29 1.04 13.31 -5.94
C GLY A 29 -0.48 13.40 -5.93
N PRO A 30 -1.04 14.51 -5.43
CA PRO A 30 -2.49 14.70 -5.37
C PRO A 30 -3.10 14.82 -6.76
N MET A 31 -4.27 14.21 -6.95
CA MET A 31 -4.98 14.28 -8.21
C MET A 31 -5.69 15.62 -8.32
N ASN A 32 -5.02 16.58 -8.97
CA ASN A 32 -5.49 17.96 -9.07
C ASN A 32 -5.28 18.69 -7.75
N GLU A 33 -4.37 19.66 -7.77
CA GLU A 33 -3.89 20.34 -6.57
C GLU A 33 -4.99 21.13 -5.85
N GLU A 34 -6.21 21.08 -6.38
CA GLU A 34 -7.35 21.65 -5.70
C GLU A 34 -7.86 20.69 -4.64
N ASN A 35 -8.18 19.47 -5.09
CA ASN A 35 -8.70 18.44 -4.21
C ASN A 35 -7.58 17.54 -3.70
N PHE A 36 -7.27 17.66 -2.42
CA PHE A 36 -6.15 16.94 -1.82
C PHE A 36 -6.57 15.61 -1.21
N PHE A 37 -7.84 15.23 -1.35
CA PHE A 37 -8.35 14.03 -0.67
C PHE A 37 -8.22 12.77 -1.54
N GLU A 38 -7.38 12.85 -2.55
CA GLU A 38 -7.08 11.69 -3.39
C GLU A 38 -5.75 11.90 -4.11
N TRP A 39 -4.87 10.93 -4.01
CA TRP A 39 -3.53 11.03 -4.58
C TRP A 39 -3.30 9.81 -5.47
N GLU A 40 -2.42 9.93 -6.45
CA GLU A 40 -2.02 8.80 -7.27
C GLU A 40 -0.56 8.52 -6.98
N ALA A 41 -0.16 7.25 -6.88
CA ALA A 41 1.18 6.92 -6.47
C ALA A 41 1.77 5.79 -7.30
N LEU A 42 3.06 5.84 -7.53
CA LEU A 42 3.78 4.81 -8.24
C LEU A 42 4.66 4.05 -7.26
N ILE A 43 4.53 2.73 -7.24
CA ILE A 43 5.35 1.89 -6.38
C ILE A 43 6.41 1.19 -7.23
N MET A 44 7.66 1.62 -7.06
CA MET A 44 8.74 1.07 -7.85
C MET A 44 9.34 -0.13 -7.14
N GLY A 45 9.38 -1.24 -7.87
CA GLY A 45 9.85 -2.53 -7.34
C GLY A 45 10.95 -2.47 -6.30
N PRO A 46 10.62 -2.92 -5.09
CA PRO A 46 11.57 -3.04 -3.96
C PRO A 46 12.81 -3.85 -4.29
N GLU A 47 13.86 -3.64 -3.51
CA GLU A 47 15.10 -4.37 -3.68
C GLU A 47 14.98 -5.73 -3.01
N ASP A 48 15.81 -6.68 -3.44
CA ASP A 48 15.77 -8.07 -2.96
C ASP A 48 14.36 -8.66 -3.01
N THR A 49 13.61 -8.29 -4.02
CA THR A 49 12.27 -8.83 -4.20
C THR A 49 12.13 -9.37 -5.60
N CYS A 50 11.03 -10.05 -5.89
CA CYS A 50 10.79 -10.50 -7.24
C CYS A 50 9.82 -9.53 -7.92
N PHE A 51 9.59 -8.41 -7.24
CA PHE A 51 8.72 -7.37 -7.74
C PHE A 51 9.53 -6.18 -8.22
N GLU A 52 10.85 -6.31 -8.19
CA GLU A 52 11.72 -5.25 -8.63
C GLU A 52 11.59 -5.08 -10.14
N PHE A 53 11.92 -3.88 -10.62
CA PHE A 53 11.76 -3.50 -12.03
C PHE A 53 10.31 -3.13 -12.34
N GLY A 54 9.40 -3.60 -11.50
CA GLY A 54 8.00 -3.30 -11.69
C GLY A 54 7.65 -1.88 -11.30
N VAL A 55 6.65 -1.32 -11.97
CA VAL A 55 6.19 0.02 -11.66
C VAL A 55 4.68 -0.05 -11.42
N PHE A 56 4.30 -0.15 -10.17
CA PHE A 56 2.92 -0.45 -9.80
C PHE A 56 2.16 0.82 -9.44
N PRO A 57 1.23 1.24 -10.30
CA PRO A 57 0.42 2.43 -10.06
C PRO A 57 -0.74 2.17 -9.09
N ALA A 58 -1.00 3.15 -8.22
CA ALA A 58 -2.02 3.01 -7.21
C ALA A 58 -2.71 4.33 -6.93
N ILE A 59 -3.85 4.24 -6.26
CA ILE A 59 -4.66 5.41 -5.92
C ILE A 59 -4.96 5.41 -4.43
N LEU A 60 -4.84 6.57 -3.81
CA LEU A 60 -5.11 6.72 -2.39
C LEU A 60 -6.27 7.70 -2.18
N SER A 61 -7.33 7.20 -1.58
CA SER A 61 -8.51 7.99 -1.31
C SER A 61 -8.57 8.35 0.17
N PHE A 62 -8.73 9.63 0.47
CA PHE A 62 -8.76 10.09 1.83
C PHE A 62 -10.19 10.41 2.26
N PRO A 63 -10.56 9.97 3.47
CA PRO A 63 -11.94 10.06 3.98
C PRO A 63 -12.42 11.49 4.27
N LEU A 64 -11.86 12.07 5.32
CA LEU A 64 -12.35 13.35 5.83
C LEU A 64 -11.53 13.79 7.03
N ASP A 65 -11.26 12.85 7.92
CA ASP A 65 -10.66 13.18 9.21
C ASP A 65 -9.26 12.60 9.36
N TYR A 66 -8.56 12.45 8.26
CA TYR A 66 -7.12 12.19 8.31
C TYR A 66 -6.47 13.34 9.08
N PRO A 67 -5.58 13.10 10.05
CA PRO A 67 -5.03 11.80 10.40
C PRO A 67 -5.75 11.13 11.60
N LEU A 68 -6.76 10.33 11.27
CA LEU A 68 -7.55 9.61 12.28
C LEU A 68 -8.48 8.60 11.67
N SER A 69 -8.96 8.90 10.49
CA SER A 69 -9.81 7.97 9.77
C SER A 69 -9.01 7.30 8.67
N PRO A 70 -9.07 5.97 8.61
CA PRO A 70 -8.26 5.17 7.68
C PRO A 70 -8.60 5.44 6.22
N PRO A 71 -7.59 5.82 5.43
CA PRO A 71 -7.76 6.06 3.99
C PRO A 71 -7.90 4.77 3.21
N LYS A 72 -8.28 4.88 1.94
CA LYS A 72 -8.43 3.73 1.08
C LYS A 72 -7.31 3.73 0.05
N MET A 73 -6.85 2.55 -0.33
CA MET A 73 -5.75 2.45 -1.27
C MET A 73 -5.88 1.18 -2.12
N ARG A 74 -5.73 1.34 -3.42
CA ARG A 74 -5.75 0.21 -4.33
C ARG A 74 -4.83 0.45 -5.52
N PHE A 75 -4.29 -0.64 -6.04
CA PHE A 75 -3.47 -0.58 -7.25
C PHE A 75 -4.38 -0.72 -8.46
N THR A 76 -4.06 0.00 -9.53
CA THR A 76 -4.92 0.01 -10.70
C THR A 76 -4.63 -1.15 -11.61
N CYS A 77 -3.37 -1.57 -11.70
CA CYS A 77 -3.05 -2.86 -12.26
C CYS A 77 -3.04 -3.87 -11.13
N GLU A 78 -3.40 -5.11 -11.43
CA GLU A 78 -3.53 -6.11 -10.39
C GLU A 78 -2.20 -6.80 -10.14
N MET A 79 -2.11 -7.47 -9.02
CA MET A 79 -0.92 -8.19 -8.63
C MET A 79 -1.30 -9.42 -7.83
N PHE A 80 -0.34 -10.28 -7.56
CA PHE A 80 -0.62 -11.52 -6.85
C PHE A 80 0.12 -11.49 -5.51
N HIS A 81 -0.50 -10.87 -4.52
CA HIS A 81 0.13 -10.67 -3.24
C HIS A 81 -0.90 -10.87 -2.12
N PRO A 82 -0.54 -11.68 -1.10
CA PRO A 82 -1.44 -12.07 -0.01
C PRO A 82 -2.07 -10.90 0.75
N ASN A 83 -1.37 -9.76 0.77
CA ASN A 83 -1.89 -8.58 1.46
C ASN A 83 -2.87 -7.82 0.56
N ILE A 84 -2.97 -8.24 -0.69
CA ILE A 84 -3.82 -7.58 -1.65
C ILE A 84 -5.16 -8.30 -1.77
N TYR A 85 -6.25 -7.57 -1.57
CA TYR A 85 -7.57 -8.08 -1.83
C TYR A 85 -7.73 -8.38 -3.31
N PRO A 86 -8.62 -9.31 -3.67
CA PRO A 86 -8.86 -9.69 -5.07
C PRO A 86 -9.42 -8.52 -5.87
N ASP A 87 -9.96 -7.57 -5.14
CA ASP A 87 -10.48 -6.32 -5.72
C ASP A 87 -9.35 -5.32 -5.99
N GLY A 88 -8.12 -5.71 -5.67
CA GLY A 88 -6.98 -4.83 -5.91
C GLY A 88 -6.65 -3.96 -4.71
N ARG A 89 -7.62 -3.84 -3.80
CA ARG A 89 -7.44 -3.07 -2.58
C ARG A 89 -6.26 -3.59 -1.76
N VAL A 90 -5.48 -2.67 -1.20
CA VAL A 90 -4.37 -3.03 -0.33
C VAL A 90 -4.91 -3.21 1.08
N CYS A 91 -4.74 -4.41 1.63
CA CYS A 91 -5.37 -4.73 2.89
C CYS A 91 -4.63 -4.10 4.06
N ILE A 92 -3.28 -4.09 4.00
CA ILE A 92 -2.40 -3.53 5.06
C ILE A 92 -3.14 -3.15 6.33
N SER A 93 -3.02 -3.99 7.34
CA SER A 93 -3.88 -3.93 8.51
C SER A 93 -3.70 -2.64 9.32
N ILE A 94 -2.84 -1.76 8.86
CA ILE A 94 -2.65 -0.47 9.48
C ILE A 94 -3.59 0.56 8.86
N LEU A 95 -4.04 0.31 7.64
CA LEU A 95 -5.14 1.07 7.06
C LEU A 95 -6.44 0.46 7.52
N HIS A 96 -6.29 -0.54 8.38
CA HIS A 96 -7.41 -1.25 8.93
C HIS A 96 -7.41 -1.14 10.45
N ALA A 97 -8.37 -1.79 11.05
CA ALA A 97 -8.54 -1.78 12.50
C ALA A 97 -9.26 -3.05 12.91
N PRO A 98 -9.24 -3.40 14.22
CA PRO A 98 -9.86 -4.63 14.74
C PRO A 98 -11.28 -4.85 14.26
N GLY A 99 -11.45 -5.82 13.37
CA GLY A 99 -12.77 -6.13 12.87
C GLY A 99 -12.78 -6.34 11.37
N ASP A 100 -11.99 -5.53 10.66
CA ASP A 100 -11.92 -5.63 9.21
C ASP A 100 -10.70 -6.48 8.83
N ASP A 101 -10.54 -7.58 9.55
CA ASP A 101 -9.44 -8.50 9.33
C ASP A 101 -9.91 -9.68 8.50
N PRO A 102 -9.22 -9.98 7.39
CA PRO A 102 -9.59 -11.08 6.51
C PRO A 102 -9.00 -12.42 6.95
N MET A 103 -8.67 -12.53 8.22
CA MET A 103 -8.06 -13.75 8.76
C MET A 103 -8.37 -13.94 10.25
N GLY A 104 -8.54 -12.84 10.98
CA GLY A 104 -8.80 -12.92 12.40
C GLY A 104 -7.53 -13.18 13.21
N TYR A 105 -6.40 -12.75 12.65
CA TYR A 105 -5.09 -12.90 13.27
C TYR A 105 -4.92 -11.95 14.46
N GLU A 106 -3.67 -11.71 14.87
CA GLU A 106 -3.36 -10.80 15.97
C GLU A 106 -4.00 -9.43 15.73
N SER A 107 -4.88 -9.04 16.65
CA SER A 107 -5.63 -7.81 16.49
C SER A 107 -4.83 -6.61 16.98
N SER A 108 -3.76 -6.88 17.72
CA SER A 108 -2.92 -5.81 18.25
C SER A 108 -1.67 -5.62 17.38
N ALA A 109 -1.71 -6.16 16.17
CA ALA A 109 -0.57 -6.11 15.25
C ALA A 109 -0.42 -4.74 14.58
N GLU A 110 -0.51 -3.68 15.38
CA GLU A 110 -0.43 -2.29 14.91
C GLU A 110 -1.59 -1.92 13.99
N ARG A 111 -2.40 -0.97 14.42
CA ARG A 111 -3.55 -0.53 13.67
C ARG A 111 -3.47 0.96 13.38
N TRP A 112 -4.44 1.44 12.61
CA TRP A 112 -4.47 2.85 12.24
C TRP A 112 -4.45 3.74 13.47
N SER A 113 -3.37 4.51 13.59
CA SER A 113 -3.20 5.43 14.69
C SER A 113 -2.87 6.81 14.14
N PRO A 114 -3.17 7.87 14.89
CA PRO A 114 -2.92 9.26 14.46
C PRO A 114 -1.45 9.56 14.17
N VAL A 115 -0.56 8.66 14.61
CA VAL A 115 0.88 8.83 14.38
C VAL A 115 1.32 8.19 13.04
N GLN A 116 0.35 7.76 12.23
CA GLN A 116 0.67 7.24 10.91
C GLN A 116 0.68 8.36 9.89
N SER A 117 1.38 8.16 8.78
CA SER A 117 1.43 9.15 7.72
C SER A 117 1.45 8.47 6.36
N VAL A 118 1.39 9.24 5.27
CA VAL A 118 1.32 8.65 3.93
C VAL A 118 2.62 7.90 3.61
N GLU A 119 3.74 8.45 4.08
CA GLU A 119 5.03 7.82 3.88
C GLU A 119 5.12 6.54 4.71
N LYS A 120 4.52 6.55 5.89
CA LYS A 120 4.47 5.37 6.74
C LYS A 120 3.71 4.25 6.02
N ILE A 121 2.56 4.61 5.46
CA ILE A 121 1.72 3.67 4.74
C ILE A 121 2.46 3.07 3.55
N LEU A 122 3.08 3.94 2.76
CA LEU A 122 3.77 3.51 1.55
C LEU A 122 5.06 2.75 1.87
N LEU A 123 5.68 3.04 3.01
CA LEU A 123 6.82 2.27 3.47
C LEU A 123 6.36 0.87 3.87
N SER A 124 5.15 0.79 4.40
CA SER A 124 4.53 -0.48 4.72
C SER A 124 4.22 -1.24 3.44
N VAL A 125 3.94 -0.50 2.38
CA VAL A 125 3.74 -1.08 1.05
C VAL A 125 5.04 -1.68 0.53
N VAL A 126 6.13 -0.93 0.65
CA VAL A 126 7.44 -1.40 0.19
C VAL A 126 7.87 -2.64 0.96
N SER A 127 7.73 -2.61 2.27
CA SER A 127 8.16 -3.71 3.12
C SER A 127 7.32 -4.97 2.89
N MET A 128 6.01 -4.79 2.68
CA MET A 128 5.13 -5.93 2.42
C MET A 128 5.50 -6.62 1.11
N LEU A 129 6.00 -5.83 0.16
CA LEU A 129 6.42 -6.37 -1.12
C LEU A 129 7.75 -7.11 -1.00
N ALA A 130 8.52 -6.77 0.02
CA ALA A 130 9.83 -7.39 0.23
C ALA A 130 9.70 -8.62 1.12
N GLU A 131 8.84 -8.53 2.12
CA GLU A 131 8.58 -9.63 3.02
C GLU A 131 7.11 -10.02 2.96
N PRO A 132 6.71 -10.71 1.87
CA PRO A 132 5.30 -11.07 1.63
C PRO A 132 4.63 -11.76 2.82
N ASN A 133 3.45 -11.26 3.16
CA ASN A 133 2.61 -11.85 4.21
C ASN A 133 3.23 -11.73 5.60
N ASP A 134 2.51 -11.03 6.45
CA ASP A 134 2.87 -10.95 7.86
C ASP A 134 1.61 -10.89 8.71
N GLU A 135 0.93 -9.77 8.63
CA GLU A 135 -0.30 -9.55 9.36
C GLU A 135 -1.52 -10.08 8.61
N SER A 136 -1.75 -9.52 7.43
CA SER A 136 -2.97 -9.78 6.68
C SER A 136 -3.02 -11.21 6.11
N GLY A 137 -4.01 -11.42 5.25
CA GLY A 137 -4.31 -12.72 4.71
C GLY A 137 -5.46 -12.60 3.73
N ALA A 138 -5.46 -11.46 3.03
CA ALA A 138 -6.54 -11.11 2.11
C ALA A 138 -6.66 -12.15 1.01
N ASN A 139 -5.59 -12.31 0.24
CA ASN A 139 -5.56 -13.29 -0.82
C ASN A 139 -4.93 -14.58 -0.32
N VAL A 140 -5.80 -15.49 0.13
CA VAL A 140 -5.37 -16.76 0.69
C VAL A 140 -4.57 -17.58 -0.32
N ASP A 141 -4.92 -17.43 -1.59
CA ASP A 141 -4.28 -18.21 -2.64
C ASP A 141 -2.88 -17.67 -2.89
N ALA A 142 -2.73 -16.37 -2.75
CA ALA A 142 -1.44 -15.72 -2.95
C ALA A 142 -0.49 -16.02 -1.81
N SER A 143 -1.03 -16.12 -0.59
CA SER A 143 -0.21 -16.48 0.56
C SER A 143 0.14 -17.97 0.49
N LYS A 144 -0.77 -18.75 -0.07
CA LYS A 144 -0.56 -20.17 -0.24
C LYS A 144 0.53 -20.39 -1.28
N MET A 145 0.38 -19.74 -2.42
CA MET A 145 1.39 -19.78 -3.48
C MET A 145 2.74 -19.25 -3.00
N TRP A 146 2.70 -18.28 -2.10
CA TRP A 146 3.92 -17.64 -1.61
C TRP A 146 4.69 -18.57 -0.68
N ARG A 147 3.98 -19.20 0.25
CA ARG A 147 4.64 -20.01 1.27
C ARG A 147 4.88 -21.45 0.81
N ASP A 148 3.99 -21.98 -0.03
CA ASP A 148 4.10 -23.37 -0.48
C ASP A 148 5.08 -23.49 -1.65
N ASP A 149 4.70 -22.96 -2.80
CA ASP A 149 5.53 -23.06 -4.00
C ASP A 149 6.06 -21.69 -4.36
N ARG A 150 7.08 -21.26 -3.63
CA ARG A 150 7.65 -19.92 -3.76
C ARG A 150 8.09 -19.62 -5.19
N GLU A 151 8.60 -20.64 -5.88
CA GLU A 151 9.06 -20.48 -7.25
C GLU A 151 7.91 -20.12 -8.19
N GLN A 152 6.73 -20.69 -7.93
CA GLN A 152 5.56 -20.39 -8.72
C GLN A 152 5.06 -18.98 -8.41
N PHE A 153 5.27 -18.56 -7.18
CA PHE A 153 4.95 -17.19 -6.78
C PHE A 153 5.85 -16.21 -7.53
N TYR A 154 7.14 -16.51 -7.51
CA TYR A 154 8.15 -15.67 -8.14
C TYR A 154 7.86 -15.43 -9.63
N LYS A 155 7.46 -16.47 -10.34
CA LYS A 155 7.18 -16.34 -11.78
C LYS A 155 5.95 -15.47 -12.03
N ILE A 156 4.94 -15.63 -11.19
CA ILE A 156 3.75 -14.78 -11.28
C ILE A 156 4.11 -13.34 -10.91
N ALA A 157 5.00 -13.19 -9.95
CA ALA A 157 5.47 -11.87 -9.54
C ALA A 157 6.13 -11.14 -10.71
N LYS A 158 6.98 -11.87 -11.45
CA LYS A 158 7.62 -11.31 -12.62
C LYS A 158 6.60 -11.03 -13.70
N GLN A 159 5.57 -11.87 -13.76
CA GLN A 159 4.47 -11.66 -14.67
C GLN A 159 3.79 -10.34 -14.39
N ILE A 160 3.50 -10.08 -13.12
CA ILE A 160 2.89 -8.83 -12.69
C ILE A 160 3.79 -7.65 -13.03
N VAL A 161 5.10 -7.84 -12.89
CA VAL A 161 6.07 -6.81 -13.26
C VAL A 161 5.89 -6.40 -14.72
N GLN A 162 5.84 -7.39 -15.60
CA GLN A 162 5.64 -7.13 -17.03
C GLN A 162 4.29 -6.48 -17.27
N LYS A 163 3.25 -7.04 -16.67
CA LYS A 163 1.89 -6.57 -16.89
C LYS A 163 1.70 -5.14 -16.40
N SER A 164 2.35 -4.81 -15.30
CA SER A 164 2.33 -3.46 -14.76
C SER A 164 3.06 -2.48 -15.69
N LEU A 165 4.03 -2.98 -16.45
CA LEU A 165 4.67 -2.18 -17.49
C LEU A 165 3.75 -2.11 -18.72
N GLY A 166 2.90 -3.11 -18.83
CA GLY A 166 1.93 -3.17 -19.91
C GLY A 166 2.13 -4.37 -20.80
N LEU A 167 2.68 -5.43 -20.25
CA LEU A 167 2.97 -6.64 -21.00
C LEU A 167 1.94 -7.72 -20.68
N MET A 3 -14.79 22.08 6.43
CA MET A 3 -14.37 20.90 7.21
C MET A 3 -13.13 20.26 6.59
N ALA A 4 -12.61 19.22 7.23
CA ALA A 4 -11.43 18.50 6.76
C ALA A 4 -10.19 19.39 6.69
N GLY A 5 -10.24 20.50 7.41
CA GLY A 5 -9.10 21.40 7.45
C GLY A 5 -7.89 20.78 8.13
N THR A 6 -8.11 20.02 9.18
CA THR A 6 -7.03 19.30 9.83
C THR A 6 -6.51 18.19 8.93
N ALA A 7 -7.35 17.73 8.01
CA ALA A 7 -6.94 16.74 7.03
C ALA A 7 -6.07 17.40 5.98
N LEU A 8 -6.55 18.53 5.47
CA LEU A 8 -5.80 19.35 4.53
C LEU A 8 -4.43 19.71 5.13
N LYS A 9 -4.46 20.18 6.37
CA LYS A 9 -3.26 20.48 7.13
C LYS A 9 -2.31 19.29 7.19
N ARG A 10 -2.81 18.14 7.64
CA ARG A 10 -1.99 16.95 7.76
C ARG A 10 -1.41 16.55 6.41
N LEU A 11 -2.24 16.52 5.39
CA LEU A 11 -1.79 16.15 4.05
C LEU A 11 -0.84 17.18 3.46
N MET A 12 -0.93 18.43 3.89
CA MET A 12 0.04 19.45 3.47
C MET A 12 1.36 19.25 4.19
N ALA A 13 1.30 18.83 5.45
CA ALA A 13 2.49 18.43 6.17
C ALA A 13 3.13 17.24 5.50
N GLU A 14 2.34 16.21 5.21
CA GLU A 14 2.79 15.03 4.51
C GLU A 14 3.39 15.42 3.15
N TYR A 15 2.67 16.29 2.45
CA TYR A 15 3.09 16.82 1.17
C TYR A 15 4.51 17.33 1.25
N LYS A 16 4.69 18.31 2.11
CA LYS A 16 5.98 18.94 2.29
C LYS A 16 7.07 17.96 2.68
N GLN A 17 6.77 16.93 3.47
CA GLN A 17 7.79 15.93 3.80
C GLN A 17 8.18 15.17 2.55
N LEU A 18 7.19 14.86 1.73
CA LEU A 18 7.42 14.20 0.45
C LEU A 18 8.12 15.13 -0.52
N THR A 19 8.12 16.42 -0.21
CA THR A 19 8.82 17.40 -1.03
C THR A 19 10.25 17.57 -0.54
N LEU A 20 10.40 17.83 0.75
CA LEU A 20 11.69 18.03 1.38
C LEU A 20 12.54 16.75 1.38
N ASN A 21 11.90 15.62 1.69
CA ASN A 21 12.62 14.35 1.81
C ASN A 21 11.80 13.23 1.18
N PRO A 22 11.80 13.13 -0.16
CA PRO A 22 11.03 12.12 -0.87
C PRO A 22 11.75 10.78 -0.95
N PRO A 23 11.20 9.74 -0.30
CA PRO A 23 11.73 8.39 -0.39
C PRO A 23 11.65 7.83 -1.79
N GLU A 24 12.80 7.70 -2.41
CA GLU A 24 12.91 7.14 -3.75
C GLU A 24 12.23 5.78 -3.85
N GLY A 25 11.51 5.60 -4.94
CA GLY A 25 10.76 4.38 -5.16
C GLY A 25 9.30 4.55 -4.80
N ILE A 26 8.99 5.62 -4.07
CA ILE A 26 7.63 5.96 -3.71
C ILE A 26 7.26 7.28 -4.35
N VAL A 27 6.28 7.26 -5.22
CA VAL A 27 5.85 8.43 -5.95
C VAL A 27 4.37 8.65 -5.68
N ALA A 28 3.96 9.80 -5.17
CA ALA A 28 2.55 10.06 -4.95
C ALA A 28 2.23 11.54 -5.00
N GLY A 29 1.14 11.90 -5.65
CA GLY A 29 0.68 13.27 -5.64
C GLY A 29 -0.81 13.33 -5.86
N PRO A 30 -1.49 14.40 -5.42
CA PRO A 30 -2.95 14.51 -5.55
C PRO A 30 -3.41 14.38 -7.00
N MET A 31 -4.41 13.55 -7.23
CA MET A 31 -4.99 13.36 -8.55
C MET A 31 -5.75 14.62 -8.94
N ASN A 32 -5.07 15.52 -9.62
CA ASN A 32 -5.53 16.89 -9.84
C ASN A 32 -5.40 17.63 -8.51
N GLU A 33 -4.39 18.47 -8.43
CA GLU A 33 -3.92 19.04 -7.17
C GLU A 33 -4.87 20.07 -6.55
N GLU A 34 -6.13 20.00 -6.92
CA GLU A 34 -7.17 20.73 -6.22
C GLU A 34 -7.80 19.79 -5.22
N ASN A 35 -7.89 18.54 -5.64
CA ASN A 35 -8.42 17.46 -4.82
C ASN A 35 -7.28 16.80 -4.05
N PHE A 36 -7.03 17.31 -2.85
CA PHE A 36 -5.97 16.78 -2.00
C PHE A 36 -6.45 15.56 -1.23
N PHE A 37 -7.71 15.21 -1.37
CA PHE A 37 -8.28 14.08 -0.65
C PHE A 37 -8.27 12.82 -1.51
N GLU A 38 -7.47 12.84 -2.56
CA GLU A 38 -7.33 11.71 -3.45
C GLU A 38 -5.99 11.83 -4.17
N TRP A 39 -5.11 10.86 -3.96
CA TRP A 39 -3.76 10.94 -4.49
C TRP A 39 -3.53 9.79 -5.44
N GLU A 40 -2.71 9.99 -6.45
CA GLU A 40 -2.40 8.96 -7.41
C GLU A 40 -0.92 8.64 -7.22
N ALA A 41 -0.57 7.38 -7.18
CA ALA A 41 0.75 7.02 -6.71
C ALA A 41 1.34 5.90 -7.56
N LEU A 42 2.66 5.91 -7.64
CA LEU A 42 3.42 4.89 -8.32
C LEU A 42 4.24 4.15 -7.29
N ILE A 43 4.01 2.86 -7.14
CA ILE A 43 4.73 2.07 -6.17
C ILE A 43 5.80 1.29 -6.91
N MET A 44 7.03 1.78 -6.83
CA MET A 44 8.13 1.13 -7.49
C MET A 44 8.62 0.01 -6.59
N GLY A 45 8.72 -1.18 -7.17
CA GLY A 45 9.13 -2.35 -6.45
C GLY A 45 10.36 -2.13 -5.59
N PRO A 46 10.38 -2.73 -4.38
CA PRO A 46 11.37 -2.50 -3.33
C PRO A 46 12.69 -1.92 -3.76
N GLU A 47 13.61 -2.75 -4.25
CA GLU A 47 14.96 -2.29 -4.60
C GLU A 47 15.87 -3.49 -4.86
N ASP A 48 15.49 -4.65 -4.34
CA ASP A 48 16.28 -5.87 -4.51
C ASP A 48 15.35 -7.07 -4.35
N THR A 49 14.25 -7.04 -5.08
CA THR A 49 13.22 -8.06 -4.94
C THR A 49 12.63 -8.47 -6.27
N CYS A 50 11.63 -9.35 -6.18
CA CYS A 50 10.98 -9.91 -7.35
C CYS A 50 9.91 -8.95 -7.87
N PHE A 51 9.81 -7.79 -7.25
CA PHE A 51 8.85 -6.78 -7.65
C PHE A 51 9.55 -5.47 -8.00
N GLU A 52 10.88 -5.40 -7.81
CA GLU A 52 11.63 -4.14 -7.92
C GLU A 52 11.29 -3.35 -9.17
N PHE A 53 11.80 -3.82 -10.29
CA PHE A 53 11.51 -3.24 -11.61
C PHE A 53 10.02 -2.91 -11.86
N GLY A 54 9.11 -3.48 -11.10
CA GLY A 54 7.71 -3.22 -11.33
C GLY A 54 7.28 -1.86 -10.85
N VAL A 55 6.37 -1.23 -11.58
CA VAL A 55 5.86 0.08 -11.20
C VAL A 55 4.35 -0.02 -11.08
N PHE A 56 3.87 -0.15 -9.85
CA PHE A 56 2.47 -0.45 -9.61
C PHE A 56 1.71 0.79 -9.17
N PRO A 57 0.85 1.32 -10.03
CA PRO A 57 0.03 2.50 -9.73
C PRO A 57 -1.07 2.19 -8.73
N ALA A 58 -1.32 3.13 -7.83
CA ALA A 58 -2.38 2.99 -6.86
C ALA A 58 -2.97 4.35 -6.53
N ILE A 59 -4.16 4.34 -5.97
CA ILE A 59 -4.83 5.58 -5.61
C ILE A 59 -5.23 5.55 -4.14
N LEU A 60 -4.93 6.64 -3.46
CA LEU A 60 -5.22 6.76 -2.05
C LEU A 60 -6.31 7.78 -1.83
N SER A 61 -7.39 7.35 -1.21
CA SER A 61 -8.52 8.22 -0.96
C SER A 61 -8.50 8.66 0.49
N PHE A 62 -8.41 9.96 0.72
CA PHE A 62 -8.28 10.49 2.05
C PHE A 62 -9.63 11.00 2.55
N PRO A 63 -10.00 10.62 3.76
CA PRO A 63 -11.31 10.96 4.34
C PRO A 63 -11.35 12.38 4.89
N LEU A 64 -12.56 12.93 4.94
CA LEU A 64 -12.79 14.24 5.54
C LEU A 64 -12.72 14.15 7.08
N ASP A 65 -11.86 13.27 7.55
CA ASP A 65 -11.65 13.03 8.97
C ASP A 65 -10.16 12.80 9.25
N TYR A 66 -9.35 12.73 8.19
CA TYR A 66 -7.91 12.50 8.30
C TYR A 66 -7.27 13.58 9.19
N PRO A 67 -6.24 13.25 9.97
CA PRO A 67 -5.65 11.91 10.03
C PRO A 67 -6.22 11.07 11.19
N LEU A 68 -7.47 11.36 11.53
CA LEU A 68 -8.15 10.67 12.62
C LEU A 68 -8.63 9.29 12.19
N SER A 69 -9.07 9.20 10.95
CA SER A 69 -9.54 7.96 10.38
C SER A 69 -8.57 7.42 9.33
N PRO A 70 -8.49 6.09 9.18
CA PRO A 70 -7.60 5.44 8.21
C PRO A 70 -8.04 5.69 6.78
N PRO A 71 -7.13 6.20 5.93
CA PRO A 71 -7.41 6.45 4.52
C PRO A 71 -7.59 5.16 3.72
N LYS A 72 -8.20 5.30 2.56
CA LYS A 72 -8.48 4.19 1.66
C LYS A 72 -7.35 4.07 0.64
N MET A 73 -7.04 2.85 0.21
CA MET A 73 -5.96 2.64 -0.75
C MET A 73 -6.26 1.45 -1.65
N ARG A 74 -6.12 1.65 -2.95
CA ARG A 74 -6.37 0.61 -3.92
C ARG A 74 -5.36 0.68 -5.06
N PHE A 75 -5.01 -0.47 -5.61
CA PHE A 75 -4.10 -0.52 -6.75
C PHE A 75 -4.90 -0.53 -8.05
N THR A 76 -4.45 0.22 -9.04
CA THR A 76 -5.15 0.28 -10.32
C THR A 76 -4.46 -0.57 -11.37
N CYS A 77 -3.39 -1.25 -10.96
CA CYS A 77 -2.69 -2.19 -11.82
C CYS A 77 -3.10 -3.60 -11.44
N GLU A 78 -2.88 -4.55 -12.33
CA GLU A 78 -3.07 -5.96 -12.00
C GLU A 78 -2.03 -6.37 -10.95
N MET A 79 -2.43 -7.24 -10.03
CA MET A 79 -1.55 -7.62 -8.93
C MET A 79 -1.92 -8.98 -8.37
N PHE A 80 -0.97 -9.59 -7.70
CA PHE A 80 -1.15 -10.90 -7.09
C PHE A 80 -0.31 -10.97 -5.81
N HIS A 81 -0.94 -10.56 -4.72
CA HIS A 81 -0.25 -10.46 -3.44
C HIS A 81 -1.23 -10.78 -2.31
N PRO A 82 -0.80 -11.64 -1.37
CA PRO A 82 -1.67 -12.21 -0.31
C PRO A 82 -2.30 -11.15 0.60
N ASN A 83 -1.58 -10.07 0.88
CA ASN A 83 -2.13 -9.02 1.74
C ASN A 83 -3.10 -8.13 0.96
N ILE A 84 -3.11 -8.31 -0.35
CA ILE A 84 -3.99 -7.54 -1.19
C ILE A 84 -5.22 -8.36 -1.56
N TYR A 85 -6.39 -7.74 -1.46
CA TYR A 85 -7.62 -8.36 -1.88
C TYR A 85 -7.60 -8.45 -3.40
N PRO A 86 -8.33 -9.43 -3.97
CA PRO A 86 -8.27 -9.76 -5.40
C PRO A 86 -8.76 -8.62 -6.27
N ASP A 87 -9.56 -7.75 -5.68
CA ASP A 87 -10.08 -6.58 -6.38
C ASP A 87 -9.10 -5.41 -6.31
N GLY A 88 -7.99 -5.59 -5.61
CA GLY A 88 -6.98 -4.54 -5.55
C GLY A 88 -6.85 -3.89 -4.18
N ARG A 89 -7.91 -3.92 -3.39
CA ARG A 89 -7.88 -3.31 -2.05
C ARG A 89 -6.76 -3.86 -1.18
N VAL A 90 -6.02 -2.96 -0.55
CA VAL A 90 -4.94 -3.35 0.35
C VAL A 90 -5.49 -3.57 1.75
N CYS A 91 -5.20 -4.75 2.32
CA CYS A 91 -5.73 -5.13 3.62
C CYS A 91 -4.99 -4.46 4.76
N ILE A 92 -3.64 -4.47 4.69
CA ILE A 92 -2.73 -3.90 5.74
C ILE A 92 -3.44 -3.34 6.97
N SER A 93 -3.30 -4.02 8.11
CA SER A 93 -4.06 -3.71 9.32
C SER A 93 -3.96 -2.24 9.74
N ILE A 94 -2.89 -1.57 9.33
CA ILE A 94 -2.71 -0.17 9.67
C ILE A 94 -3.86 0.69 9.11
N LEU A 95 -4.23 0.45 7.86
CA LEU A 95 -5.32 1.18 7.23
C LEU A 95 -6.65 0.44 7.38
N HIS A 96 -6.59 -0.72 8.01
CA HIS A 96 -7.74 -1.61 8.07
C HIS A 96 -8.67 -1.27 9.22
N ALA A 97 -8.33 -1.71 10.43
CA ALA A 97 -9.24 -1.58 11.57
C ALA A 97 -8.49 -1.80 12.88
N PRO A 98 -8.96 -1.16 13.97
CA PRO A 98 -8.44 -1.39 15.32
C PRO A 98 -8.90 -2.73 15.88
N GLY A 99 -9.99 -3.24 15.30
CA GLY A 99 -10.49 -4.55 15.66
C GLY A 99 -10.70 -5.40 14.42
N ASP A 100 -9.62 -5.70 13.73
CA ASP A 100 -9.66 -6.37 12.45
C ASP A 100 -9.71 -7.90 12.60
N ASP A 101 -10.33 -8.35 13.69
CA ASP A 101 -10.50 -9.77 13.98
C ASP A 101 -9.17 -10.42 14.37
N PRO A 102 -9.22 -11.38 15.32
CA PRO A 102 -8.03 -12.10 15.77
C PRO A 102 -7.50 -13.06 14.71
N MET A 103 -6.91 -12.51 13.67
CA MET A 103 -6.36 -13.30 12.58
C MET A 103 -4.95 -13.79 12.93
N GLY A 104 -4.45 -13.30 14.05
CA GLY A 104 -3.13 -13.70 14.51
C GLY A 104 -2.03 -12.90 13.84
N TYR A 105 -2.25 -11.61 13.70
CA TYR A 105 -1.26 -10.72 13.09
C TYR A 105 -0.06 -10.59 13.99
N GLU A 106 1.11 -10.52 13.38
CA GLU A 106 2.38 -10.53 14.11
C GLU A 106 3.35 -9.51 13.54
N SER A 107 4.56 -9.52 14.10
CA SER A 107 5.67 -8.65 13.67
C SER A 107 5.32 -7.16 13.86
N SER A 108 4.70 -6.57 12.87
CA SER A 108 4.31 -5.17 12.96
C SER A 108 2.97 -5.05 13.66
N ALA A 109 1.93 -5.59 13.04
CA ALA A 109 0.56 -5.48 13.56
C ALA A 109 0.22 -4.03 13.87
N GLU A 110 0.54 -3.15 12.93
CA GLU A 110 0.34 -1.72 13.10
C GLU A 110 -1.14 -1.36 13.02
N ARG A 111 -1.56 -0.45 13.87
CA ARG A 111 -2.91 0.08 13.85
C ARG A 111 -2.85 1.56 13.56
N TRP A 112 -3.86 2.06 12.85
CA TRP A 112 -3.92 3.48 12.54
C TRP A 112 -3.91 4.32 13.82
N SER A 113 -2.92 5.18 13.89
CA SER A 113 -2.79 6.15 14.96
C SER A 113 -2.23 7.43 14.35
N PRO A 114 -2.33 8.58 15.05
CA PRO A 114 -1.87 9.88 14.52
C PRO A 114 -0.37 9.91 14.23
N VAL A 115 0.33 8.84 14.60
CA VAL A 115 1.75 8.72 14.37
C VAL A 115 2.04 8.13 12.98
N GLN A 116 0.99 7.70 12.29
CA GLN A 116 1.16 7.11 10.96
C GLN A 116 1.23 8.20 9.89
N SER A 117 2.02 7.96 8.86
CA SER A 117 2.20 8.94 7.80
C SER A 117 2.10 8.27 6.42
N VAL A 118 2.01 9.07 5.37
CA VAL A 118 1.90 8.53 4.01
C VAL A 118 3.22 7.87 3.61
N GLU A 119 4.30 8.39 4.17
CA GLU A 119 5.62 7.82 3.99
C GLU A 119 5.65 6.40 4.57
N LYS A 120 5.26 6.27 5.83
CA LYS A 120 5.30 4.99 6.50
C LYS A 120 4.40 3.97 5.80
N ILE A 121 3.21 4.41 5.38
CA ILE A 121 2.25 3.53 4.71
C ILE A 121 2.87 2.90 3.46
N LEU A 122 3.44 3.72 2.59
CA LEU A 122 3.97 3.22 1.32
C LEU A 122 5.26 2.43 1.52
N LEU A 123 6.01 2.74 2.58
CA LEU A 123 7.17 1.93 2.93
C LEU A 123 6.72 0.57 3.48
N SER A 124 5.56 0.57 4.11
CA SER A 124 4.93 -0.67 4.57
C SER A 124 4.49 -1.49 3.36
N VAL A 125 4.07 -0.80 2.31
CA VAL A 125 3.73 -1.44 1.04
C VAL A 125 4.96 -2.10 0.44
N VAL A 126 6.07 -1.38 0.43
CA VAL A 126 7.36 -1.90 -0.04
C VAL A 126 7.76 -3.14 0.75
N SER A 127 7.55 -3.09 2.05
CA SER A 127 7.93 -4.19 2.93
C SER A 127 7.11 -5.45 2.61
N MET A 128 5.82 -5.27 2.37
CA MET A 128 4.95 -6.39 2.07
C MET A 128 5.24 -6.96 0.67
N LEU A 129 5.67 -6.10 -0.25
CA LEU A 129 6.02 -6.54 -1.59
C LEU A 129 7.23 -7.47 -1.57
N ALA A 130 8.10 -7.25 -0.59
CA ALA A 130 9.24 -8.12 -0.39
C ALA A 130 8.83 -9.33 0.44
N GLU A 131 8.51 -9.08 1.69
CA GLU A 131 8.00 -10.11 2.58
C GLU A 131 6.48 -9.98 2.71
N PRO A 132 5.74 -10.91 2.08
CA PRO A 132 4.27 -10.99 2.19
C PRO A 132 3.79 -11.15 3.64
N ASN A 133 2.49 -11.33 3.81
CA ASN A 133 1.91 -11.44 5.15
C ASN A 133 1.55 -12.87 5.49
N ASP A 134 2.49 -13.50 6.18
CA ASP A 134 2.35 -14.89 6.59
C ASP A 134 1.55 -15.03 7.89
N GLU A 135 0.31 -14.53 7.88
CA GLU A 135 -0.58 -14.70 9.01
C GLU A 135 -2.03 -14.44 8.59
N SER A 136 -2.24 -13.35 7.87
CA SER A 136 -3.56 -12.97 7.41
C SER A 136 -3.96 -13.73 6.15
N GLY A 137 -3.54 -13.21 5.01
CA GLY A 137 -3.90 -13.80 3.74
C GLY A 137 -5.23 -13.29 3.22
N ALA A 138 -5.28 -12.00 2.89
CA ALA A 138 -6.44 -11.41 2.22
C ALA A 138 -6.79 -12.22 0.98
N ASN A 139 -5.80 -12.40 0.12
CA ASN A 139 -5.94 -13.25 -1.05
C ASN A 139 -5.34 -14.61 -0.79
N VAL A 140 -6.19 -15.61 -0.56
CA VAL A 140 -5.71 -16.95 -0.21
C VAL A 140 -5.01 -17.59 -1.38
N ASP A 141 -5.43 -17.29 -2.60
CA ASP A 141 -4.79 -17.87 -3.78
C ASP A 141 -3.33 -17.42 -3.83
N ALA A 142 -3.11 -16.19 -3.40
CA ALA A 142 -1.77 -15.62 -3.37
C ALA A 142 -0.97 -16.10 -2.16
N SER A 143 -1.63 -16.20 -1.00
CA SER A 143 -0.93 -16.61 0.21
C SER A 143 -0.63 -18.10 0.19
N LYS A 144 -1.53 -18.86 -0.42
CA LYS A 144 -1.35 -20.28 -0.58
C LYS A 144 -0.18 -20.53 -1.53
N MET A 145 -0.18 -19.80 -2.64
CA MET A 145 0.94 -19.84 -3.59
C MET A 145 2.26 -19.44 -2.93
N TRP A 146 2.20 -18.55 -1.94
CA TRP A 146 3.39 -18.06 -1.27
C TRP A 146 3.86 -19.05 -0.21
N ARG A 147 2.90 -19.66 0.47
CA ARG A 147 3.18 -20.59 1.53
C ARG A 147 3.61 -21.94 0.97
N ASP A 148 3.03 -22.33 -0.15
CA ASP A 148 3.31 -23.64 -0.72
C ASP A 148 4.58 -23.64 -1.56
N ASP A 149 4.79 -22.60 -2.36
CA ASP A 149 5.95 -22.56 -3.24
C ASP A 149 6.42 -21.14 -3.50
N ARG A 150 7.44 -20.73 -2.74
CA ARG A 150 8.04 -19.39 -2.87
C ARG A 150 8.52 -19.09 -4.29
N GLU A 151 8.70 -20.12 -5.10
CA GLU A 151 9.28 -19.94 -6.43
C GLU A 151 8.16 -19.63 -7.42
N GLN A 152 7.01 -20.25 -7.17
CA GLN A 152 5.81 -19.97 -7.94
C GLN A 152 5.38 -18.53 -7.72
N PHE A 153 5.55 -18.06 -6.50
CA PHE A 153 5.26 -16.67 -6.16
C PHE A 153 6.22 -15.75 -6.89
N TYR A 154 7.51 -16.07 -6.78
CA TYR A 154 8.57 -15.26 -7.37
C TYR A 154 8.39 -15.07 -8.88
N LYS A 155 7.97 -16.11 -9.60
CA LYS A 155 7.82 -16.01 -11.04
C LYS A 155 6.60 -15.15 -11.40
N ILE A 156 5.50 -15.37 -10.69
CA ILE A 156 4.28 -14.60 -10.93
C ILE A 156 4.49 -13.14 -10.51
N ALA A 157 5.36 -12.93 -9.54
CA ALA A 157 5.74 -11.59 -9.12
C ALA A 157 6.37 -10.85 -10.29
N LYS A 158 7.37 -11.47 -10.92
CA LYS A 158 8.03 -10.88 -12.06
C LYS A 158 7.08 -10.77 -13.25
N GLN A 159 6.12 -11.68 -13.32
CA GLN A 159 5.08 -11.63 -14.33
C GLN A 159 4.37 -10.28 -14.27
N ILE A 160 3.92 -9.91 -13.08
CA ILE A 160 3.26 -8.63 -12.86
C ILE A 160 4.22 -7.49 -13.15
N VAL A 161 5.50 -7.70 -12.84
CA VAL A 161 6.53 -6.70 -13.09
C VAL A 161 6.61 -6.36 -14.58
N GLN A 162 6.67 -7.39 -15.42
CA GLN A 162 6.74 -7.18 -16.85
C GLN A 162 5.44 -6.56 -17.37
N LYS A 163 4.32 -6.99 -16.79
CA LYS A 163 3.02 -6.43 -17.14
C LYS A 163 3.01 -4.93 -16.86
N SER A 164 3.65 -4.57 -15.75
CA SER A 164 3.81 -3.18 -15.37
C SER A 164 4.76 -2.47 -16.33
N LEU A 165 5.78 -3.21 -16.79
CA LEU A 165 6.75 -2.70 -17.74
C LEU A 165 6.19 -2.70 -19.16
N GLY A 166 4.95 -3.15 -19.30
CA GLY A 166 4.28 -3.11 -20.59
C GLY A 166 4.44 -4.38 -21.40
N LEU A 167 4.53 -5.52 -20.73
CA LEU A 167 4.61 -6.80 -21.39
C LEU A 167 3.32 -7.58 -21.18
N MET A 3 -14.85 21.41 7.41
CA MET A 3 -14.74 20.24 8.32
C MET A 3 -13.56 19.34 7.94
N ALA A 4 -12.70 19.84 7.07
CA ALA A 4 -11.58 19.04 6.58
C ALA A 4 -10.26 19.79 6.68
N GLY A 5 -10.25 20.83 7.50
CA GLY A 5 -9.05 21.63 7.66
C GLY A 5 -7.94 20.91 8.39
N THR A 6 -8.30 20.12 9.39
CA THR A 6 -7.32 19.30 10.10
C THR A 6 -6.79 18.21 9.17
N ALA A 7 -7.67 17.73 8.30
CA ALA A 7 -7.27 16.76 7.28
C ALA A 7 -6.31 17.41 6.30
N LEU A 8 -6.72 18.55 5.77
CA LEU A 8 -5.90 19.31 4.83
C LEU A 8 -4.55 19.66 5.42
N LYS A 9 -4.51 20.22 6.63
CA LYS A 9 -3.25 20.63 7.23
C LYS A 9 -2.29 19.45 7.40
N ARG A 10 -2.83 18.28 7.70
CA ARG A 10 -1.99 17.08 7.86
C ARG A 10 -1.41 16.65 6.52
N LEU A 11 -2.26 16.63 5.51
CA LEU A 11 -1.85 16.22 4.15
C LEU A 11 -1.01 17.28 3.47
N MET A 12 -1.13 18.54 3.88
CA MET A 12 -0.28 19.59 3.33
C MET A 12 1.14 19.42 3.84
N ALA A 13 1.26 19.04 5.10
CA ALA A 13 2.55 18.72 5.69
C ALA A 13 3.17 17.52 4.97
N GLU A 14 2.35 16.48 4.74
CA GLU A 14 2.78 15.33 3.99
C GLU A 14 3.23 15.73 2.59
N TYR A 15 2.41 16.57 1.97
CA TYR A 15 2.69 17.12 0.65
C TYR A 15 4.06 17.73 0.62
N LYS A 16 4.22 18.79 1.39
CA LYS A 16 5.47 19.52 1.48
C LYS A 16 6.68 18.62 1.70
N GLN A 17 6.59 17.65 2.61
CA GLN A 17 7.73 16.76 2.86
C GLN A 17 7.98 15.85 1.68
N LEU A 18 6.91 15.35 1.08
CA LEU A 18 7.02 14.51 -0.11
C LEU A 18 7.60 15.28 -1.28
N THR A 19 7.23 16.54 -1.39
CA THR A 19 7.73 17.41 -2.46
C THR A 19 9.19 17.80 -2.19
N LEU A 20 9.48 18.25 -0.99
CA LEU A 20 10.80 18.70 -0.61
C LEU A 20 11.80 17.54 -0.51
N ASN A 21 11.35 16.42 0.04
CA ASN A 21 12.22 15.26 0.20
C ASN A 21 11.50 13.98 -0.21
N PRO A 22 11.49 13.69 -1.53
CA PRO A 22 10.82 12.50 -2.06
C PRO A 22 11.60 11.23 -1.75
N PRO A 23 10.99 10.30 -0.99
CA PRO A 23 11.60 9.02 -0.66
C PRO A 23 11.93 8.20 -1.90
N GLU A 24 12.96 7.38 -1.80
CA GLU A 24 13.32 6.50 -2.90
C GLU A 24 12.38 5.30 -2.90
N GLY A 25 12.07 4.78 -4.08
CA GLY A 25 11.12 3.70 -4.18
C GLY A 25 9.66 4.14 -4.04
N ILE A 26 9.40 5.27 -3.41
CA ILE A 26 8.04 5.72 -3.16
C ILE A 26 7.80 7.05 -3.81
N VAL A 27 6.80 7.09 -4.66
CA VAL A 27 6.40 8.29 -5.33
C VAL A 27 4.92 8.52 -5.02
N ALA A 28 4.54 9.61 -4.38
CA ALA A 28 3.14 9.81 -4.07
C ALA A 28 2.79 11.29 -3.98
N GLY A 29 1.65 11.66 -4.54
CA GLY A 29 1.16 13.01 -4.40
C GLY A 29 -0.30 13.09 -4.76
N PRO A 30 -0.96 14.23 -4.51
CA PRO A 30 -2.38 14.40 -4.82
C PRO A 30 -2.65 14.18 -6.30
N MET A 31 -3.49 13.19 -6.60
CA MET A 31 -3.72 12.76 -7.99
C MET A 31 -4.23 13.89 -8.86
N ASN A 32 -4.79 14.92 -8.26
CA ASN A 32 -5.41 16.02 -8.99
C ASN A 32 -5.69 17.16 -8.01
N GLU A 33 -5.35 18.37 -8.43
CA GLU A 33 -5.31 19.54 -7.55
C GLU A 33 -6.67 19.86 -6.91
N GLU A 34 -7.74 19.58 -7.65
CA GLU A 34 -9.10 19.90 -7.20
C GLU A 34 -9.48 19.10 -5.96
N ASN A 35 -8.83 17.98 -5.76
CA ASN A 35 -9.18 17.08 -4.65
C ASN A 35 -7.93 16.65 -3.88
N PHE A 36 -7.77 17.20 -2.68
CA PHE A 36 -6.64 16.87 -1.83
C PHE A 36 -6.97 15.68 -0.92
N PHE A 37 -7.89 14.85 -1.39
CA PHE A 37 -8.34 13.69 -0.62
C PHE A 37 -8.26 12.44 -1.47
N GLU A 38 -7.55 12.57 -2.58
CA GLU A 38 -7.29 11.45 -3.46
C GLU A 38 -5.88 11.61 -3.99
N TRP A 39 -5.01 10.68 -3.63
CA TRP A 39 -3.60 10.81 -3.93
C TRP A 39 -3.19 9.60 -4.74
N GLU A 40 -2.22 9.75 -5.63
CA GLU A 40 -1.77 8.65 -6.46
C GLU A 40 -0.35 8.31 -6.04
N ALA A 41 0.01 7.05 -6.11
CA ALA A 41 1.34 6.65 -5.70
C ALA A 41 1.90 5.63 -6.68
N LEU A 42 3.20 5.70 -6.87
CA LEU A 42 3.93 4.76 -7.66
C LEU A 42 4.78 3.93 -6.73
N ILE A 43 4.51 2.65 -6.64
CA ILE A 43 5.19 1.79 -5.70
C ILE A 43 6.30 1.06 -6.41
N MET A 44 7.51 1.57 -6.28
CA MET A 44 8.66 0.96 -6.89
C MET A 44 9.10 -0.20 -6.02
N GLY A 45 8.92 -1.39 -6.58
CA GLY A 45 9.12 -2.63 -5.87
C GLY A 45 10.38 -2.70 -5.02
N PRO A 46 10.29 -3.39 -3.87
CA PRO A 46 11.42 -3.60 -2.96
C PRO A 46 12.64 -4.16 -3.67
N GLU A 47 13.81 -3.60 -3.41
CA GLU A 47 15.04 -4.14 -3.95
C GLU A 47 15.36 -5.46 -3.27
N ASP A 48 15.90 -6.38 -4.05
CA ASP A 48 16.39 -7.66 -3.56
C ASP A 48 15.21 -8.58 -3.31
N THR A 49 14.17 -8.41 -4.11
CA THR A 49 12.99 -9.25 -4.07
C THR A 49 12.68 -9.66 -5.50
N CYS A 50 11.44 -10.02 -5.81
CA CYS A 50 11.07 -10.25 -7.19
C CYS A 50 10.27 -9.08 -7.75
N PHE A 51 9.82 -8.19 -6.86
CA PHE A 51 8.95 -7.10 -7.26
C PHE A 51 9.73 -5.83 -7.53
N GLU A 52 11.05 -5.88 -7.36
CA GLU A 52 11.94 -4.70 -7.49
C GLU A 52 11.57 -3.79 -8.64
N PHE A 53 12.08 -4.10 -9.81
CA PHE A 53 11.76 -3.37 -11.05
C PHE A 53 10.28 -3.08 -11.29
N GLY A 54 9.38 -3.69 -10.53
CA GLY A 54 7.97 -3.45 -10.74
C GLY A 54 7.56 -2.08 -10.27
N VAL A 55 6.66 -1.44 -10.99
CA VAL A 55 6.19 -0.12 -10.64
C VAL A 55 4.67 -0.16 -10.53
N PHE A 56 4.19 -0.28 -9.32
CA PHE A 56 2.78 -0.52 -9.07
C PHE A 56 2.06 0.75 -8.67
N PRO A 57 1.23 1.29 -9.58
CA PRO A 57 0.46 2.51 -9.32
C PRO A 57 -0.74 2.23 -8.44
N ALA A 58 -1.02 3.16 -7.54
CA ALA A 58 -2.12 3.00 -6.61
C ALA A 58 -2.73 4.34 -6.27
N ILE A 59 -3.92 4.29 -5.69
CA ILE A 59 -4.65 5.48 -5.29
C ILE A 59 -5.01 5.37 -3.82
N LEU A 60 -4.77 6.43 -3.08
CA LEU A 60 -5.10 6.49 -1.68
C LEU A 60 -6.30 7.41 -1.49
N SER A 61 -7.37 6.85 -0.96
CA SER A 61 -8.60 7.59 -0.78
C SER A 61 -8.71 8.08 0.66
N PHE A 62 -8.81 9.39 0.82
CA PHE A 62 -8.93 10.00 2.12
C PHE A 62 -10.38 10.31 2.40
N PRO A 63 -10.88 9.82 3.54
CA PRO A 63 -12.30 9.87 3.90
C PRO A 63 -12.80 11.27 4.22
N LEU A 64 -12.31 11.80 5.33
CA LEU A 64 -12.74 13.09 5.86
C LEU A 64 -12.06 13.34 7.20
N ASP A 65 -12.01 12.29 8.01
CA ASP A 65 -11.58 12.41 9.39
C ASP A 65 -10.10 12.10 9.54
N TYR A 66 -9.37 12.11 8.44
CA TYR A 66 -7.91 11.99 8.48
C TYR A 66 -7.34 13.20 9.21
N PRO A 67 -6.27 13.04 10.03
CA PRO A 67 -5.57 11.78 10.24
C PRO A 67 -6.06 11.01 11.47
N LEU A 68 -7.28 11.32 11.90
CA LEU A 68 -7.92 10.62 13.00
C LEU A 68 -8.44 9.26 12.53
N SER A 69 -8.89 9.23 11.29
CA SER A 69 -9.37 8.02 10.67
C SER A 69 -8.45 7.61 9.52
N PRO A 70 -8.21 6.31 9.34
CA PRO A 70 -7.30 5.80 8.32
C PRO A 70 -7.87 5.87 6.91
N PRO A 71 -7.03 6.26 5.94
CA PRO A 71 -7.40 6.26 4.53
C PRO A 71 -7.32 4.86 3.94
N LYS A 72 -7.85 4.70 2.73
CA LYS A 72 -7.84 3.40 2.08
C LYS A 72 -6.96 3.47 0.83
N MET A 73 -6.68 2.32 0.22
CA MET A 73 -5.71 2.26 -0.86
C MET A 73 -6.08 1.16 -1.85
N ARG A 74 -5.87 1.44 -3.13
CA ARG A 74 -6.15 0.49 -4.20
C ARG A 74 -5.10 0.59 -5.31
N PHE A 75 -4.69 -0.55 -5.84
CA PHE A 75 -3.78 -0.56 -6.97
C PHE A 75 -4.55 -0.57 -8.28
N THR A 76 -4.18 0.31 -9.21
CA THR A 76 -4.93 0.47 -10.44
C THR A 76 -4.35 -0.38 -11.57
N CYS A 77 -3.26 -1.08 -11.28
CA CYS A 77 -2.70 -2.02 -12.22
C CYS A 77 -3.16 -3.42 -11.82
N GLU A 78 -2.57 -4.44 -12.38
CA GLU A 78 -2.89 -5.80 -11.99
C GLU A 78 -1.68 -6.45 -11.35
N MET A 79 -1.89 -7.34 -10.41
CA MET A 79 -0.80 -7.97 -9.69
C MET A 79 -1.30 -9.17 -8.90
N PHE A 80 -0.46 -9.65 -8.01
CA PHE A 80 -0.76 -10.85 -7.24
C PHE A 80 0.01 -10.84 -5.92
N HIS A 81 -0.66 -10.43 -4.85
CA HIS A 81 -0.05 -10.38 -3.54
C HIS A 81 -1.09 -10.73 -2.46
N PRO A 82 -0.75 -11.67 -1.55
CA PRO A 82 -1.69 -12.21 -0.55
C PRO A 82 -2.22 -11.17 0.44
N ASN A 83 -1.44 -10.14 0.72
CA ASN A 83 -1.86 -9.12 1.68
C ASN A 83 -2.84 -8.14 1.02
N ILE A 84 -2.94 -8.23 -0.29
CA ILE A 84 -3.87 -7.40 -1.05
C ILE A 84 -5.12 -8.22 -1.40
N TYR A 85 -6.27 -7.58 -1.43
CA TYR A 85 -7.49 -8.23 -1.89
C TYR A 85 -7.41 -8.45 -3.39
N PRO A 86 -7.99 -9.55 -3.88
CA PRO A 86 -7.95 -9.93 -5.30
C PRO A 86 -8.64 -8.92 -6.18
N ASP A 87 -9.51 -8.14 -5.55
CA ASP A 87 -10.23 -7.07 -6.22
C ASP A 87 -9.40 -5.79 -6.33
N GLY A 88 -8.12 -5.88 -5.95
CA GLY A 88 -7.22 -4.76 -6.15
C GLY A 88 -7.06 -3.90 -4.90
N ARG A 89 -8.14 -3.77 -4.15
CA ARG A 89 -8.16 -3.03 -2.90
C ARG A 89 -7.15 -3.56 -1.88
N VAL A 90 -6.47 -2.63 -1.21
CA VAL A 90 -5.47 -2.97 -0.21
C VAL A 90 -6.08 -2.90 1.19
N CYS A 91 -5.78 -3.90 2.02
CA CYS A 91 -6.27 -3.91 3.38
C CYS A 91 -5.21 -3.37 4.35
N ILE A 92 -4.57 -4.28 5.09
CA ILE A 92 -3.59 -3.92 6.14
C ILE A 92 -4.25 -3.13 7.26
N SER A 93 -4.06 -3.61 8.46
CA SER A 93 -4.72 -3.06 9.65
C SER A 93 -4.37 -1.59 9.89
N ILE A 94 -3.19 -1.18 9.42
CA ILE A 94 -2.77 0.21 9.58
C ILE A 94 -3.78 1.16 8.92
N LEU A 95 -4.21 0.81 7.71
CA LEU A 95 -5.15 1.63 6.97
C LEU A 95 -6.59 1.18 7.24
N HIS A 96 -6.75 0.22 8.14
CA HIS A 96 -8.06 -0.36 8.37
C HIS A 96 -8.73 0.21 9.61
N ALA A 97 -8.16 -0.06 10.79
CA ALA A 97 -8.82 0.27 12.04
C ALA A 97 -7.82 0.23 13.18
N PRO A 98 -7.89 1.20 14.10
CA PRO A 98 -7.01 1.24 15.27
C PRO A 98 -7.36 0.16 16.29
N GLY A 99 -8.64 -0.15 16.39
CA GLY A 99 -9.09 -1.22 17.26
C GLY A 99 -9.84 -2.28 16.47
N ASP A 100 -9.12 -2.97 15.60
CA ASP A 100 -9.72 -3.96 14.72
C ASP A 100 -9.80 -5.32 15.41
N ASP A 101 -10.75 -6.13 14.97
CA ASP A 101 -10.94 -7.47 15.52
C ASP A 101 -9.85 -8.41 15.01
N PRO A 102 -9.13 -9.09 15.92
CA PRO A 102 -8.08 -10.04 15.56
C PRO A 102 -8.63 -11.21 14.74
N MET A 103 -8.54 -11.09 13.43
CA MET A 103 -9.07 -12.12 12.54
C MET A 103 -8.12 -13.30 12.44
N GLY A 104 -6.84 -13.02 12.30
CA GLY A 104 -5.86 -14.07 12.17
C GLY A 104 -4.47 -13.61 12.52
N TYR A 105 -4.10 -12.42 12.06
CA TYR A 105 -2.79 -11.85 12.33
C TYR A 105 -2.68 -11.27 13.74
N GLU A 106 -3.66 -11.59 14.56
CA GLU A 106 -3.72 -11.12 15.95
C GLU A 106 -3.96 -9.62 16.03
N SER A 107 -3.86 -9.09 17.24
CA SER A 107 -3.86 -7.65 17.44
C SER A 107 -2.44 -7.12 17.24
N SER A 108 -1.56 -8.01 16.78
CA SER A 108 -0.20 -7.64 16.43
C SER A 108 -0.19 -6.73 15.21
N ALA A 109 0.98 -6.23 14.85
CA ALA A 109 1.16 -5.27 13.75
C ALA A 109 0.68 -3.89 14.17
N GLU A 110 1.02 -2.88 13.38
CA GLU A 110 0.69 -1.50 13.73
C GLU A 110 -0.78 -1.20 13.48
N ARG A 111 -1.32 -0.30 14.27
CA ARG A 111 -2.70 0.15 14.13
C ARG A 111 -2.70 1.63 13.88
N TRP A 112 -3.68 2.14 13.15
CA TRP A 112 -3.76 3.56 12.84
C TRP A 112 -3.69 4.42 14.10
N SER A 113 -2.67 5.25 14.14
CA SER A 113 -2.46 6.18 15.24
C SER A 113 -1.99 7.51 14.65
N PRO A 114 -2.19 8.62 15.38
CA PRO A 114 -1.84 9.97 14.90
C PRO A 114 -0.38 10.13 14.46
N VAL A 115 0.46 9.18 14.83
CA VAL A 115 1.87 9.22 14.45
C VAL A 115 2.11 8.51 13.11
N GLN A 116 1.05 8.28 12.35
CA GLN A 116 1.19 7.68 11.02
C GLN A 116 1.57 8.77 10.03
N SER A 117 1.95 8.35 8.83
CA SER A 117 2.53 9.24 7.81
C SER A 117 2.63 8.45 6.52
N VAL A 118 2.21 9.07 5.41
CA VAL A 118 2.13 8.40 4.12
C VAL A 118 3.48 7.82 3.68
N GLU A 119 4.57 8.41 4.14
CA GLU A 119 5.89 7.86 3.83
C GLU A 119 6.06 6.50 4.51
N LYS A 120 5.81 6.45 5.82
CA LYS A 120 5.92 5.20 6.57
C LYS A 120 4.96 4.15 6.02
N ILE A 121 3.73 4.59 5.71
CA ILE A 121 2.70 3.71 5.17
C ILE A 121 3.18 3.02 3.90
N LEU A 122 3.71 3.78 2.97
CA LEU A 122 4.15 3.22 1.70
C LEU A 122 5.43 2.40 1.88
N LEU A 123 6.22 2.73 2.92
CA LEU A 123 7.39 1.92 3.25
C LEU A 123 6.98 0.57 3.82
N SER A 124 5.88 0.55 4.59
CA SER A 124 5.35 -0.71 5.09
C SER A 124 4.71 -1.49 3.94
N VAL A 125 4.20 -0.76 2.96
CA VAL A 125 3.75 -1.37 1.71
C VAL A 125 4.91 -2.08 1.02
N VAL A 126 6.06 -1.42 1.01
CA VAL A 126 7.28 -2.02 0.47
C VAL A 126 7.70 -3.23 1.29
N SER A 127 7.54 -3.13 2.61
CA SER A 127 7.88 -4.22 3.51
C SER A 127 7.05 -5.47 3.18
N MET A 128 5.75 -5.27 2.98
CA MET A 128 4.87 -6.39 2.67
C MET A 128 5.16 -6.96 1.29
N LEU A 129 5.63 -6.13 0.38
CA LEU A 129 5.96 -6.59 -0.96
C LEU A 129 7.23 -7.44 -0.96
N ALA A 130 8.11 -7.19 -0.01
CA ALA A 130 9.33 -7.99 0.11
C ALA A 130 9.09 -9.19 1.03
N GLU A 131 8.10 -9.07 1.91
CA GLU A 131 7.66 -10.16 2.74
C GLU A 131 6.15 -10.35 2.58
N PRO A 132 5.75 -11.22 1.63
CA PRO A 132 4.35 -11.41 1.20
C PRO A 132 3.31 -11.48 2.33
N ASN A 133 3.69 -11.97 3.49
CA ASN A 133 2.72 -12.09 4.57
C ASN A 133 2.95 -11.00 5.61
N ASP A 134 2.50 -9.80 5.30
CA ASP A 134 2.58 -8.70 6.25
C ASP A 134 1.69 -8.98 7.45
N GLU A 135 0.45 -9.37 7.21
CA GLU A 135 -0.49 -9.67 8.29
C GLU A 135 -1.70 -10.45 7.79
N SER A 136 -2.49 -9.83 6.92
CA SER A 136 -3.79 -10.37 6.55
C SER A 136 -3.64 -11.47 5.51
N GLY A 137 -4.64 -12.34 5.47
CA GLY A 137 -4.71 -13.34 4.43
C GLY A 137 -5.81 -13.00 3.44
N ALA A 138 -5.76 -11.77 2.94
CA ALA A 138 -6.79 -11.24 2.04
C ALA A 138 -6.95 -12.11 0.79
N ASN A 139 -5.86 -12.29 0.07
CA ASN A 139 -5.88 -13.11 -1.15
C ASN A 139 -5.45 -14.54 -0.81
N VAL A 140 -6.44 -15.40 -0.58
CA VAL A 140 -6.19 -16.76 -0.13
C VAL A 140 -5.40 -17.56 -1.16
N ASP A 141 -5.70 -17.33 -2.44
CA ASP A 141 -5.03 -18.04 -3.52
C ASP A 141 -3.56 -17.65 -3.57
N ALA A 142 -3.30 -16.40 -3.23
CA ALA A 142 -1.95 -15.88 -3.21
C ALA A 142 -1.17 -16.44 -2.03
N SER A 143 -1.84 -16.58 -0.90
CA SER A 143 -1.21 -17.15 0.29
C SER A 143 -0.99 -18.65 0.09
N LYS A 144 -1.90 -19.25 -0.64
CA LYS A 144 -1.85 -20.68 -0.92
C LYS A 144 -0.65 -20.99 -1.80
N MET A 145 -0.62 -20.37 -2.97
CA MET A 145 0.48 -20.57 -3.90
C MET A 145 1.81 -20.04 -3.34
N TRP A 146 1.76 -19.18 -2.34
CA TRP A 146 2.99 -18.66 -1.74
C TRP A 146 3.60 -19.69 -0.80
N ARG A 147 2.72 -20.46 -0.15
CA ARG A 147 3.07 -21.47 0.87
C ARG A 147 4.50 -22.01 0.70
N ASP A 148 4.68 -23.12 0.00
CA ASP A 148 6.02 -23.57 -0.36
C ASP A 148 6.33 -23.25 -1.82
N ASP A 149 5.28 -23.09 -2.63
CA ASP A 149 5.41 -22.87 -4.07
C ASP A 149 5.84 -21.45 -4.39
N ARG A 150 6.82 -20.98 -3.64
CA ARG A 150 7.38 -19.65 -3.81
C ARG A 150 7.80 -19.40 -5.26
N GLU A 151 8.27 -20.44 -5.93
CA GLU A 151 8.73 -20.33 -7.31
C GLU A 151 7.59 -19.94 -8.25
N GLN A 152 6.39 -20.46 -7.97
CA GLN A 152 5.21 -20.11 -8.75
C GLN A 152 4.83 -18.66 -8.51
N PHE A 153 5.08 -18.19 -7.31
CA PHE A 153 4.84 -16.81 -6.96
C PHE A 153 5.84 -15.90 -7.70
N TYR A 154 7.11 -16.31 -7.68
CA TYR A 154 8.18 -15.57 -8.34
C TYR A 154 7.92 -15.39 -9.84
N LYS A 155 7.55 -16.47 -10.53
CA LYS A 155 7.36 -16.41 -11.97
C LYS A 155 6.18 -15.51 -12.34
N ILE A 156 5.12 -15.60 -11.55
CA ILE A 156 3.97 -14.72 -11.75
C ILE A 156 4.32 -13.29 -11.39
N ALA A 157 5.16 -13.11 -10.38
CA ALA A 157 5.59 -11.80 -9.96
C ALA A 157 6.35 -11.09 -11.08
N LYS A 158 7.27 -11.82 -11.73
CA LYS A 158 8.05 -11.27 -12.82
C LYS A 158 7.16 -10.89 -13.99
N GLN A 159 6.15 -11.71 -14.26
CA GLN A 159 5.25 -11.45 -15.36
C GLN A 159 4.48 -10.17 -15.10
N ILE A 160 4.04 -9.97 -13.85
CA ILE A 160 3.38 -8.75 -13.45
C ILE A 160 4.31 -7.55 -13.61
N VAL A 161 5.56 -7.71 -13.21
CA VAL A 161 6.56 -6.65 -13.29
C VAL A 161 6.64 -6.05 -14.69
N GLN A 162 7.00 -6.87 -15.68
CA GLN A 162 7.22 -6.38 -17.04
C GLN A 162 5.90 -5.92 -17.68
N LYS A 163 4.80 -6.54 -17.27
CA LYS A 163 3.48 -6.17 -17.78
C LYS A 163 3.10 -4.78 -17.28
N SER A 164 3.40 -4.53 -16.01
CA SER A 164 3.17 -3.21 -15.41
C SER A 164 4.17 -2.19 -15.94
N LEU A 165 5.32 -2.67 -16.41
CA LEU A 165 6.38 -1.79 -16.89
C LEU A 165 6.18 -1.40 -18.34
N GLY A 166 5.45 -2.21 -19.08
CA GLY A 166 5.41 -2.03 -20.52
C GLY A 166 6.77 -2.29 -21.12
N LEU A 167 7.05 -3.55 -21.42
CA LEU A 167 8.39 -3.94 -21.85
C LEU A 167 8.27 -4.81 -23.10
N MET A 3 -15.45 18.91 10.36
CA MET A 3 -15.34 18.16 9.09
C MET A 3 -14.24 18.76 8.24
N ALA A 4 -13.24 17.93 7.89
CA ALA A 4 -12.11 18.35 7.07
C ALA A 4 -11.30 19.46 7.78
N GLY A 5 -10.51 20.20 7.01
CA GLY A 5 -9.67 21.24 7.59
C GLY A 5 -8.43 20.66 8.24
N THR A 6 -8.64 19.92 9.34
CA THR A 6 -7.55 19.23 10.00
C THR A 6 -6.99 18.14 9.09
N ALA A 7 -7.89 17.55 8.30
CA ALA A 7 -7.50 16.62 7.25
C ALA A 7 -6.53 17.30 6.30
N LEU A 8 -6.95 18.43 5.77
CA LEU A 8 -6.13 19.21 4.86
C LEU A 8 -4.76 19.54 5.45
N LYS A 9 -4.73 20.09 6.65
CA LYS A 9 -3.47 20.54 7.25
C LYS A 9 -2.48 19.39 7.45
N ARG A 10 -2.96 18.20 7.79
CA ARG A 10 -2.08 17.04 7.91
C ARG A 10 -1.56 16.63 6.53
N LEU A 11 -2.44 16.58 5.55
CA LEU A 11 -2.06 16.27 4.18
C LEU A 11 -1.10 17.32 3.64
N MET A 12 -1.18 18.54 4.15
CA MET A 12 -0.26 19.59 3.74
C MET A 12 1.12 19.33 4.33
N ALA A 13 1.15 18.90 5.59
CA ALA A 13 2.40 18.53 6.22
C ALA A 13 3.02 17.34 5.52
N GLU A 14 2.20 16.33 5.21
CA GLU A 14 2.62 15.18 4.43
C GLU A 14 3.19 15.64 3.09
N TYR A 15 2.43 16.50 2.44
CA TYR A 15 2.81 17.10 1.17
C TYR A 15 4.20 17.69 1.25
N LYS A 16 4.32 18.68 2.11
CA LYS A 16 5.56 19.41 2.32
C LYS A 16 6.74 18.49 2.59
N GLN A 17 6.61 17.51 3.48
CA GLN A 17 7.74 16.62 3.78
C GLN A 17 8.04 15.70 2.60
N LEU A 18 7.01 15.35 1.86
CA LEU A 18 7.19 14.59 0.62
C LEU A 18 7.81 15.47 -0.47
N THR A 19 7.94 16.74 -0.15
CA THR A 19 8.59 17.70 -1.03
C THR A 19 10.05 17.88 -0.59
N LEU A 20 10.25 18.06 0.72
CA LEU A 20 11.59 18.20 1.27
C LEU A 20 12.34 16.88 1.26
N ASN A 21 11.61 15.79 1.44
CA ASN A 21 12.21 14.47 1.55
C ASN A 21 11.50 13.50 0.64
N PRO A 22 12.06 13.24 -0.54
CA PRO A 22 11.53 12.26 -1.48
C PRO A 22 12.08 10.86 -1.20
N PRO A 23 11.29 10.00 -0.57
CA PRO A 23 11.71 8.64 -0.25
C PRO A 23 11.95 7.80 -1.49
N GLU A 24 12.85 6.83 -1.37
CA GLU A 24 13.15 5.95 -2.48
C GLU A 24 12.00 4.99 -2.67
N GLY A 25 11.78 4.59 -3.91
CA GLY A 25 10.74 3.63 -4.21
C GLY A 25 9.33 4.18 -4.18
N ILE A 26 9.10 5.38 -3.63
CA ILE A 26 7.76 5.92 -3.52
C ILE A 26 7.69 7.27 -4.20
N VAL A 27 6.78 7.37 -5.13
CA VAL A 27 6.52 8.60 -5.84
C VAL A 27 5.03 8.92 -5.73
N ALA A 28 4.63 9.90 -4.94
CA ALA A 28 3.21 10.09 -4.67
C ALA A 28 2.88 11.56 -4.48
N GLY A 29 1.80 12.00 -5.12
CA GLY A 29 1.37 13.38 -4.97
C GLY A 29 -0.12 13.51 -5.17
N PRO A 30 -0.71 14.67 -4.84
CA PRO A 30 -2.15 14.89 -4.97
C PRO A 30 -2.62 14.92 -6.41
N MET A 31 -3.74 14.26 -6.68
CA MET A 31 -4.35 14.25 -8.00
C MET A 31 -5.31 15.43 -8.10
N ASN A 32 -4.86 16.47 -8.81
CA ASN A 32 -5.57 17.74 -8.93
C ASN A 32 -5.47 18.55 -7.63
N GLU A 33 -4.83 19.72 -7.72
CA GLU A 33 -4.53 20.56 -6.56
C GLU A 33 -5.77 20.93 -5.74
N GLU A 34 -6.95 20.71 -6.31
CA GLU A 34 -8.18 21.02 -5.62
C GLU A 34 -8.52 19.90 -4.63
N ASN A 35 -8.53 18.69 -5.15
CA ASN A 35 -8.92 17.53 -4.35
C ASN A 35 -7.70 16.90 -3.69
N PHE A 36 -7.34 17.43 -2.52
CA PHE A 36 -6.19 16.96 -1.77
C PHE A 36 -6.52 15.65 -1.05
N PHE A 37 -7.76 15.20 -1.19
CA PHE A 37 -8.20 13.94 -0.61
C PHE A 37 -8.02 12.80 -1.59
N GLU A 38 -7.42 13.08 -2.72
CA GLU A 38 -7.14 12.06 -3.72
C GLU A 38 -5.70 12.21 -4.17
N TRP A 39 -4.90 11.18 -3.98
CA TRP A 39 -3.49 11.21 -4.32
C TRP A 39 -3.17 10.03 -5.21
N GLU A 40 -2.14 10.15 -6.02
CA GLU A 40 -1.69 9.04 -6.84
C GLU A 40 -0.31 8.66 -6.35
N ALA A 41 0.02 7.38 -6.38
CA ALA A 41 1.29 6.94 -5.87
C ALA A 41 1.90 5.87 -6.78
N LEU A 42 3.22 5.86 -6.81
CA LEU A 42 3.97 4.89 -7.58
C LEU A 42 4.74 4.03 -6.60
N ILE A 43 4.47 2.74 -6.60
CA ILE A 43 5.13 1.84 -5.70
C ILE A 43 6.19 1.07 -6.46
N MET A 44 7.41 1.55 -6.39
CA MET A 44 8.51 0.93 -7.09
C MET A 44 8.93 -0.32 -6.34
N GLY A 45 8.78 -1.45 -7.00
CA GLY A 45 9.01 -2.74 -6.38
C GLY A 45 10.36 -2.87 -5.73
N PRO A 46 10.38 -3.32 -4.46
CA PRO A 46 11.59 -3.66 -3.72
C PRO A 46 12.57 -4.46 -4.57
N GLU A 47 13.79 -3.96 -4.66
CA GLU A 47 14.82 -4.65 -5.41
C GLU A 47 15.27 -5.90 -4.66
N ASP A 48 15.70 -6.87 -5.45
CA ASP A 48 16.17 -8.18 -4.98
C ASP A 48 15.00 -8.97 -4.39
N THR A 49 13.81 -8.65 -4.87
CA THR A 49 12.61 -9.35 -4.45
C THR A 49 11.78 -9.73 -5.66
N CYS A 50 10.70 -10.46 -5.43
CA CYS A 50 9.84 -10.92 -6.51
C CYS A 50 9.26 -9.76 -7.34
N PHE A 51 9.01 -8.62 -6.70
CA PHE A 51 8.32 -7.53 -7.36
C PHE A 51 9.25 -6.38 -7.77
N GLU A 52 10.57 -6.62 -7.75
CA GLU A 52 11.59 -5.61 -8.09
C GLU A 52 11.19 -4.65 -9.20
N PHE A 53 11.61 -4.94 -10.42
CA PHE A 53 11.23 -4.18 -11.64
C PHE A 53 9.80 -3.61 -11.67
N GLY A 54 8.88 -4.12 -10.87
CA GLY A 54 7.51 -3.71 -10.98
C GLY A 54 7.28 -2.28 -10.53
N VAL A 55 6.43 -1.57 -11.25
CA VAL A 55 6.02 -0.21 -10.88
C VAL A 55 4.52 -0.21 -10.66
N PHE A 56 4.11 -0.25 -9.40
CA PHE A 56 2.70 -0.44 -9.07
C PHE A 56 2.05 0.87 -8.66
N PRO A 57 1.27 1.48 -9.56
CA PRO A 57 0.56 2.72 -9.27
C PRO A 57 -0.68 2.49 -8.43
N ALA A 58 -0.99 3.43 -7.55
CA ALA A 58 -2.15 3.31 -6.70
C ALA A 58 -2.78 4.67 -6.42
N ILE A 59 -4.01 4.65 -5.95
CA ILE A 59 -4.73 5.87 -5.60
C ILE A 59 -5.21 5.79 -4.16
N LEU A 60 -5.05 6.90 -3.45
CA LEU A 60 -5.46 6.99 -2.06
C LEU A 60 -6.57 8.02 -1.91
N SER A 61 -7.71 7.58 -1.43
CA SER A 61 -8.86 8.47 -1.27
C SER A 61 -9.08 8.78 0.20
N PHE A 62 -8.38 9.80 0.67
CA PHE A 62 -8.46 10.27 2.04
C PHE A 62 -9.87 10.72 2.41
N PRO A 63 -10.30 10.40 3.64
CA PRO A 63 -11.63 10.76 4.14
C PRO A 63 -11.66 12.15 4.74
N LEU A 64 -12.86 12.69 4.87
CA LEU A 64 -13.04 14.00 5.48
C LEU A 64 -12.67 14.00 6.96
N ASP A 65 -12.58 12.81 7.57
CA ASP A 65 -12.18 12.70 8.97
C ASP A 65 -10.71 12.30 9.09
N TYR A 66 -9.96 12.44 8.00
CA TYR A 66 -8.51 12.32 8.03
C TYR A 66 -7.93 13.37 8.99
N PRO A 67 -6.81 13.08 9.70
CA PRO A 67 -6.11 11.80 9.65
C PRO A 67 -6.56 10.86 10.78
N LEU A 68 -7.77 11.11 11.25
CA LEU A 68 -8.37 10.35 12.33
C LEU A 68 -8.84 8.98 11.86
N SER A 69 -9.43 8.97 10.67
CA SER A 69 -10.01 7.76 10.12
C SER A 69 -9.28 7.35 8.85
N PRO A 70 -9.14 6.02 8.63
CA PRO A 70 -8.43 5.46 7.48
C PRO A 70 -9.16 5.71 6.15
N PRO A 71 -8.38 5.88 5.08
CA PRO A 71 -8.91 6.15 3.75
C PRO A 71 -9.04 4.87 2.93
N LYS A 72 -9.20 5.06 1.62
CA LYS A 72 -9.25 3.95 0.69
C LYS A 72 -8.00 3.95 -0.17
N MET A 73 -7.54 2.77 -0.54
CA MET A 73 -6.31 2.64 -1.31
C MET A 73 -6.39 1.43 -2.23
N ARG A 74 -6.21 1.69 -3.51
CA ARG A 74 -6.25 0.63 -4.51
C ARG A 74 -5.16 0.84 -5.54
N PHE A 75 -4.66 -0.25 -6.09
CA PHE A 75 -3.69 -0.18 -7.17
C PHE A 75 -4.42 -0.10 -8.50
N THR A 76 -3.98 0.79 -9.38
CA THR A 76 -4.67 1.00 -10.64
C THR A 76 -4.08 0.14 -11.74
N CYS A 77 -3.15 -0.71 -11.37
CA CYS A 77 -2.67 -1.77 -12.23
C CYS A 77 -3.22 -3.09 -11.67
N GLU A 78 -2.54 -4.18 -11.92
CA GLU A 78 -2.93 -5.46 -11.34
C GLU A 78 -1.74 -6.09 -10.64
N MET A 79 -2.00 -6.95 -9.68
CA MET A 79 -0.94 -7.59 -8.92
C MET A 79 -1.48 -8.80 -8.17
N PHE A 80 -0.57 -9.65 -7.72
CA PHE A 80 -0.92 -10.89 -7.06
C PHE A 80 -0.08 -11.06 -5.81
N HIS A 81 -0.68 -10.74 -4.67
CA HIS A 81 0.01 -10.78 -3.39
C HIS A 81 -1.00 -11.12 -2.29
N PRO A 82 -0.62 -12.05 -1.39
CA PRO A 82 -1.55 -12.61 -0.39
C PRO A 82 -2.12 -11.58 0.57
N ASN A 83 -1.36 -10.54 0.87
CA ASN A 83 -1.82 -9.50 1.77
C ASN A 83 -2.52 -8.38 0.98
N ILE A 84 -3.01 -8.75 -0.20
CA ILE A 84 -3.74 -7.83 -1.06
C ILE A 84 -4.93 -8.56 -1.68
N TYR A 85 -6.05 -7.85 -1.83
CA TYR A 85 -7.23 -8.40 -2.45
C TYR A 85 -7.09 -8.39 -3.97
N PRO A 86 -7.85 -9.26 -4.67
CA PRO A 86 -7.68 -9.50 -6.10
C PRO A 86 -8.19 -8.34 -6.94
N ASP A 87 -8.97 -7.50 -6.29
CA ASP A 87 -9.49 -6.29 -6.92
C ASP A 87 -8.48 -5.14 -6.81
N GLY A 88 -7.33 -5.44 -6.22
CA GLY A 88 -6.28 -4.44 -6.10
C GLY A 88 -6.27 -3.74 -4.76
N ARG A 89 -7.42 -3.76 -4.08
CA ARG A 89 -7.58 -3.18 -2.75
C ARG A 89 -6.46 -3.56 -1.78
N VAL A 90 -5.96 -2.56 -1.07
CA VAL A 90 -4.96 -2.78 -0.03
C VAL A 90 -5.65 -2.89 1.32
N CYS A 91 -5.49 -4.03 1.98
CA CYS A 91 -6.10 -4.21 3.29
C CYS A 91 -5.07 -4.66 4.32
N ILE A 92 -4.73 -3.73 5.20
CA ILE A 92 -3.78 -3.97 6.27
C ILE A 92 -4.23 -3.22 7.52
N SER A 93 -3.78 -3.66 8.69
CA SER A 93 -4.19 -3.05 9.96
C SER A 93 -4.03 -1.53 9.95
N ILE A 94 -2.89 -1.09 9.45
CA ILE A 94 -2.54 0.34 9.42
C ILE A 94 -3.29 1.06 8.26
N LEU A 95 -4.36 0.43 7.78
CA LEU A 95 -5.26 1.03 6.80
C LEU A 95 -6.67 0.47 6.96
N HIS A 96 -6.96 -0.08 8.12
CA HIS A 96 -8.25 -0.73 8.33
C HIS A 96 -9.07 0.07 9.33
N ALA A 97 -8.56 0.15 10.56
CA ALA A 97 -9.23 0.92 11.62
C ALA A 97 -8.30 1.22 12.78
N PRO A 98 -8.42 2.42 13.35
CA PRO A 98 -7.70 2.81 14.57
C PRO A 98 -8.32 2.15 15.81
N GLY A 99 -9.40 1.41 15.60
CA GLY A 99 -10.02 0.66 16.67
C GLY A 99 -10.40 -0.73 16.22
N ASP A 100 -9.56 -1.31 15.38
CA ASP A 100 -9.82 -2.61 14.81
C ASP A 100 -9.22 -3.71 15.68
N ASP A 101 -9.85 -4.87 15.65
CA ASP A 101 -9.33 -6.03 16.35
C ASP A 101 -8.70 -7.00 15.36
N PRO A 102 -7.38 -7.23 15.47
CA PRO A 102 -6.62 -8.08 14.54
C PRO A 102 -7.28 -9.44 14.32
N MET A 103 -7.54 -9.75 13.06
CA MET A 103 -8.17 -11.01 12.68
C MET A 103 -7.16 -12.14 12.76
N GLY A 104 -5.95 -11.87 12.26
CA GLY A 104 -4.87 -12.83 12.35
C GLY A 104 -3.52 -12.13 12.27
N TYR A 105 -3.54 -10.82 12.45
CA TYR A 105 -2.32 -10.02 12.42
C TYR A 105 -1.53 -10.13 13.70
N GLU A 106 -0.23 -9.89 13.58
CA GLU A 106 0.69 -9.86 14.70
C GLU A 106 1.73 -8.79 14.46
N SER A 107 2.19 -8.15 15.53
CA SER A 107 3.22 -7.12 15.46
C SER A 107 2.69 -5.87 14.74
N SER A 108 2.61 -5.95 13.42
CA SER A 108 2.08 -4.87 12.62
C SER A 108 0.58 -4.74 12.82
N ALA A 109 0.20 -3.88 13.74
CA ALA A 109 -1.19 -3.69 14.11
C ALA A 109 -1.40 -2.31 14.70
N GLU A 110 -0.58 -1.37 14.22
CA GLU A 110 -0.71 0.02 14.63
C GLU A 110 -1.94 0.63 13.97
N ARG A 111 -2.31 1.80 14.43
CA ARG A 111 -3.46 2.50 13.86
C ARG A 111 -3.00 3.18 12.59
N TRP A 112 -3.91 3.55 11.71
CA TRP A 112 -3.55 3.81 10.33
C TRP A 112 -2.57 4.98 10.14
N SER A 113 -2.75 6.06 10.89
CA SER A 113 -1.83 7.20 10.85
C SER A 113 -2.35 8.39 11.63
N PRO A 114 -2.58 8.23 12.94
CA PRO A 114 -2.69 9.37 13.81
C PRO A 114 -1.27 9.84 14.15
N VAL A 115 -0.49 8.91 14.69
CA VAL A 115 0.95 9.10 14.88
C VAL A 115 1.77 8.82 13.61
N GLN A 116 1.25 8.03 12.67
CA GLN A 116 2.03 7.66 11.49
C GLN A 116 1.96 8.75 10.42
N SER A 117 2.59 8.49 9.28
CA SER A 117 2.61 9.42 8.17
C SER A 117 2.47 8.64 6.85
N VAL A 118 1.97 9.28 5.80
CA VAL A 118 1.81 8.61 4.49
C VAL A 118 3.12 7.95 4.03
N GLU A 119 4.24 8.56 4.39
CA GLU A 119 5.55 8.03 4.02
C GLU A 119 5.78 6.68 4.70
N LYS A 120 5.43 6.59 5.97
CA LYS A 120 5.56 5.34 6.72
C LYS A 120 4.68 4.25 6.08
N ILE A 121 3.47 4.65 5.71
CA ILE A 121 2.50 3.72 5.11
C ILE A 121 3.07 3.07 3.84
N LEU A 122 3.51 3.89 2.90
CA LEU A 122 3.97 3.39 1.61
C LEU A 122 5.29 2.63 1.71
N LEU A 123 6.17 3.05 2.62
CA LEU A 123 7.41 2.31 2.86
C LEU A 123 7.10 0.95 3.47
N SER A 124 6.06 0.92 4.28
CA SER A 124 5.56 -0.34 4.85
C SER A 124 5.04 -1.24 3.73
N VAL A 125 4.33 -0.63 2.77
CA VAL A 125 3.86 -1.36 1.60
C VAL A 125 5.02 -1.99 0.83
N VAL A 126 6.12 -1.24 0.69
CA VAL A 126 7.31 -1.74 0.01
C VAL A 126 7.92 -2.93 0.75
N SER A 127 8.11 -2.79 2.06
CA SER A 127 8.62 -3.88 2.89
C SER A 127 7.71 -5.10 2.77
N MET A 128 6.42 -4.83 2.72
CA MET A 128 5.39 -5.86 2.58
C MET A 128 5.47 -6.59 1.24
N LEU A 129 5.82 -5.86 0.19
CA LEU A 129 5.94 -6.45 -1.14
C LEU A 129 7.19 -7.32 -1.25
N ALA A 130 8.22 -6.98 -0.50
CA ALA A 130 9.46 -7.74 -0.52
C ALA A 130 9.38 -8.91 0.45
N GLU A 131 8.65 -8.70 1.53
CA GLU A 131 8.47 -9.69 2.55
C GLU A 131 6.99 -10.06 2.69
N PRO A 132 6.51 -11.02 1.87
CA PRO A 132 5.09 -11.45 1.85
C PRO A 132 4.66 -12.18 3.13
N ASN A 133 5.18 -11.77 4.26
CA ASN A 133 4.88 -12.43 5.52
C ASN A 133 4.52 -11.42 6.61
N ASP A 134 3.60 -10.50 6.28
CA ASP A 134 3.05 -9.58 7.30
C ASP A 134 1.99 -10.30 8.10
N GLU A 135 1.70 -11.53 7.68
CA GLU A 135 0.60 -12.32 8.19
C GLU A 135 -0.73 -11.80 7.64
N SER A 136 -1.81 -12.50 7.98
CA SER A 136 -3.13 -12.22 7.46
C SER A 136 -3.24 -12.66 6.00
N GLY A 137 -4.41 -13.15 5.63
CA GLY A 137 -4.60 -13.69 4.31
C GLY A 137 -5.74 -13.07 3.56
N ALA A 138 -5.55 -11.84 3.06
CA ALA A 138 -6.50 -11.23 2.15
C ALA A 138 -6.73 -12.10 0.91
N ASN A 139 -5.72 -12.86 0.54
CA ASN A 139 -5.78 -13.75 -0.62
C ASN A 139 -5.04 -15.04 -0.33
N VAL A 140 -5.78 -16.08 0.04
CA VAL A 140 -5.18 -17.38 0.38
C VAL A 140 -4.53 -18.00 -0.83
N ASP A 141 -5.08 -17.72 -2.01
CA ASP A 141 -4.56 -18.27 -3.25
C ASP A 141 -3.09 -17.89 -3.40
N ALA A 142 -2.80 -16.64 -3.06
CA ALA A 142 -1.45 -16.11 -3.17
C ALA A 142 -0.55 -16.58 -2.04
N SER A 143 -1.08 -16.68 -0.81
CA SER A 143 -0.26 -17.05 0.33
C SER A 143 0.04 -18.54 0.32
N LYS A 144 -0.96 -19.31 -0.10
CA LYS A 144 -0.84 -20.74 -0.24
C LYS A 144 0.29 -21.06 -1.21
N MET A 145 0.21 -20.52 -2.43
CA MET A 145 1.25 -20.75 -3.43
C MET A 145 2.56 -20.07 -3.07
N TRP A 146 2.51 -19.09 -2.16
CA TRP A 146 3.73 -18.38 -1.75
C TRP A 146 4.53 -19.24 -0.78
N ARG A 147 3.85 -19.80 0.19
CA ARG A 147 4.51 -20.56 1.24
C ARG A 147 4.73 -22.00 0.82
N ASP A 148 3.95 -22.45 -0.16
CA ASP A 148 4.09 -23.81 -0.69
C ASP A 148 5.08 -23.84 -1.84
N ASP A 149 4.69 -23.30 -2.99
CA ASP A 149 5.55 -23.30 -4.16
C ASP A 149 6.06 -21.89 -4.44
N ARG A 150 7.05 -21.48 -3.66
CA ARG A 150 7.61 -20.14 -3.73
C ARG A 150 8.10 -19.77 -5.13
N GLU A 151 8.65 -20.74 -5.87
CA GLU A 151 9.15 -20.45 -7.21
C GLU A 151 7.98 -20.16 -8.16
N GLN A 152 6.85 -20.81 -7.93
CA GLN A 152 5.63 -20.52 -8.68
C GLN A 152 5.15 -19.10 -8.39
N PHE A 153 5.32 -18.68 -7.15
CA PHE A 153 4.97 -17.31 -6.77
C PHE A 153 5.92 -16.33 -7.44
N TYR A 154 7.20 -16.66 -7.39
CA TYR A 154 8.24 -15.82 -7.98
C TYR A 154 7.94 -15.48 -9.44
N LYS A 155 7.63 -16.50 -10.24
CA LYS A 155 7.40 -16.31 -11.66
C LYS A 155 6.15 -15.47 -11.92
N ILE A 156 5.06 -15.79 -11.24
CA ILE A 156 3.80 -15.08 -11.43
C ILE A 156 3.91 -13.64 -10.92
N ALA A 157 4.71 -13.45 -9.87
CA ALA A 157 4.97 -12.12 -9.37
C ALA A 157 5.67 -11.28 -10.43
N LYS A 158 6.67 -11.87 -11.08
CA LYS A 158 7.38 -11.20 -12.15
C LYS A 158 6.50 -11.00 -13.37
N GLN A 159 5.53 -11.89 -13.58
CA GLN A 159 4.55 -11.73 -14.63
C GLN A 159 3.75 -10.46 -14.39
N ILE A 160 3.34 -10.26 -13.14
CA ILE A 160 2.67 -9.04 -12.74
C ILE A 160 3.58 -7.83 -12.95
N VAL A 161 4.86 -8.03 -12.70
CA VAL A 161 5.87 -7.00 -12.92
C VAL A 161 5.84 -6.52 -14.37
N GLN A 162 5.81 -7.48 -15.29
CA GLN A 162 5.78 -7.17 -16.71
C GLN A 162 4.48 -6.45 -17.07
N LYS A 163 3.38 -6.92 -16.50
CA LYS A 163 2.06 -6.35 -16.76
C LYS A 163 2.00 -4.91 -16.30
N SER A 164 2.62 -4.64 -15.17
CA SER A 164 2.68 -3.30 -14.62
C SER A 164 3.52 -2.36 -15.49
N LEU A 165 4.53 -2.91 -16.16
CA LEU A 165 5.30 -2.13 -17.13
C LEU A 165 4.50 -1.98 -18.42
N GLY A 166 3.62 -2.96 -18.63
CA GLY A 166 2.69 -2.90 -19.75
C GLY A 166 2.80 -4.10 -20.67
N LEU A 167 2.97 -5.28 -20.10
CA LEU A 167 3.01 -6.51 -20.88
C LEU A 167 1.74 -7.30 -20.64
N MET A 3 -13.65 20.94 8.96
CA MET A 3 -13.41 19.50 8.68
C MET A 3 -12.35 19.34 7.59
N ALA A 4 -12.56 20.03 6.48
CA ALA A 4 -11.68 19.90 5.31
C ALA A 4 -10.37 20.65 5.48
N GLY A 5 -10.41 21.81 6.14
CA GLY A 5 -9.24 22.64 6.25
C GLY A 5 -8.13 22.04 7.11
N THR A 6 -8.50 21.44 8.23
CA THR A 6 -7.53 20.77 9.08
C THR A 6 -7.01 19.52 8.39
N ALA A 7 -7.85 18.96 7.51
CA ALA A 7 -7.47 17.79 6.74
C ALA A 7 -6.50 18.18 5.63
N LEU A 8 -6.83 19.27 4.93
CA LEU A 8 -5.92 19.83 3.94
C LEU A 8 -4.57 20.12 4.58
N LYS A 9 -4.61 20.72 5.77
CA LYS A 9 -3.41 21.04 6.52
C LYS A 9 -2.55 19.81 6.81
N ARG A 10 -3.20 18.69 7.09
CA ARG A 10 -2.47 17.45 7.38
C ARG A 10 -1.76 16.94 6.12
N LEU A 11 -2.47 16.97 5.00
CA LEU A 11 -1.94 16.49 3.73
C LEU A 11 -0.94 17.48 3.13
N MET A 12 -1.05 18.75 3.51
CA MET A 12 -0.07 19.74 3.06
C MET A 12 1.27 19.47 3.72
N ALA A 13 1.21 19.05 4.98
CA ALA A 13 2.40 18.63 5.69
C ALA A 13 3.00 17.39 5.03
N GLU A 14 2.14 16.44 4.67
CA GLU A 14 2.56 15.26 3.92
C GLU A 14 3.30 15.68 2.65
N TYR A 15 2.66 16.59 1.92
CA TYR A 15 3.21 17.11 0.67
C TYR A 15 4.62 17.61 0.86
N LYS A 16 4.73 18.67 1.65
CA LYS A 16 6.01 19.34 1.90
C LYS A 16 7.14 18.38 2.27
N GLN A 17 6.95 17.52 3.27
CA GLN A 17 8.04 16.66 3.72
C GLN A 17 8.39 15.63 2.66
N LEU A 18 7.41 15.20 1.89
CA LEU A 18 7.66 14.32 0.76
C LEU A 18 8.52 15.03 -0.27
N THR A 19 8.31 16.33 -0.39
CA THR A 19 9.08 17.15 -1.31
C THR A 19 10.53 17.30 -0.82
N LEU A 20 10.70 17.52 0.48
CA LEU A 20 12.02 17.64 1.07
C LEU A 20 12.73 16.30 1.18
N ASN A 21 11.98 15.23 1.42
CA ASN A 21 12.58 13.91 1.63
C ASN A 21 11.72 12.84 0.98
N PRO A 22 12.12 12.39 -0.23
CA PRO A 22 11.40 11.35 -0.95
C PRO A 22 11.83 9.94 -0.52
N PRO A 23 10.92 9.17 0.08
CA PRO A 23 11.19 7.79 0.48
C PRO A 23 11.57 6.92 -0.71
N GLU A 24 12.48 5.99 -0.45
CA GLU A 24 13.01 5.12 -1.50
C GLU A 24 11.94 4.23 -2.13
N GLY A 25 11.81 4.38 -3.44
CA GLY A 25 10.89 3.58 -4.22
C GLY A 25 9.44 4.00 -4.06
N ILE A 26 9.20 5.20 -3.55
CA ILE A 26 7.85 5.67 -3.32
C ILE A 26 7.63 6.99 -4.00
N VAL A 27 6.63 7.02 -4.84
CA VAL A 27 6.24 8.19 -5.60
C VAL A 27 4.76 8.48 -5.34
N ALA A 28 4.38 9.72 -5.06
CA ALA A 28 2.98 10.04 -4.90
C ALA A 28 2.72 11.50 -5.26
N GLY A 29 1.69 11.75 -6.06
CA GLY A 29 1.38 13.11 -6.43
C GLY A 29 -0.09 13.42 -6.25
N PRO A 30 -0.41 14.53 -5.59
CA PRO A 30 -1.80 14.97 -5.40
C PRO A 30 -2.45 15.37 -6.71
N MET A 31 -3.74 15.08 -6.84
CA MET A 31 -4.48 15.42 -8.04
C MET A 31 -4.91 16.89 -8.01
N ASN A 32 -6.19 17.13 -8.28
CA ASN A 32 -6.69 18.51 -8.35
C ASN A 32 -6.65 19.16 -6.97
N GLU A 33 -6.10 20.36 -6.91
CA GLU A 33 -5.91 21.10 -5.66
C GLU A 33 -7.25 21.46 -5.02
N GLU A 34 -8.34 21.18 -5.73
CA GLU A 34 -9.67 21.39 -5.18
C GLU A 34 -9.94 20.31 -4.15
N ASN A 35 -9.73 19.07 -4.54
CA ASN A 35 -9.90 17.94 -3.67
C ASN A 35 -8.55 17.28 -3.43
N PHE A 36 -7.83 17.78 -2.42
CA PHE A 36 -6.51 17.29 -2.09
C PHE A 36 -6.61 15.94 -1.39
N PHE A 37 -7.83 15.43 -1.30
CA PHE A 37 -8.14 14.21 -0.57
C PHE A 37 -8.00 12.97 -1.45
N GLU A 38 -7.25 13.07 -2.54
CA GLU A 38 -6.90 11.90 -3.32
C GLU A 38 -5.64 12.15 -4.15
N TRP A 39 -4.73 11.20 -4.07
CA TRP A 39 -3.45 11.29 -4.74
C TRP A 39 -3.26 10.05 -5.59
N GLU A 40 -2.35 10.11 -6.55
CA GLU A 40 -1.96 8.91 -7.28
C GLU A 40 -0.54 8.59 -6.87
N ALA A 41 -0.23 7.33 -6.61
CA ALA A 41 1.07 6.98 -6.10
C ALA A 41 1.64 5.80 -6.86
N LEU A 42 2.93 5.83 -7.10
CA LEU A 42 3.62 4.75 -7.76
C LEU A 42 4.28 3.86 -6.72
N ILE A 43 4.09 2.57 -6.89
CA ILE A 43 4.67 1.60 -5.99
C ILE A 43 5.72 0.81 -6.74
N MET A 44 6.96 1.22 -6.58
CA MET A 44 8.06 0.56 -7.26
C MET A 44 8.45 -0.66 -6.46
N GLY A 45 8.42 -1.81 -7.12
CA GLY A 45 8.71 -3.06 -6.45
C GLY A 45 10.02 -3.05 -5.71
N PRO A 46 10.07 -3.67 -4.52
CA PRO A 46 11.23 -3.63 -3.64
C PRO A 46 12.56 -3.86 -4.36
N GLU A 47 13.47 -2.96 -4.06
CA GLU A 47 14.75 -2.83 -4.77
C GLU A 47 15.64 -4.05 -4.61
N ASP A 48 15.28 -4.95 -3.72
CA ASP A 48 16.14 -6.08 -3.39
C ASP A 48 15.35 -7.38 -3.44
N THR A 49 14.29 -7.43 -4.24
CA THR A 49 13.40 -8.58 -4.26
C THR A 49 13.14 -9.02 -5.70
N CYS A 50 12.07 -9.76 -5.94
CA CYS A 50 11.76 -10.21 -7.28
C CYS A 50 10.66 -9.32 -7.86
N PHE A 51 10.06 -8.49 -7.00
CA PHE A 51 9.05 -7.54 -7.44
C PHE A 51 9.70 -6.27 -7.97
N GLU A 52 11.02 -6.27 -7.97
CA GLU A 52 11.78 -5.12 -8.42
C GLU A 52 11.54 -4.90 -9.92
N PHE A 53 11.72 -3.66 -10.36
CA PHE A 53 11.49 -3.24 -11.75
C PHE A 53 10.00 -3.03 -12.03
N GLY A 54 9.15 -3.64 -11.21
CA GLY A 54 7.72 -3.45 -11.38
C GLY A 54 7.27 -2.11 -10.87
N VAL A 55 6.38 -1.48 -11.61
CA VAL A 55 5.86 -0.17 -11.24
C VAL A 55 4.34 -0.26 -11.11
N PHE A 56 3.86 -0.33 -9.88
CA PHE A 56 2.46 -0.60 -9.63
C PHE A 56 1.76 0.67 -9.14
N PRO A 57 0.87 1.24 -9.98
CA PRO A 57 0.15 2.46 -9.62
C PRO A 57 -0.98 2.21 -8.61
N ALA A 58 -1.21 3.20 -7.76
CA ALA A 58 -2.23 3.11 -6.74
C ALA A 58 -2.85 4.47 -6.46
N ILE A 59 -4.01 4.45 -5.81
CA ILE A 59 -4.76 5.66 -5.50
C ILE A 59 -5.09 5.70 -4.02
N LEU A 60 -4.91 6.88 -3.41
CA LEU A 60 -5.19 7.07 -1.99
C LEU A 60 -6.22 8.17 -1.79
N SER A 61 -7.28 7.85 -1.07
CA SER A 61 -8.33 8.80 -0.75
C SER A 61 -8.31 9.11 0.74
N PHE A 62 -8.40 10.39 1.07
CA PHE A 62 -8.24 10.86 2.43
C PHE A 62 -9.56 11.33 3.03
N PRO A 63 -9.70 11.26 4.37
CA PRO A 63 -10.93 11.62 5.08
C PRO A 63 -10.99 13.09 5.49
N LEU A 64 -12.20 13.57 5.75
CA LEU A 64 -12.40 14.85 6.40
C LEU A 64 -12.25 14.69 7.92
N ASP A 65 -11.44 13.72 8.33
CA ASP A 65 -11.32 13.38 9.76
C ASP A 65 -10.03 13.93 10.35
N TYR A 66 -9.13 14.35 9.45
CA TYR A 66 -7.87 15.03 9.84
C TYR A 66 -6.78 15.00 8.78
N PRO A 67 -6.40 13.87 8.13
CA PRO A 67 -6.78 12.46 8.42
C PRO A 67 -6.58 11.91 9.86
N LEU A 68 -7.68 11.84 10.60
CA LEU A 68 -7.74 11.04 11.83
C LEU A 68 -8.18 9.62 11.51
N SER A 69 -8.89 9.50 10.42
CA SER A 69 -9.43 8.24 9.97
C SER A 69 -8.51 7.63 8.91
N PRO A 70 -8.31 6.31 8.96
CA PRO A 70 -7.47 5.59 8.00
C PRO A 70 -7.93 5.82 6.57
N PRO A 71 -7.00 6.19 5.69
CA PRO A 71 -7.30 6.47 4.28
C PRO A 71 -7.76 5.24 3.53
N LYS A 72 -8.49 5.47 2.46
CA LYS A 72 -8.90 4.40 1.57
C LYS A 72 -7.89 4.31 0.44
N MET A 73 -7.48 3.10 0.12
CA MET A 73 -6.37 2.92 -0.81
C MET A 73 -6.54 1.66 -1.62
N ARG A 74 -6.18 1.77 -2.90
CA ARG A 74 -6.19 0.62 -3.78
C ARG A 74 -5.11 0.75 -4.84
N PHE A 75 -4.64 -0.40 -5.30
CA PHE A 75 -3.77 -0.46 -6.46
C PHE A 75 -4.68 -0.60 -7.67
N THR A 76 -4.33 0.05 -8.76
CA THR A 76 -5.22 0.09 -9.90
C THR A 76 -4.99 -1.08 -10.84
N CYS A 77 -3.73 -1.47 -11.03
CA CYS A 77 -3.44 -2.68 -11.78
C CYS A 77 -3.43 -3.90 -10.86
N GLU A 78 -3.12 -5.06 -11.44
CA GLU A 78 -3.04 -6.29 -10.69
C GLU A 78 -1.72 -6.39 -9.93
N MET A 79 -1.70 -7.30 -8.95
CA MET A 79 -0.55 -7.46 -8.05
C MET A 79 -0.31 -8.94 -7.74
N PHE A 80 -1.41 -9.67 -7.61
CA PHE A 80 -1.42 -11.03 -7.06
C PHE A 80 -0.53 -11.12 -5.81
N HIS A 81 -1.11 -10.75 -4.69
CA HIS A 81 -0.38 -10.66 -3.44
C HIS A 81 -1.30 -11.02 -2.28
N PRO A 82 -0.82 -11.93 -1.40
CA PRO A 82 -1.60 -12.50 -0.30
C PRO A 82 -2.25 -11.46 0.61
N ASN A 83 -1.50 -10.39 0.88
CA ASN A 83 -1.99 -9.34 1.76
C ASN A 83 -2.81 -8.29 1.00
N ILE A 84 -2.76 -8.36 -0.33
CA ILE A 84 -3.48 -7.41 -1.17
C ILE A 84 -4.81 -8.02 -1.64
N TYR A 85 -5.87 -7.21 -1.57
CA TYR A 85 -7.19 -7.62 -2.00
C TYR A 85 -7.17 -8.07 -3.45
N PRO A 86 -7.97 -9.09 -3.79
CA PRO A 86 -7.99 -9.67 -5.13
C PRO A 86 -8.65 -8.76 -6.13
N ASP A 87 -9.38 -7.82 -5.59
CA ASP A 87 -9.92 -6.71 -6.37
C ASP A 87 -8.73 -5.91 -6.87
N GLY A 88 -7.95 -5.44 -5.92
CA GLY A 88 -6.72 -4.73 -6.23
C GLY A 88 -6.41 -3.69 -5.16
N ARG A 89 -7.37 -3.50 -4.25
CA ARG A 89 -7.19 -2.67 -3.04
C ARG A 89 -5.95 -3.08 -2.22
N VAL A 90 -5.96 -2.75 -0.94
CA VAL A 90 -4.80 -3.04 -0.09
C VAL A 90 -5.07 -4.27 0.76
N CYS A 91 -5.36 -4.00 2.04
CA CYS A 91 -5.71 -4.99 3.07
C CYS A 91 -4.56 -5.15 4.06
N ILE A 92 -4.44 -4.21 4.99
CA ILE A 92 -3.42 -4.27 6.02
C ILE A 92 -4.03 -3.82 7.34
N SER A 93 -3.52 -4.39 8.42
CA SER A 93 -4.04 -4.17 9.75
C SER A 93 -3.91 -2.72 10.19
N ILE A 94 -3.01 -1.96 9.56
CA ILE A 94 -2.87 -0.56 9.91
C ILE A 94 -4.02 0.28 9.38
N LEU A 95 -4.53 -0.10 8.21
CA LEU A 95 -5.71 0.56 7.66
C LEU A 95 -6.96 -0.02 8.31
N HIS A 96 -6.73 -0.83 9.34
CA HIS A 96 -7.78 -1.46 10.10
C HIS A 96 -7.39 -1.51 11.58
N ALA A 97 -7.87 -2.54 12.25
CA ALA A 97 -7.50 -2.87 13.63
C ALA A 97 -7.75 -1.74 14.63
N PRO A 98 -9.00 -1.22 14.71
CA PRO A 98 -9.36 -0.22 15.71
C PRO A 98 -9.84 -0.89 17.01
N GLY A 99 -9.04 -1.84 17.49
CA GLY A 99 -9.49 -2.70 18.56
C GLY A 99 -10.12 -3.95 18.00
N ASP A 100 -10.09 -4.04 16.67
CA ASP A 100 -10.64 -5.17 15.94
C ASP A 100 -9.52 -5.90 15.21
N ASP A 101 -9.13 -7.06 15.73
CA ASP A 101 -8.05 -7.82 15.12
C ASP A 101 -8.56 -8.62 13.92
N PRO A 102 -8.00 -8.36 12.74
CA PRO A 102 -8.43 -8.99 11.50
C PRO A 102 -7.67 -10.29 11.19
N MET A 103 -8.40 -11.40 11.19
CA MET A 103 -7.85 -12.72 10.85
C MET A 103 -6.73 -13.11 11.81
N GLY A 104 -6.05 -14.21 11.50
CA GLY A 104 -5.00 -14.70 12.36
C GLY A 104 -3.66 -14.03 12.10
N TYR A 105 -3.68 -12.72 11.94
CA TYR A 105 -2.46 -11.95 11.77
C TYR A 105 -1.71 -11.86 13.09
N GLU A 106 -0.40 -11.85 13.01
CA GLU A 106 0.43 -11.72 14.19
C GLU A 106 1.69 -10.92 13.89
N SER A 107 1.68 -10.20 12.78
CA SER A 107 2.80 -9.35 12.42
C SER A 107 2.74 -8.02 13.19
N SER A 108 2.62 -8.12 14.52
CA SER A 108 2.58 -6.96 15.42
C SER A 108 1.26 -6.22 15.34
N ALA A 109 0.54 -6.35 14.23
CA ALA A 109 -0.78 -5.72 14.07
C ALA A 109 -0.72 -4.23 14.36
N GLU A 110 -0.14 -3.49 13.42
CA GLU A 110 0.02 -2.06 13.57
C GLU A 110 -1.32 -1.34 13.41
N ARG A 111 -1.37 -0.12 13.89
CA ARG A 111 -2.62 0.66 13.91
C ARG A 111 -2.39 2.05 13.33
N TRP A 112 -3.35 2.50 12.53
CA TRP A 112 -3.36 3.87 12.04
C TRP A 112 -3.54 4.85 13.19
N SER A 113 -2.42 5.33 13.69
CA SER A 113 -2.39 6.40 14.65
C SER A 113 -2.01 7.68 13.93
N PRO A 114 -2.24 8.86 14.54
CA PRO A 114 -1.84 10.15 13.95
C PRO A 114 -0.35 10.21 13.58
N VAL A 115 0.43 9.23 14.04
CA VAL A 115 1.85 9.18 13.74
C VAL A 115 2.09 8.46 12.40
N GLN A 116 1.06 7.84 11.87
CA GLN A 116 1.16 7.19 10.57
C GLN A 116 0.91 8.19 9.47
N SER A 117 1.55 8.01 8.33
CA SER A 117 1.45 8.96 7.23
C SER A 117 1.71 8.24 5.91
N VAL A 118 1.43 8.91 4.80
CA VAL A 118 1.63 8.31 3.46
C VAL A 118 3.01 7.65 3.32
N GLU A 119 4.03 8.30 3.86
CA GLU A 119 5.38 7.79 3.78
C GLU A 119 5.52 6.50 4.58
N LYS A 120 4.94 6.46 5.77
CA LYS A 120 4.95 5.26 6.60
C LYS A 120 4.16 4.13 5.96
N ILE A 121 2.95 4.44 5.50
CA ILE A 121 2.07 3.43 4.93
C ILE A 121 2.71 2.76 3.72
N LEU A 122 3.21 3.57 2.80
CA LEU A 122 3.79 3.03 1.57
C LEU A 122 5.05 2.24 1.85
N LEU A 123 5.78 2.59 2.91
CA LEU A 123 6.94 1.82 3.33
C LEU A 123 6.51 0.45 3.83
N SER A 124 5.39 0.41 4.54
CA SER A 124 4.83 -0.85 5.01
C SER A 124 4.32 -1.69 3.84
N VAL A 125 3.81 -0.99 2.82
CA VAL A 125 3.37 -1.64 1.60
C VAL A 125 4.55 -2.32 0.90
N VAL A 126 5.67 -1.62 0.78
CA VAL A 126 6.86 -2.18 0.17
C VAL A 126 7.43 -3.32 1.03
N SER A 127 7.35 -3.16 2.34
CA SER A 127 7.82 -4.19 3.27
C SER A 127 7.07 -5.51 3.05
N MET A 128 5.75 -5.45 2.95
CA MET A 128 4.95 -6.65 2.76
C MET A 128 5.20 -7.27 1.38
N LEU A 129 5.56 -6.44 0.40
CA LEU A 129 5.87 -6.91 -0.94
C LEU A 129 7.19 -7.70 -0.93
N ALA A 130 8.10 -7.29 -0.06
CA ALA A 130 9.41 -7.90 0.04
C ALA A 130 9.35 -9.24 0.76
N GLU A 131 8.47 -9.33 1.75
CA GLU A 131 8.36 -10.54 2.56
C GLU A 131 6.90 -10.86 2.90
N PRO A 132 6.14 -11.40 1.93
CA PRO A 132 4.78 -11.87 2.18
C PRO A 132 4.74 -13.08 3.12
N ASN A 133 3.55 -13.44 3.56
CA ASN A 133 3.38 -14.56 4.49
C ASN A 133 1.97 -15.12 4.36
N ASP A 134 1.73 -16.29 4.96
CA ASP A 134 0.42 -16.94 4.92
C ASP A 134 -0.63 -16.15 5.69
N GLU A 135 -0.18 -15.13 6.43
CA GLU A 135 -1.11 -14.20 7.07
C GLU A 135 -1.81 -13.40 5.97
N SER A 136 -3.11 -13.59 5.84
CA SER A 136 -3.81 -13.07 4.68
C SER A 136 -5.33 -13.13 4.86
N GLY A 137 -5.93 -11.96 4.73
CA GLY A 137 -7.38 -11.88 4.69
C GLY A 137 -7.86 -11.49 3.30
N ALA A 138 -6.95 -11.57 2.33
CA ALA A 138 -7.20 -11.07 1.01
C ALA A 138 -7.01 -12.14 -0.06
N ASN A 139 -5.81 -12.73 -0.13
CA ASN A 139 -5.51 -13.69 -1.19
C ASN A 139 -4.78 -14.90 -0.63
N VAL A 140 -5.54 -15.88 -0.15
CA VAL A 140 -4.98 -17.11 0.41
C VAL A 140 -4.27 -17.93 -0.67
N ASP A 141 -4.74 -17.82 -1.90
CA ASP A 141 -4.15 -18.56 -3.03
C ASP A 141 -2.72 -18.13 -3.24
N ALA A 142 -2.47 -16.83 -3.10
CA ALA A 142 -1.13 -16.28 -3.24
C ALA A 142 -0.28 -16.64 -2.03
N SER A 143 -0.92 -16.74 -0.87
CA SER A 143 -0.22 -17.14 0.35
C SER A 143 0.25 -18.59 0.22
N LYS A 144 -0.64 -19.41 -0.32
CA LYS A 144 -0.39 -20.83 -0.50
C LYS A 144 0.83 -21.05 -1.39
N MET A 145 0.76 -20.56 -2.63
CA MET A 145 1.83 -20.77 -3.60
C MET A 145 3.14 -20.11 -3.19
N TRP A 146 3.06 -18.99 -2.47
CA TRP A 146 4.27 -18.31 -1.99
C TRP A 146 4.96 -19.13 -0.92
N ARG A 147 4.19 -19.61 0.04
CA ARG A 147 4.74 -20.35 1.17
C ARG A 147 5.19 -21.73 0.72
N ASP A 148 4.43 -22.27 -0.23
CA ASP A 148 4.71 -23.59 -0.76
C ASP A 148 5.92 -23.60 -1.69
N ASP A 149 6.04 -22.57 -2.53
CA ASP A 149 7.15 -22.50 -3.47
C ASP A 149 7.53 -21.05 -3.75
N ARG A 150 8.61 -20.60 -3.11
CA ARG A 150 9.11 -19.23 -3.26
C ARG A 150 9.53 -18.90 -4.69
N GLU A 151 9.66 -19.91 -5.53
CA GLU A 151 10.12 -19.70 -6.89
C GLU A 151 8.93 -19.53 -7.81
N GLN A 152 7.86 -20.25 -7.50
CA GLN A 152 6.59 -20.08 -8.19
C GLN A 152 6.09 -18.65 -7.99
N PHE A 153 6.27 -18.13 -6.80
CA PHE A 153 5.86 -16.76 -6.52
C PHE A 153 6.80 -15.78 -7.23
N TYR A 154 8.09 -16.10 -7.24
CA TYR A 154 9.08 -15.27 -7.92
C TYR A 154 8.72 -15.05 -9.39
N LYS A 155 8.37 -16.12 -10.11
CA LYS A 155 8.03 -16.00 -11.52
C LYS A 155 6.75 -15.17 -11.68
N ILE A 156 5.79 -15.41 -10.80
CA ILE A 156 4.55 -14.66 -10.80
C ILE A 156 4.84 -13.17 -10.58
N ALA A 157 5.80 -12.89 -9.69
CA ALA A 157 6.20 -11.53 -9.39
C ALA A 157 6.71 -10.83 -10.65
N LYS A 158 7.58 -11.51 -11.39
CA LYS A 158 8.12 -10.95 -12.63
C LYS A 158 7.00 -10.79 -13.65
N GLN A 159 6.07 -11.74 -13.65
CA GLN A 159 4.92 -11.70 -14.52
C GLN A 159 4.07 -10.45 -14.24
N ILE A 160 3.84 -10.17 -12.96
CA ILE A 160 3.07 -8.99 -12.58
C ILE A 160 3.85 -7.73 -12.93
N VAL A 161 5.18 -7.82 -12.88
CA VAL A 161 6.05 -6.72 -13.31
C VAL A 161 5.80 -6.41 -14.79
N GLN A 162 5.64 -7.46 -15.59
CA GLN A 162 5.32 -7.30 -16.99
C GLN A 162 3.95 -6.65 -17.16
N LYS A 163 2.98 -7.15 -16.42
CA LYS A 163 1.60 -6.70 -16.51
C LYS A 163 1.47 -5.22 -16.10
N SER A 164 2.19 -4.84 -15.08
CA SER A 164 2.18 -3.46 -14.60
C SER A 164 2.80 -2.52 -15.63
N LEU A 165 3.76 -3.01 -16.40
CA LEU A 165 4.31 -2.24 -17.51
C LEU A 165 3.37 -2.27 -18.72
N GLY A 166 2.64 -3.37 -18.84
CA GLY A 166 1.68 -3.52 -19.92
C GLY A 166 1.96 -4.72 -20.80
N LEU A 167 2.18 -5.87 -20.18
CA LEU A 167 2.41 -7.11 -20.91
C LEU A 167 1.35 -8.15 -20.55
N MET A 3 -15.10 17.09 8.49
CA MET A 3 -14.04 18.11 8.30
C MET A 3 -13.50 18.02 6.88
N ALA A 4 -12.71 19.01 6.49
CA ALA A 4 -12.14 19.06 5.17
C ALA A 4 -10.82 19.81 5.17
N GLY A 5 -10.85 21.03 5.67
CA GLY A 5 -9.66 21.87 5.67
C GLY A 5 -8.57 21.36 6.60
N THR A 6 -8.93 20.86 7.76
CA THR A 6 -7.94 20.27 8.66
C THR A 6 -7.44 18.94 8.10
N ALA A 7 -8.34 18.20 7.46
CA ALA A 7 -7.96 16.98 6.77
C ALA A 7 -6.97 17.30 5.65
N LEU A 8 -7.29 18.35 4.88
CA LEU A 8 -6.39 18.86 3.86
C LEU A 8 -5.05 19.24 4.48
N LYS A 9 -5.11 19.98 5.59
CA LYS A 9 -3.91 20.46 6.27
C LYS A 9 -2.97 19.32 6.67
N ARG A 10 -3.51 18.21 7.16
CA ARG A 10 -2.68 17.06 7.50
C ARG A 10 -2.03 16.50 6.24
N LEU A 11 -2.79 16.45 5.16
CA LEU A 11 -2.29 15.95 3.88
C LEU A 11 -1.28 16.92 3.28
N MET A 12 -1.35 18.18 3.68
CA MET A 12 -0.36 19.17 3.28
C MET A 12 0.97 18.87 3.95
N ALA A 13 0.89 18.43 5.20
CA ALA A 13 2.05 17.99 5.93
C ALA A 13 2.62 16.71 5.32
N GLU A 14 1.74 15.77 4.96
CA GLU A 14 2.15 14.56 4.26
C GLU A 14 2.84 14.92 2.95
N TYR A 15 2.19 15.82 2.22
CA TYR A 15 2.70 16.37 0.96
C TYR A 15 4.13 16.82 1.13
N LYS A 16 4.28 17.77 2.04
CA LYS A 16 5.58 18.31 2.45
C LYS A 16 6.64 17.24 2.54
N GLN A 17 6.38 16.22 3.35
CA GLN A 17 7.40 15.20 3.63
C GLN A 17 7.78 14.45 2.36
N LEU A 18 6.82 14.25 1.47
CA LEU A 18 7.08 13.58 0.20
C LEU A 18 7.88 14.48 -0.74
N THR A 19 7.90 15.77 -0.43
CA THR A 19 8.67 16.73 -1.18
C THR A 19 10.10 16.78 -0.64
N LEU A 20 10.21 16.80 0.68
CA LEU A 20 11.51 16.74 1.36
C LEU A 20 12.17 15.38 1.20
N ASN A 21 11.42 14.32 1.42
CA ASN A 21 12.00 12.99 1.54
C ASN A 21 11.27 12.00 0.65
N PRO A 22 11.87 11.61 -0.48
CA PRO A 22 11.36 10.54 -1.32
C PRO A 22 12.02 9.21 -0.97
N PRO A 23 11.31 8.38 -0.16
CA PRO A 23 11.83 7.11 0.39
C PRO A 23 12.77 6.35 -0.52
N GLU A 24 12.19 5.61 -1.43
CA GLU A 24 12.93 4.83 -2.41
C GLU A 24 11.98 4.20 -3.43
N GLY A 25 12.05 4.66 -4.66
CA GLY A 25 11.20 4.12 -5.71
C GLY A 25 9.73 4.41 -5.48
N ILE A 26 9.44 5.49 -4.77
CA ILE A 26 8.07 5.86 -4.46
C ILE A 26 7.81 7.27 -4.96
N VAL A 27 6.77 7.39 -5.76
CA VAL A 27 6.34 8.64 -6.33
C VAL A 27 4.86 8.81 -5.98
N ALA A 28 4.52 9.73 -5.10
CA ALA A 28 3.15 9.81 -4.62
C ALA A 28 2.72 11.25 -4.42
N GLY A 29 1.51 11.56 -4.86
CA GLY A 29 0.97 12.89 -4.65
C GLY A 29 -0.48 12.95 -5.07
N PRO A 30 -1.22 14.00 -4.68
CA PRO A 30 -2.63 14.16 -5.06
C PRO A 30 -2.77 14.39 -6.56
N MET A 31 -3.86 13.93 -7.13
CA MET A 31 -4.12 14.17 -8.54
C MET A 31 -4.43 15.65 -8.78
N ASN A 32 -5.69 15.98 -9.00
CA ASN A 32 -6.09 17.38 -9.05
C ASN A 32 -5.89 18.03 -7.69
N GLU A 33 -5.14 19.13 -7.67
CA GLU A 33 -4.75 19.81 -6.43
C GLU A 33 -5.98 20.35 -5.67
N GLU A 34 -7.13 20.27 -6.29
CA GLU A 34 -8.37 20.69 -5.66
C GLU A 34 -8.81 19.63 -4.66
N ASN A 35 -8.87 18.40 -5.13
CA ASN A 35 -9.31 17.28 -4.33
C ASN A 35 -8.13 16.51 -3.77
N PHE A 36 -7.63 17.00 -2.64
CA PHE A 36 -6.48 16.38 -1.97
C PHE A 36 -6.86 15.09 -1.27
N PHE A 37 -8.12 14.69 -1.40
CA PHE A 37 -8.60 13.49 -0.73
C PHE A 37 -8.36 12.24 -1.55
N GLU A 38 -7.68 12.39 -2.68
CA GLU A 38 -7.24 11.24 -3.45
C GLU A 38 -5.84 11.49 -4.01
N TRP A 39 -4.96 10.54 -3.74
CA TRP A 39 -3.57 10.64 -4.15
C TRP A 39 -3.23 9.44 -4.99
N GLU A 40 -2.20 9.54 -5.80
CA GLU A 40 -1.77 8.40 -6.58
C GLU A 40 -0.31 8.12 -6.23
N ALA A 41 0.06 6.86 -6.19
CA ALA A 41 1.38 6.49 -5.75
C ALA A 41 1.98 5.46 -6.69
N LEU A 42 3.28 5.57 -6.92
CA LEU A 42 4.01 4.68 -7.78
C LEU A 42 4.98 3.90 -6.91
N ILE A 43 4.82 2.59 -6.87
CA ILE A 43 5.60 1.73 -5.99
C ILE A 43 6.61 0.96 -6.84
N MET A 44 7.65 1.64 -7.31
CA MET A 44 8.46 1.18 -8.43
C MET A 44 9.38 -0.01 -8.07
N GLY A 45 8.77 -1.02 -7.52
CA GLY A 45 9.43 -2.25 -7.15
C GLY A 45 10.43 -2.12 -6.01
N PRO A 46 10.39 -3.04 -5.02
CA PRO A 46 11.44 -3.15 -4.02
C PRO A 46 12.77 -3.48 -4.68
N GLU A 47 13.51 -2.42 -4.94
CA GLU A 47 14.85 -2.38 -5.58
C GLU A 47 15.88 -3.49 -5.19
N ASP A 48 15.46 -4.55 -4.54
CA ASP A 48 16.30 -5.76 -4.41
C ASP A 48 15.42 -7.01 -4.25
N THR A 49 14.34 -7.06 -5.02
CA THR A 49 13.39 -8.17 -4.92
C THR A 49 12.87 -8.65 -6.28
N CYS A 50 11.85 -9.50 -6.22
CA CYS A 50 11.20 -10.02 -7.41
C CYS A 50 10.18 -9.01 -7.96
N PHE A 51 9.57 -8.23 -7.07
CA PHE A 51 8.65 -7.19 -7.48
C PHE A 51 9.40 -5.95 -7.94
N GLU A 52 10.72 -6.04 -7.96
CA GLU A 52 11.58 -4.93 -8.34
C GLU A 52 11.28 -4.46 -9.76
N PHE A 53 11.40 -3.16 -9.99
CA PHE A 53 11.21 -2.54 -11.30
C PHE A 53 9.74 -2.38 -11.69
N GLY A 54 8.82 -3.03 -11.00
CA GLY A 54 7.41 -2.86 -11.31
C GLY A 54 6.90 -1.54 -10.80
N VAL A 55 6.13 -0.82 -11.61
CA VAL A 55 5.71 0.52 -11.25
C VAL A 55 4.84 0.52 -10.02
N PHE A 56 3.70 -0.07 -10.12
CA PHE A 56 2.89 -0.46 -8.98
C PHE A 56 2.13 0.75 -8.45
N PRO A 57 1.18 1.24 -9.26
CA PRO A 57 0.39 2.43 -8.94
C PRO A 57 -0.78 2.10 -8.03
N ALA A 58 -1.08 3.02 -7.13
CA ALA A 58 -2.20 2.87 -6.24
C ALA A 58 -2.86 4.21 -5.98
N ILE A 59 -4.13 4.17 -5.63
CA ILE A 59 -4.89 5.37 -5.35
C ILE A 59 -5.33 5.37 -3.91
N LEU A 60 -5.08 6.46 -3.22
CA LEU A 60 -5.38 6.57 -1.81
C LEU A 60 -6.61 7.43 -1.59
N SER A 61 -7.62 6.85 -0.95
CA SER A 61 -8.83 7.55 -0.62
C SER A 61 -8.74 8.05 0.81
N PHE A 62 -8.51 9.33 0.97
CA PHE A 62 -8.36 9.91 2.29
C PHE A 62 -9.70 10.37 2.85
N PRO A 63 -9.96 10.06 4.11
CA PRO A 63 -11.22 10.40 4.78
C PRO A 63 -11.27 11.87 5.18
N LEU A 64 -12.48 12.41 5.24
CA LEU A 64 -12.69 13.77 5.73
C LEU A 64 -12.26 13.92 7.18
N ASP A 65 -12.05 12.81 7.87
CA ASP A 65 -11.52 12.85 9.23
C ASP A 65 -10.07 12.38 9.29
N TYR A 66 -9.31 12.55 8.22
CA TYR A 66 -7.88 12.30 8.26
C TYR A 66 -7.23 13.38 9.14
N PRO A 67 -6.19 13.04 9.93
CA PRO A 67 -5.58 11.72 9.97
C PRO A 67 -6.12 10.85 11.11
N LEU A 68 -7.36 11.10 11.50
CA LEU A 68 -8.01 10.34 12.56
C LEU A 68 -8.57 9.02 12.04
N SER A 69 -9.05 9.04 10.81
CA SER A 69 -9.58 7.85 10.18
C SER A 69 -8.58 7.28 9.18
N PRO A 70 -8.54 5.95 9.03
CA PRO A 70 -7.60 5.27 8.13
C PRO A 70 -8.01 5.44 6.67
N PRO A 71 -7.03 5.63 5.77
CA PRO A 71 -7.29 5.75 4.34
C PRO A 71 -7.50 4.41 3.66
N LYS A 72 -8.25 4.43 2.59
CA LYS A 72 -8.51 3.24 1.79
C LYS A 72 -7.65 3.28 0.53
N MET A 73 -6.82 2.27 0.35
CA MET A 73 -5.83 2.31 -0.72
C MET A 73 -5.95 1.06 -1.60
N ARG A 74 -5.85 1.25 -2.91
CA ARG A 74 -5.93 0.14 -3.83
C ARG A 74 -5.00 0.34 -5.02
N PHE A 75 -4.48 -0.77 -5.53
CA PHE A 75 -3.62 -0.74 -6.71
C PHE A 75 -4.46 -0.83 -7.98
N THR A 76 -4.10 -0.05 -8.99
CA THR A 76 -4.87 0.02 -10.21
C THR A 76 -4.17 -0.72 -11.35
N CYS A 77 -3.12 -1.44 -11.01
CA CYS A 77 -2.36 -2.21 -11.98
C CYS A 77 -2.78 -3.67 -11.90
N GLU A 78 -2.13 -4.51 -12.68
CA GLU A 78 -2.37 -5.94 -12.65
C GLU A 78 -1.34 -6.60 -11.74
N MET A 79 -1.81 -7.21 -10.66
CA MET A 79 -0.89 -7.71 -9.63
C MET A 79 -1.44 -8.99 -8.98
N PHE A 80 -0.61 -9.57 -8.14
CA PHE A 80 -0.95 -10.79 -7.42
C PHE A 80 -0.21 -10.86 -6.09
N HIS A 81 -0.90 -10.48 -5.02
CA HIS A 81 -0.30 -10.44 -3.69
C HIS A 81 -1.38 -10.69 -2.62
N PRO A 82 -1.06 -11.55 -1.62
CA PRO A 82 -2.01 -11.99 -0.59
C PRO A 82 -2.61 -10.86 0.25
N ASN A 83 -1.84 -9.80 0.44
CA ASN A 83 -2.32 -8.64 1.19
C ASN A 83 -3.23 -7.78 0.34
N ILE A 84 -3.36 -8.14 -0.92
CA ILE A 84 -4.19 -7.39 -1.85
C ILE A 84 -5.53 -8.09 -2.08
N TYR A 85 -6.61 -7.35 -1.85
CA TYR A 85 -7.96 -7.81 -2.15
C TYR A 85 -8.15 -7.98 -3.66
N PRO A 86 -9.25 -8.60 -4.10
CA PRO A 86 -9.54 -8.75 -5.53
C PRO A 86 -9.75 -7.39 -6.19
N ASP A 87 -10.23 -6.46 -5.38
CA ASP A 87 -10.43 -5.07 -5.79
C ASP A 87 -9.10 -4.31 -5.87
N GLY A 88 -8.02 -4.94 -5.43
CA GLY A 88 -6.73 -4.29 -5.43
C GLY A 88 -6.47 -3.58 -4.12
N ARG A 89 -7.50 -3.52 -3.27
CA ARG A 89 -7.41 -2.91 -1.96
C ARG A 89 -6.30 -3.52 -1.11
N VAL A 90 -5.53 -2.65 -0.49
CA VAL A 90 -4.42 -3.08 0.36
C VAL A 90 -4.90 -3.43 1.76
N CYS A 91 -4.63 -4.65 2.17
CA CYS A 91 -5.00 -5.14 3.48
C CYS A 91 -3.75 -5.27 4.35
N ILE A 92 -3.48 -4.24 5.13
CA ILE A 92 -2.35 -4.25 6.06
C ILE A 92 -2.76 -3.56 7.35
N SER A 93 -2.19 -4.01 8.46
CA SER A 93 -2.60 -3.57 9.80
C SER A 93 -2.77 -2.06 9.92
N ILE A 94 -1.82 -1.31 9.36
CA ILE A 94 -1.78 0.14 9.55
C ILE A 94 -2.77 0.89 8.65
N LEU A 95 -3.15 0.28 7.54
CA LEU A 95 -4.22 0.85 6.72
C LEU A 95 -5.55 0.49 7.33
N HIS A 96 -5.47 -0.17 8.47
CA HIS A 96 -6.64 -0.55 9.24
C HIS A 96 -6.58 0.09 10.62
N ALA A 97 -7.71 0.08 11.28
CA ALA A 97 -7.92 0.77 12.55
C ALA A 97 -8.94 0.05 13.40
N PRO A 98 -9.07 0.43 14.70
CA PRO A 98 -10.13 -0.08 15.59
C PRO A 98 -11.53 0.34 15.15
N GLY A 99 -11.83 0.06 13.90
CA GLY A 99 -13.14 0.29 13.33
C GLY A 99 -13.37 -0.63 12.16
N ASP A 100 -12.61 -1.71 12.14
CA ASP A 100 -12.71 -2.72 11.09
C ASP A 100 -13.22 -4.02 11.70
N ASP A 101 -13.45 -5.01 10.87
CA ASP A 101 -13.86 -6.32 11.34
C ASP A 101 -12.64 -7.21 11.53
N PRO A 102 -12.45 -7.74 12.74
CA PRO A 102 -11.34 -8.66 13.04
C PRO A 102 -11.45 -9.97 12.25
N MET A 103 -10.98 -9.94 11.02
CA MET A 103 -11.00 -11.12 10.15
C MET A 103 -9.84 -12.04 10.50
N GLY A 104 -8.70 -11.43 10.77
CA GLY A 104 -7.54 -12.18 11.22
C GLY A 104 -6.55 -11.31 11.99
N TYR A 105 -6.90 -10.02 12.16
CA TYR A 105 -6.07 -9.10 12.90
C TYR A 105 -6.26 -9.27 14.41
N GLU A 106 -5.76 -8.31 15.18
CA GLU A 106 -5.75 -8.41 16.63
C GLU A 106 -5.00 -9.66 17.06
N SER A 107 -3.74 -9.68 16.67
CA SER A 107 -2.86 -10.81 16.91
C SER A 107 -1.43 -10.27 16.93
N SER A 108 -1.25 -9.21 17.71
CA SER A 108 0.00 -8.46 17.75
C SER A 108 0.19 -7.72 16.43
N ALA A 109 -0.52 -6.62 16.26
CA ALA A 109 -0.49 -5.85 15.03
C ALA A 109 -0.97 -4.43 15.29
N GLU A 110 -0.12 -3.46 15.00
CA GLU A 110 -0.44 -2.06 15.23
C GLU A 110 -1.42 -1.56 14.20
N ARG A 111 -2.24 -0.60 14.59
CA ARG A 111 -3.29 -0.11 13.73
C ARG A 111 -3.08 1.36 13.40
N TRP A 112 -3.96 1.92 12.59
CA TRP A 112 -3.90 3.32 12.24
C TRP A 112 -3.95 4.20 13.48
N SER A 113 -2.88 4.93 13.69
CA SER A 113 -2.79 5.88 14.78
C SER A 113 -2.20 7.18 14.22
N PRO A 114 -2.46 8.32 14.88
CA PRO A 114 -2.02 9.64 14.39
C PRO A 114 -0.51 9.77 14.20
N VAL A 115 0.24 8.78 14.66
CA VAL A 115 1.70 8.78 14.51
C VAL A 115 2.12 8.14 13.17
N GLN A 116 1.15 7.67 12.40
CA GLN A 116 1.46 7.10 11.09
C GLN A 116 1.47 8.21 10.04
N SER A 117 2.19 7.99 8.94
CA SER A 117 2.26 8.98 7.87
C SER A 117 2.44 8.29 6.52
N VAL A 118 2.03 8.94 5.43
CA VAL A 118 2.04 8.33 4.09
C VAL A 118 3.36 7.62 3.76
N GLU A 119 4.48 8.23 4.13
CA GLU A 119 5.78 7.65 3.81
C GLU A 119 5.95 6.30 4.51
N LYS A 120 5.62 6.25 5.79
CA LYS A 120 5.72 5.01 6.55
C LYS A 120 4.78 3.95 5.98
N ILE A 121 3.61 4.40 5.53
CA ILE A 121 2.63 3.50 4.93
C ILE A 121 3.21 2.81 3.69
N LEU A 122 3.81 3.61 2.81
CA LEU A 122 4.35 3.09 1.57
C LEU A 122 5.60 2.24 1.82
N LEU A 123 6.31 2.51 2.91
CA LEU A 123 7.43 1.67 3.31
C LEU A 123 6.93 0.29 3.75
N SER A 124 5.75 0.26 4.33
CA SER A 124 5.10 -1.00 4.69
C SER A 124 4.68 -1.72 3.41
N VAL A 125 4.31 -0.94 2.39
CA VAL A 125 3.96 -1.47 1.08
C VAL A 125 5.19 -2.09 0.42
N VAL A 126 6.32 -1.39 0.48
CA VAL A 126 7.57 -1.91 -0.05
C VAL A 126 7.99 -3.17 0.68
N SER A 127 7.76 -3.20 1.98
CA SER A 127 8.12 -4.35 2.80
C SER A 127 7.29 -5.57 2.42
N MET A 128 5.99 -5.38 2.24
CA MET A 128 5.12 -6.48 1.90
C MET A 128 5.40 -7.01 0.49
N LEU A 129 5.91 -6.15 -0.38
CA LEU A 129 6.29 -6.57 -1.71
C LEU A 129 7.61 -7.34 -1.68
N ALA A 130 8.42 -7.05 -0.67
CA ALA A 130 9.67 -7.79 -0.47
C ALA A 130 9.36 -9.17 0.09
N GLU A 131 8.25 -9.24 0.81
CA GLU A 131 7.74 -10.49 1.36
C GLU A 131 6.36 -10.25 1.96
N PRO A 132 5.34 -10.96 1.46
CA PRO A 132 3.99 -10.90 2.02
C PRO A 132 4.03 -10.91 3.53
N ASN A 133 3.54 -9.84 4.14
CA ASN A 133 3.82 -9.56 5.55
C ASN A 133 2.96 -10.38 6.48
N ASP A 134 1.98 -11.06 5.93
CA ASP A 134 1.15 -12.01 6.70
C ASP A 134 0.07 -11.28 7.50
N GLU A 135 0.23 -9.97 7.66
CA GLU A 135 -0.77 -9.15 8.31
C GLU A 135 -1.95 -8.90 7.37
N SER A 136 -2.76 -9.92 7.17
CA SER A 136 -3.83 -9.88 6.18
C SER A 136 -4.66 -11.15 6.23
N GLY A 137 -5.74 -11.18 5.46
CA GLY A 137 -6.45 -12.40 5.22
C GLY A 137 -7.34 -12.17 4.02
N ALA A 138 -6.72 -11.80 2.90
CA ALA A 138 -7.44 -11.26 1.75
C ALA A 138 -7.47 -12.28 0.62
N ASN A 139 -6.32 -12.48 -0.01
CA ASN A 139 -6.21 -13.44 -1.11
C ASN A 139 -5.61 -14.76 -0.62
N VAL A 140 -6.46 -15.76 -0.41
CA VAL A 140 -6.00 -17.08 -0.01
C VAL A 140 -5.06 -17.69 -1.03
N ASP A 141 -5.33 -17.49 -2.31
CA ASP A 141 -4.60 -18.20 -3.36
C ASP A 141 -3.16 -17.72 -3.39
N ALA A 142 -2.99 -16.41 -3.20
CA ALA A 142 -1.66 -15.81 -3.20
C ALA A 142 -0.89 -16.13 -1.93
N SER A 143 -1.57 -16.10 -0.79
CA SER A 143 -0.93 -16.42 0.49
C SER A 143 -0.55 -17.90 0.52
N LYS A 144 -1.48 -18.73 0.09
CA LYS A 144 -1.29 -20.17 -0.03
C LYS A 144 -0.07 -20.45 -0.92
N MET A 145 -0.05 -19.83 -2.09
CA MET A 145 1.07 -19.98 -3.02
C MET A 145 2.37 -19.48 -2.41
N TRP A 146 2.32 -18.37 -1.70
CA TRP A 146 3.52 -17.78 -1.12
C TRP A 146 4.20 -18.72 -0.13
N ARG A 147 3.39 -19.35 0.71
CA ARG A 147 3.91 -20.20 1.77
C ARG A 147 4.22 -21.60 1.26
N ASP A 148 3.42 -22.08 0.30
CA ASP A 148 3.57 -23.43 -0.22
C ASP A 148 4.58 -23.48 -1.35
N ASP A 149 4.34 -22.70 -2.39
CA ASP A 149 5.19 -22.72 -3.58
C ASP A 149 5.71 -21.31 -3.86
N ARG A 150 6.62 -20.86 -3.02
CA ARG A 150 7.15 -19.52 -3.10
C ARG A 150 7.83 -19.23 -4.43
N GLU A 151 8.36 -20.27 -5.08
CA GLU A 151 8.98 -20.12 -6.39
C GLU A 151 7.98 -19.70 -7.45
N GLN A 152 6.73 -20.14 -7.30
CA GLN A 152 5.68 -19.73 -8.22
C GLN A 152 5.36 -18.26 -7.98
N PHE A 153 5.34 -17.89 -6.71
CA PHE A 153 5.05 -16.51 -6.33
C PHE A 153 6.10 -15.58 -6.92
N TYR A 154 7.36 -15.97 -6.77
CA TYR A 154 8.48 -15.17 -7.28
C TYR A 154 8.36 -14.90 -8.77
N LYS A 155 8.11 -15.94 -9.56
CA LYS A 155 8.04 -15.79 -11.01
C LYS A 155 6.82 -14.97 -11.43
N ILE A 156 5.70 -15.23 -10.79
CA ILE A 156 4.48 -14.48 -11.08
C ILE A 156 4.65 -13.02 -10.70
N ALA A 157 5.38 -12.78 -9.61
CA ALA A 157 5.69 -11.42 -9.18
C ALA A 157 6.47 -10.68 -10.24
N LYS A 158 7.47 -11.35 -10.81
CA LYS A 158 8.32 -10.75 -11.82
C LYS A 158 7.56 -10.48 -13.11
N GLN A 159 6.61 -11.35 -13.43
CA GLN A 159 5.81 -11.19 -14.62
C GLN A 159 4.85 -10.00 -14.46
N ILE A 160 4.35 -9.83 -13.23
CA ILE A 160 3.54 -8.66 -12.88
C ILE A 160 4.37 -7.38 -13.06
N VAL A 161 5.65 -7.48 -12.75
CA VAL A 161 6.59 -6.38 -12.92
C VAL A 161 6.59 -5.89 -14.36
N GLN A 162 6.76 -6.84 -15.28
CA GLN A 162 6.83 -6.50 -16.70
C GLN A 162 5.50 -5.94 -17.18
N LYS A 163 4.41 -6.52 -16.70
CA LYS A 163 3.07 -6.08 -17.07
C LYS A 163 2.81 -4.66 -16.56
N SER A 164 3.33 -4.36 -15.39
CA SER A 164 3.25 -3.02 -14.82
C SER A 164 4.04 -2.01 -15.66
N LEU A 165 5.07 -2.48 -16.34
CA LEU A 165 5.81 -1.64 -17.28
C LEU A 165 5.06 -1.58 -18.62
N GLY A 166 4.32 -2.65 -18.89
CA GLY A 166 3.54 -2.75 -20.10
C GLY A 166 4.08 -3.80 -21.05
N LEU A 167 4.62 -4.87 -20.48
CA LEU A 167 5.20 -5.94 -21.26
C LEU A 167 4.24 -7.11 -21.35
N MET A 3 -14.73 15.98 9.45
CA MET A 3 -15.37 16.84 8.45
C MET A 3 -14.37 17.30 7.39
N ALA A 4 -13.48 18.21 7.79
CA ALA A 4 -12.48 18.75 6.87
C ALA A 4 -11.47 19.61 7.60
N GLY A 5 -10.60 20.27 6.86
CA GLY A 5 -9.66 21.20 7.46
C GLY A 5 -8.46 20.52 8.04
N THR A 6 -8.68 19.74 9.11
CA THR A 6 -7.59 19.00 9.73
C THR A 6 -7.02 17.96 8.77
N ALA A 7 -7.86 17.45 7.86
CA ALA A 7 -7.39 16.56 6.83
C ALA A 7 -6.52 17.31 5.84
N LEU A 8 -7.01 18.46 5.39
CA LEU A 8 -6.30 19.30 4.46
C LEU A 8 -4.94 19.73 5.02
N LYS A 9 -4.97 20.36 6.19
CA LYS A 9 -3.77 20.84 6.85
C LYS A 9 -2.74 19.72 7.01
N ARG A 10 -3.20 18.51 7.32
CA ARG A 10 -2.29 17.40 7.54
C ARG A 10 -1.73 16.89 6.23
N LEU A 11 -2.56 16.77 5.21
CA LEU A 11 -2.10 16.28 3.90
C LEU A 11 -1.14 17.24 3.25
N MET A 12 -1.27 18.54 3.53
CA MET A 12 -0.31 19.50 3.04
C MET A 12 1.02 19.27 3.74
N ALA A 13 0.97 18.97 5.03
CA ALA A 13 2.17 18.62 5.79
C ALA A 13 2.78 17.33 5.26
N GLU A 14 1.94 16.31 5.06
CA GLU A 14 2.38 15.04 4.48
C GLU A 14 3.07 15.30 3.15
N TYR A 15 2.42 16.13 2.33
CA TYR A 15 2.95 16.55 1.05
C TYR A 15 4.34 17.13 1.21
N LYS A 16 4.40 18.21 1.96
CA LYS A 16 5.65 18.93 2.20
C LYS A 16 6.77 18.04 2.73
N GLN A 17 6.51 17.18 3.70
CA GLN A 17 7.56 16.28 4.20
C GLN A 17 7.99 15.29 3.13
N LEU A 18 7.04 14.90 2.30
CA LEU A 18 7.32 14.07 1.13
C LEU A 18 8.03 14.89 0.05
N THR A 19 8.26 16.16 0.35
CA THR A 19 9.00 17.04 -0.54
C THR A 19 10.40 17.28 0.04
N LEU A 20 10.47 17.51 1.34
CA LEU A 20 11.75 17.65 2.04
C LEU A 20 12.53 16.34 2.06
N ASN A 21 11.86 15.24 2.38
CA ASN A 21 12.54 13.96 2.47
C ASN A 21 11.70 12.85 1.86
N PRO A 22 11.62 12.82 0.52
CA PRO A 22 10.82 11.81 -0.18
C PRO A 22 11.54 10.47 -0.27
N PRO A 23 10.96 9.43 0.34
CA PRO A 23 11.46 8.06 0.23
C PRO A 23 11.87 7.70 -1.19
N GLU A 24 13.04 7.09 -1.31
CA GLU A 24 13.57 6.77 -2.62
C GLU A 24 12.77 5.66 -3.29
N GLY A 25 12.61 5.80 -4.60
CA GLY A 25 11.78 4.89 -5.36
C GLY A 25 10.30 5.04 -5.05
N ILE A 26 9.94 6.15 -4.41
CA ILE A 26 8.56 6.42 -4.06
C ILE A 26 8.11 7.70 -4.71
N VAL A 27 7.09 7.61 -5.53
CA VAL A 27 6.56 8.72 -6.24
C VAL A 27 5.09 8.87 -5.89
N ALA A 28 4.69 9.96 -5.25
CA ALA A 28 3.30 10.09 -4.81
C ALA A 28 2.85 11.55 -4.80
N GLY A 29 1.66 11.79 -5.31
CA GLY A 29 1.09 13.13 -5.29
C GLY A 29 -0.40 13.09 -5.52
N PRO A 30 -1.13 14.15 -5.13
CA PRO A 30 -2.58 14.22 -5.32
C PRO A 30 -2.98 13.93 -6.76
N MET A 31 -3.99 13.07 -6.92
CA MET A 31 -4.50 12.65 -8.23
C MET A 31 -4.80 13.85 -9.11
N ASN A 32 -5.11 14.98 -8.49
CA ASN A 32 -5.34 16.23 -9.19
C ASN A 32 -5.30 17.31 -8.12
N GLU A 33 -4.64 18.42 -8.40
CA GLU A 33 -4.28 19.38 -7.35
C GLU A 33 -5.49 20.00 -6.63
N GLU A 34 -6.68 19.82 -7.18
CA GLU A 34 -7.89 20.28 -6.51
C GLU A 34 -8.32 19.25 -5.47
N ASN A 35 -8.30 18.00 -5.88
CA ASN A 35 -8.67 16.88 -5.02
C ASN A 35 -7.46 16.43 -4.20
N PHE A 36 -7.37 16.90 -2.97
CA PHE A 36 -6.29 16.51 -2.08
C PHE A 36 -6.65 15.28 -1.27
N PHE A 37 -7.89 14.81 -1.41
CA PHE A 37 -8.36 13.66 -0.66
C PHE A 37 -8.15 12.39 -1.46
N GLU A 38 -7.58 12.53 -2.64
CA GLU A 38 -7.21 11.41 -3.46
C GLU A 38 -5.85 11.65 -4.07
N TRP A 39 -4.94 10.72 -3.88
CA TRP A 39 -3.59 10.84 -4.39
C TRP A 39 -3.32 9.65 -5.29
N GLU A 40 -2.43 9.79 -6.25
CA GLU A 40 -1.98 8.66 -7.03
C GLU A 40 -0.49 8.53 -6.89
N ALA A 41 0.00 7.32 -6.92
CA ALA A 41 1.40 7.07 -6.63
C ALA A 41 1.96 6.00 -7.53
N LEU A 42 3.25 6.11 -7.80
CA LEU A 42 4.00 5.11 -8.50
C LEU A 42 4.83 4.35 -7.50
N ILE A 43 4.60 3.06 -7.38
CA ILE A 43 5.31 2.27 -6.40
C ILE A 43 6.39 1.47 -7.09
N MET A 44 7.61 1.99 -7.05
CA MET A 44 8.73 1.38 -7.74
C MET A 44 9.22 0.17 -6.96
N GLY A 45 9.21 -0.97 -7.63
CA GLY A 45 9.54 -2.23 -6.99
C GLY A 45 10.91 -2.24 -6.34
N PRO A 46 11.00 -2.77 -5.11
CA PRO A 46 12.25 -2.83 -4.34
C PRO A 46 13.32 -3.66 -5.03
N GLU A 47 14.55 -3.16 -5.02
CA GLU A 47 15.69 -3.87 -5.58
C GLU A 47 15.90 -5.21 -4.88
N ASP A 48 16.20 -6.23 -5.67
CA ASP A 48 16.51 -7.58 -5.21
C ASP A 48 15.31 -8.20 -4.50
N THR A 49 14.11 -7.88 -4.97
CA THR A 49 12.91 -8.49 -4.43
C THR A 49 12.03 -9.02 -5.55
N CYS A 50 10.96 -9.72 -5.21
CA CYS A 50 10.06 -10.27 -6.22
C CYS A 50 9.51 -9.18 -7.13
N PHE A 51 9.12 -8.05 -6.55
CA PHE A 51 8.49 -6.98 -7.31
C PHE A 51 9.52 -6.01 -7.87
N GLU A 52 10.79 -6.40 -7.83
CA GLU A 52 11.87 -5.60 -8.42
C GLU A 52 11.57 -5.29 -9.89
N PHE A 53 11.85 -4.03 -10.27
CA PHE A 53 11.70 -3.55 -11.65
C PHE A 53 10.25 -3.19 -11.97
N GLY A 54 9.34 -3.50 -11.06
CA GLY A 54 7.95 -3.15 -11.27
C GLY A 54 7.67 -1.68 -11.03
N VAL A 55 6.66 -1.17 -11.73
CA VAL A 55 6.17 0.19 -11.51
C VAL A 55 4.67 0.13 -11.35
N PHE A 56 4.21 0.08 -10.11
CA PHE A 56 2.80 -0.15 -9.84
C PHE A 56 2.09 1.14 -9.46
N PRO A 57 1.16 1.60 -10.31
CA PRO A 57 0.34 2.78 -10.00
C PRO A 57 -0.75 2.45 -8.98
N ALA A 58 -1.01 3.39 -8.08
CA ALA A 58 -2.00 3.18 -7.05
C ALA A 58 -2.68 4.49 -6.68
N ILE A 59 -3.82 4.36 -6.02
CA ILE A 59 -4.61 5.52 -5.61
C ILE A 59 -4.86 5.44 -4.11
N LEU A 60 -4.61 6.55 -3.45
CA LEU A 60 -4.83 6.65 -2.01
C LEU A 60 -6.02 7.55 -1.73
N SER A 61 -7.01 7.01 -1.05
CA SER A 61 -8.21 7.74 -0.73
C SER A 61 -8.19 8.15 0.73
N PHE A 62 -8.32 9.44 0.96
CA PHE A 62 -8.28 10.00 2.29
C PHE A 62 -9.68 10.33 2.75
N PRO A 63 -9.99 10.00 4.01
CA PRO A 63 -11.31 10.26 4.60
C PRO A 63 -11.45 11.70 5.06
N LEU A 64 -12.69 12.15 5.19
CA LEU A 64 -12.98 13.46 5.74
C LEU A 64 -12.74 13.49 7.25
N ASP A 65 -11.77 12.70 7.71
CA ASP A 65 -11.48 12.55 9.12
C ASP A 65 -9.99 12.28 9.35
N TYR A 66 -9.19 12.45 8.30
CA TYR A 66 -7.75 12.40 8.43
C TYR A 66 -7.30 13.62 9.25
N PRO A 67 -6.24 13.52 10.08
CA PRO A 67 -5.45 12.31 10.28
C PRO A 67 -5.90 11.50 11.50
N LEU A 68 -7.17 11.63 11.86
CA LEU A 68 -7.75 10.83 12.94
C LEU A 68 -7.81 9.37 12.51
N SER A 69 -7.89 9.20 11.22
CA SER A 69 -7.90 7.90 10.58
C SER A 69 -7.04 7.97 9.31
N PRO A 70 -5.96 7.17 9.23
CA PRO A 70 -5.13 7.01 8.02
C PRO A 70 -5.96 6.82 6.71
N PRO A 71 -5.30 6.71 5.55
CA PRO A 71 -5.99 6.61 4.26
C PRO A 71 -6.41 5.19 3.92
N LYS A 72 -6.98 5.04 2.74
CA LYS A 72 -7.18 3.75 2.13
C LYS A 72 -6.45 3.75 0.79
N MET A 73 -6.20 2.59 0.22
CA MET A 73 -5.33 2.53 -0.95
C MET A 73 -5.73 1.38 -1.87
N ARG A 74 -5.55 1.57 -3.16
CA ARG A 74 -5.76 0.52 -4.14
C ARG A 74 -4.76 0.64 -5.27
N PHE A 75 -4.44 -0.49 -5.88
CA PHE A 75 -3.68 -0.49 -7.12
C PHE A 75 -4.67 -0.54 -8.28
N THR A 76 -4.38 0.19 -9.35
CA THR A 76 -5.31 0.27 -10.48
C THR A 76 -5.10 -0.87 -11.46
N CYS A 77 -3.86 -1.27 -11.65
CA CYS A 77 -3.57 -2.45 -12.46
C CYS A 77 -3.87 -3.72 -11.64
N GLU A 78 -3.20 -4.81 -11.97
CA GLU A 78 -3.48 -6.09 -11.34
C GLU A 78 -2.27 -6.53 -10.54
N MET A 79 -2.44 -7.54 -9.69
CA MET A 79 -1.35 -7.99 -8.83
C MET A 79 -1.68 -9.32 -8.19
N PHE A 80 -0.69 -9.88 -7.55
CA PHE A 80 -0.83 -11.17 -6.87
C PHE A 80 0.00 -11.19 -5.61
N HIS A 81 -0.65 -10.85 -4.51
CA HIS A 81 -0.01 -10.79 -3.22
C HIS A 81 -1.05 -10.96 -2.11
N PRO A 82 -0.71 -11.72 -1.05
CA PRO A 82 -1.63 -12.00 0.07
C PRO A 82 -1.82 -10.80 1.01
N ASN A 83 -2.04 -9.62 0.44
CA ASN A 83 -2.28 -8.42 1.21
C ASN A 83 -3.11 -7.42 0.38
N ILE A 84 -3.61 -7.86 -0.77
CA ILE A 84 -4.31 -6.97 -1.68
C ILE A 84 -5.82 -6.95 -1.41
N TYR A 85 -6.57 -7.55 -2.31
CA TYR A 85 -8.02 -7.54 -2.36
C TYR A 85 -8.45 -7.89 -3.77
N PRO A 86 -9.70 -8.37 -3.98
CA PRO A 86 -10.21 -8.64 -5.32
C PRO A 86 -10.36 -7.34 -6.10
N ASP A 87 -10.70 -6.29 -5.37
CA ASP A 87 -10.83 -4.95 -5.92
C ASP A 87 -9.47 -4.27 -6.00
N GLY A 88 -8.43 -4.96 -5.54
CA GLY A 88 -7.11 -4.37 -5.49
C GLY A 88 -6.97 -3.35 -4.39
N ARG A 89 -8.06 -3.13 -3.65
CA ARG A 89 -8.14 -2.14 -2.58
C ARG A 89 -7.29 -2.51 -1.33
N VAL A 90 -6.05 -2.92 -1.55
CA VAL A 90 -4.99 -3.03 -0.51
C VAL A 90 -5.50 -3.32 0.92
N CYS A 91 -5.23 -4.51 1.40
CA CYS A 91 -5.67 -4.93 2.72
C CYS A 91 -4.47 -5.13 3.64
N ILE A 92 -3.99 -4.07 4.27
CA ILE A 92 -2.89 -4.19 5.19
C ILE A 92 -3.44 -4.07 6.61
N SER A 93 -2.75 -4.64 7.58
CA SER A 93 -3.16 -4.51 8.97
C SER A 93 -3.26 -3.03 9.35
N ILE A 94 -2.25 -2.27 8.94
CA ILE A 94 -2.21 -0.83 9.21
C ILE A 94 -3.30 -0.08 8.43
N LEU A 95 -3.55 -0.47 7.19
CA LEU A 95 -4.56 0.19 6.36
C LEU A 95 -5.96 -0.33 6.68
N HIS A 96 -6.12 -0.78 7.92
CA HIS A 96 -7.40 -1.04 8.56
C HIS A 96 -7.70 -2.53 8.60
N ALA A 97 -7.22 -3.18 9.65
CA ALA A 97 -7.53 -4.58 9.88
C ALA A 97 -7.50 -4.91 11.38
N PRO A 98 -8.30 -4.18 12.20
CA PRO A 98 -8.39 -4.44 13.63
C PRO A 98 -9.30 -5.63 13.92
N GLY A 99 -10.56 -5.51 13.53
CA GLY A 99 -11.50 -6.59 13.68
C GLY A 99 -12.20 -6.90 12.37
N ASP A 100 -11.45 -6.76 11.28
CA ASP A 100 -11.99 -7.01 9.95
C ASP A 100 -11.80 -8.46 9.55
N ASP A 101 -12.93 -9.13 9.27
CA ASP A 101 -12.94 -10.55 8.87
C ASP A 101 -12.57 -11.45 10.06
N PRO A 102 -13.28 -12.59 10.21
CA PRO A 102 -13.04 -13.55 11.30
C PRO A 102 -11.69 -14.24 11.19
N MET A 103 -10.64 -13.55 11.60
CA MET A 103 -9.28 -14.10 11.64
C MET A 103 -8.51 -13.47 12.79
N GLY A 104 -7.24 -13.85 12.94
CA GLY A 104 -6.46 -13.32 14.04
C GLY A 104 -4.97 -13.39 13.77
N TYR A 105 -4.55 -12.77 12.67
CA TYR A 105 -3.14 -12.74 12.30
C TYR A 105 -2.35 -11.83 13.22
N GLU A 106 -1.07 -12.13 13.34
CA GLU A 106 -0.14 -11.25 14.03
C GLU A 106 1.30 -11.65 13.73
N SER A 107 2.00 -10.75 13.06
CA SER A 107 3.41 -10.90 12.80
C SER A 107 3.97 -9.51 12.57
N SER A 108 3.99 -8.73 13.65
CA SER A 108 4.32 -7.31 13.59
C SER A 108 3.20 -6.57 12.85
N ALA A 109 2.00 -7.13 12.94
CA ALA A 109 0.82 -6.55 12.30
C ALA A 109 0.30 -5.38 13.13
N GLU A 110 0.56 -4.16 12.67
CA GLU A 110 0.15 -2.97 13.39
C GLU A 110 -1.34 -2.71 13.21
N ARG A 111 -1.87 -1.82 14.01
CA ARG A 111 -3.29 -1.47 13.96
C ARG A 111 -3.44 0.00 13.62
N TRP A 112 -4.57 0.33 13.01
CA TRP A 112 -4.93 1.69 12.62
C TRP A 112 -4.92 2.65 13.81
N SER A 113 -3.97 3.58 13.81
CA SER A 113 -3.97 4.65 14.79
C SER A 113 -3.91 5.96 14.03
N PRO A 114 -4.36 7.08 14.64
CA PRO A 114 -4.32 8.40 13.99
C PRO A 114 -2.92 8.75 13.46
N VAL A 115 -1.92 8.09 14.01
CA VAL A 115 -0.55 8.33 13.62
C VAL A 115 0.01 7.11 12.88
N GLN A 116 -0.50 6.85 11.69
CA GLN A 116 0.08 5.82 10.84
C GLN A 116 0.88 6.41 9.68
N SER A 117 0.73 7.73 9.44
CA SER A 117 1.45 8.48 8.38
C SER A 117 1.26 7.91 6.97
N VAL A 118 1.29 8.79 5.96
CA VAL A 118 1.26 8.32 4.57
C VAL A 118 2.62 7.78 4.18
N GLU A 119 3.67 8.44 4.66
CA GLU A 119 5.04 8.00 4.40
C GLU A 119 5.30 6.65 5.06
N LYS A 120 4.82 6.49 6.29
CA LYS A 120 4.99 5.25 7.01
C LYS A 120 4.33 4.09 6.25
N ILE A 121 3.10 4.33 5.79
CA ILE A 121 2.37 3.33 5.02
C ILE A 121 3.10 3.01 3.70
N LEU A 122 3.61 4.05 3.05
CA LEU A 122 4.34 3.88 1.80
C LEU A 122 5.55 2.96 1.99
N LEU A 123 6.32 3.20 3.05
CA LEU A 123 7.47 2.34 3.36
C LEU A 123 7.01 0.95 3.76
N SER A 124 5.81 0.87 4.33
CA SER A 124 5.23 -0.41 4.71
C SER A 124 4.88 -1.22 3.45
N VAL A 125 4.44 -0.53 2.41
CA VAL A 125 4.13 -1.18 1.14
C VAL A 125 5.41 -1.69 0.49
N VAL A 126 6.47 -0.90 0.59
CA VAL A 126 7.77 -1.30 0.07
C VAL A 126 8.27 -2.56 0.78
N SER A 127 8.08 -2.61 2.10
CA SER A 127 8.45 -3.77 2.89
C SER A 127 7.65 -4.98 2.41
N MET A 128 6.40 -4.73 2.07
CA MET A 128 5.47 -5.76 1.63
C MET A 128 5.87 -6.31 0.26
N LEU A 129 6.33 -5.43 -0.62
CA LEU A 129 6.72 -5.81 -1.96
C LEU A 129 8.09 -6.47 -1.96
N ALA A 130 8.95 -6.06 -1.03
CA ALA A 130 10.29 -6.64 -0.93
C ALA A 130 10.21 -8.10 -0.50
N GLU A 131 9.20 -8.41 0.28
CA GLU A 131 8.94 -9.77 0.70
C GLU A 131 7.51 -9.88 1.20
N PRO A 132 6.74 -10.82 0.63
CA PRO A 132 5.33 -11.00 1.00
C PRO A 132 5.16 -11.19 2.49
N ASN A 133 4.64 -10.15 3.12
CA ASN A 133 4.46 -10.13 4.55
C ASN A 133 3.07 -9.59 4.88
N ASP A 134 2.70 -9.70 6.15
CA ASP A 134 1.41 -9.21 6.63
C ASP A 134 0.29 -9.85 5.83
N GLU A 135 0.22 -11.17 5.90
CA GLU A 135 -0.82 -11.92 5.21
C GLU A 135 -2.14 -11.75 5.95
N SER A 136 -2.68 -10.54 5.91
CA SER A 136 -3.84 -10.18 6.73
C SER A 136 -5.10 -10.97 6.39
N GLY A 137 -5.08 -11.78 5.34
CA GLY A 137 -6.25 -12.55 5.00
C GLY A 137 -7.07 -11.91 3.90
N ALA A 138 -6.39 -11.53 2.82
CA ALA A 138 -7.06 -10.89 1.71
C ALA A 138 -7.06 -11.77 0.46
N ASN A 139 -6.08 -12.67 0.39
CA ASN A 139 -5.94 -13.56 -0.75
C ASN A 139 -5.27 -14.87 -0.31
N VAL A 140 -6.09 -15.86 0.01
CA VAL A 140 -5.60 -17.15 0.51
C VAL A 140 -4.75 -17.87 -0.55
N ASP A 141 -5.12 -17.74 -1.81
CA ASP A 141 -4.41 -18.48 -2.86
C ASP A 141 -2.98 -17.96 -2.99
N ALA A 142 -2.82 -16.67 -2.75
CA ALA A 142 -1.52 -16.04 -2.81
C ALA A 142 -0.66 -16.41 -1.61
N SER A 143 -1.25 -16.40 -0.42
CA SER A 143 -0.50 -16.69 0.80
C SER A 143 -0.18 -18.17 0.91
N LYS A 144 -1.15 -19.00 0.57
CA LYS A 144 -1.01 -20.43 0.64
C LYS A 144 0.09 -20.91 -0.30
N MET A 145 -0.01 -20.53 -1.57
CA MET A 145 1.01 -20.89 -2.55
C MET A 145 2.36 -20.23 -2.24
N TRP A 146 2.34 -19.03 -1.68
CA TRP A 146 3.56 -18.34 -1.27
C TRP A 146 4.32 -19.17 -0.24
N ARG A 147 3.61 -19.68 0.75
CA ARG A 147 4.23 -20.42 1.83
C ARG A 147 4.63 -21.81 1.37
N ASP A 148 3.88 -22.35 0.41
CA ASP A 148 4.12 -23.70 -0.07
C ASP A 148 5.25 -23.73 -1.09
N ASP A 149 5.15 -22.89 -2.11
CA ASP A 149 6.17 -22.82 -3.15
C ASP A 149 6.51 -21.37 -3.48
N ARG A 150 7.50 -20.86 -2.77
CA ARG A 150 7.99 -19.49 -2.96
C ARG A 150 8.24 -19.17 -4.44
N GLU A 151 8.80 -20.14 -5.17
CA GLU A 151 9.14 -19.94 -6.58
C GLU A 151 7.89 -19.70 -7.43
N GLN A 152 6.82 -20.39 -7.10
CA GLN A 152 5.55 -20.22 -7.80
C GLN A 152 5.02 -18.81 -7.58
N PHE A 153 5.17 -18.31 -6.38
CA PHE A 153 4.75 -16.96 -6.06
C PHE A 153 5.64 -15.96 -6.77
N TYR A 154 6.95 -16.18 -6.65
CA TYR A 154 7.94 -15.30 -7.27
C TYR A 154 7.64 -15.09 -8.74
N LYS A 155 7.49 -16.17 -9.49
CA LYS A 155 7.31 -16.10 -10.93
C LYS A 155 6.02 -15.37 -11.30
N ILE A 156 4.94 -15.67 -10.60
CA ILE A 156 3.66 -15.03 -10.86
C ILE A 156 3.68 -13.56 -10.44
N ALA A 157 4.44 -13.27 -9.39
CA ALA A 157 4.58 -11.90 -8.93
C ALA A 157 5.39 -11.07 -9.93
N LYS A 158 6.48 -11.65 -10.43
CA LYS A 158 7.32 -10.98 -11.42
C LYS A 158 6.58 -10.88 -12.75
N GLN A 159 5.65 -11.80 -12.99
CA GLN A 159 4.78 -11.72 -14.13
C GLN A 159 3.97 -10.44 -14.06
N ILE A 160 3.45 -10.14 -12.87
CA ILE A 160 2.73 -8.90 -12.61
C ILE A 160 3.62 -7.68 -12.90
N VAL A 161 4.89 -7.81 -12.53
CA VAL A 161 5.87 -6.73 -12.72
C VAL A 161 5.90 -6.27 -14.17
N GLN A 162 6.18 -7.20 -15.08
CA GLN A 162 6.30 -6.86 -16.49
C GLN A 162 4.96 -6.49 -17.09
N LYS A 163 3.87 -7.03 -16.55
CA LYS A 163 2.53 -6.67 -17.00
C LYS A 163 2.20 -5.23 -16.61
N SER A 164 2.71 -4.82 -15.46
CA SER A 164 2.57 -3.44 -15.00
C SER A 164 3.30 -2.48 -15.93
N LEU A 165 4.41 -2.95 -16.51
CA LEU A 165 5.12 -2.19 -17.54
C LEU A 165 4.38 -2.30 -18.88
N GLY A 166 3.73 -3.44 -19.06
CA GLY A 166 2.95 -3.69 -20.26
C GLY A 166 3.63 -4.66 -21.21
N LEU A 167 4.29 -5.66 -20.65
CA LEU A 167 4.97 -6.67 -21.46
C LEU A 167 4.13 -7.94 -21.52
#